data_2OK3
# 
_entry.id   2OK3 
# 
_audit_conform.dict_name       mmcif_pdbx.dic 
_audit_conform.dict_version    5.397 
_audit_conform.dict_location   http://mmcif.pdb.org/dictionaries/ascii/mmcif_pdbx.dic 
# 
loop_
_database_2.database_id 
_database_2.database_code 
_database_2.pdbx_database_accession 
_database_2.pdbx_DOI 
PDB   2OK3         pdb_00002ok3 10.2210/pdb2ok3/pdb 
RCSB  RCSB041234   ?            ?                   
WWPDB D_1000041234 ?            ?                   
# 
loop_
_pdbx_audit_revision_history.ordinal 
_pdbx_audit_revision_history.data_content_type 
_pdbx_audit_revision_history.major_revision 
_pdbx_audit_revision_history.minor_revision 
_pdbx_audit_revision_history.revision_date 
1 'Structure model' 1 0 2008-01-22 
2 'Structure model' 1 1 2011-07-13 
3 'Structure model' 1 2 2023-10-25 
4 'Structure model' 1 3 2024-10-16 
# 
_pdbx_audit_revision_details.ordinal             1 
_pdbx_audit_revision_details.revision_ordinal    1 
_pdbx_audit_revision_details.data_content_type   'Structure model' 
_pdbx_audit_revision_details.provider            repository 
_pdbx_audit_revision_details.type                'Initial release' 
_pdbx_audit_revision_details.description         ? 
_pdbx_audit_revision_details.details             ? 
# 
loop_
_pdbx_audit_revision_group.ordinal 
_pdbx_audit_revision_group.revision_ordinal 
_pdbx_audit_revision_group.data_content_type 
_pdbx_audit_revision_group.group 
1 2 'Structure model' 'Version format compliance' 
2 3 'Structure model' 'Data collection'           
3 3 'Structure model' 'Database references'       
4 3 'Structure model' 'Derived calculations'      
5 3 'Structure model' 'Refinement description'    
6 4 'Structure model' 'Structure summary'         
# 
loop_
_pdbx_audit_revision_category.ordinal 
_pdbx_audit_revision_category.revision_ordinal 
_pdbx_audit_revision_category.data_content_type 
_pdbx_audit_revision_category.category 
1 3 'Structure model' chem_comp_atom                
2 3 'Structure model' chem_comp_bond                
3 3 'Structure model' database_2                    
4 3 'Structure model' pdbx_initial_refinement_model 
5 3 'Structure model' struct_site                   
6 4 'Structure model' pdbx_entry_details            
7 4 'Structure model' pdbx_modification_feature     
# 
loop_
_pdbx_audit_revision_item.ordinal 
_pdbx_audit_revision_item.revision_ordinal 
_pdbx_audit_revision_item.data_content_type 
_pdbx_audit_revision_item.item 
1 3 'Structure model' '_database_2.pdbx_DOI'                
2 3 'Structure model' '_database_2.pdbx_database_accession' 
3 3 'Structure model' '_struct_site.pdbx_auth_asym_id'      
4 3 'Structure model' '_struct_site.pdbx_auth_comp_id'      
5 3 'Structure model' '_struct_site.pdbx_auth_seq_id'       
# 
_pdbx_database_status.status_code                     REL 
_pdbx_database_status.entry_id                        2OK3 
_pdbx_database_status.recvd_initial_deposition_date   2007-01-15 
_pdbx_database_status.deposit_site                    RCSB 
_pdbx_database_status.process_site                    PDBJ 
_pdbx_database_status.status_code_sf                  REL 
_pdbx_database_status.status_code_mr                  ? 
_pdbx_database_status.SG_entry                        ? 
_pdbx_database_status.pdb_format_compatible           Y 
_pdbx_database_status.status_code_cs                  ? 
_pdbx_database_status.status_code_nmr_data            ? 
_pdbx_database_status.methods_development_category    ? 
# 
_pdbx_database_related.db_name        PDB 
_pdbx_database_related.db_id          1XYH 
_pdbx_database_related.details        'X-ray structure human cyclophilin J at 2.6 angstrom' 
_pdbx_database_related.content_type   unspecified 
# 
_audit_author.name           'Xia, Z.' 
_audit_author.pdbx_ordinal   1 
# 
_citation.id                        primary 
_citation.title                     
;Targeting Cyclophilin J, a novel peptidyl-prolyl isomerase, can induce cellular G1/S arrest and repress the growth of Hepatocellular carcinoma
;
_citation.journal_abbrev            'To be Published' 
_citation.journal_volume            ? 
_citation.page_first                ? 
_citation.page_last                 ? 
_citation.year                      ? 
_citation.journal_id_ASTM           ? 
_citation.country                   ? 
_citation.journal_id_ISSN           ? 
_citation.journal_id_CSD            0353 
_citation.book_publisher            ? 
_citation.pdbx_database_id_PubMed   ? 
_citation.pdbx_database_id_DOI      ? 
# 
loop_
_citation_author.citation_id 
_citation_author.name 
_citation_author.ordinal 
_citation_author.identifier_ORCID 
primary 'Chen, J.'   1  ? 
primary 'Chen, S.'   2  ? 
primary 'Huang, L.'  3  ? 
primary 'Zhao, X.'   4  ? 
primary 'Tan, J.'    5  ? 
primary 'Huang, C.'  6  ? 
primary 'Saiyin, H.' 7  ? 
primary 'Zhang, M.'  8  ? 
primary 'Zeng, X.'   9  ? 
primary 'Xi, J.'     10 ? 
primary 'Wan, B.'    11 ? 
primary 'Zhao, Y.'   12 ? 
primary 'Xia, Z.'    13 ? 
primary 'Jiang, H.'  14 ? 
primary 'Yi, Q.'     15 ? 
primary 'Liu, J.O.'  16 ? 
primary 'Yu, L.'     17 ? 
# 
loop_
_entity.id 
_entity.type 
_entity.src_method 
_entity.pdbx_description 
_entity.formula_weight 
_entity.pdbx_number_of_molecules 
_entity.pdbx_ec 
_entity.pdbx_mutation 
_entity.pdbx_fragment 
_entity.details 
1 polymer     man 'Peptidyl-prolyl cis-trans isomerase-like 3' 18177.547 1   5.2.1.8 ? ? ? 
2 non-polymer syn 'NICKEL (II) ION'                            58.693    2   ?       ? ? ? 
3 water       nat water                                        18.015    161 ?       ? ? ? 
# 
_entity_name_com.entity_id   1 
_entity_name_com.name        'PPIase, Rotamase, Cyclophilin-like protein PPIL3, Cyclophilin J, CyPJ' 
# 
_entity_poly.entity_id                      1 
_entity_poly.type                           'polypeptide(L)' 
_entity_poly.nstd_linkage                   no 
_entity_poly.nstd_monomer                   no 
_entity_poly.pdbx_seq_one_letter_code       
;MSVTLHTDVGDIKIEVFCERTPKTCENFLALCASNYYNGCIFHRNIKGFMVQTGDPTGTGRGGNSIWGKKFEDEYSEYLK
HNVRGVVSMANNGPNTNGSQFFITYGKQPHLDMKYTVFGKVIDGLETLDELEKLPVNEKTYRPLNDVHIKDITIHANPFA
Q
;
_entity_poly.pdbx_seq_one_letter_code_can   
;MSVTLHTDVGDIKIEVFCERTPKTCENFLALCASNYYNGCIFHRNIKGFMVQTGDPTGTGRGGNSIWGKKFEDEYSEYLK
HNVRGVVSMANNGPNTNGSQFFITYGKQPHLDMKYTVFGKVIDGLETLDELEKLPVNEKTYRPLNDVHIKDITIHANPFA
Q
;
_entity_poly.pdbx_strand_id                 A 
_entity_poly.pdbx_target_identifier         ? 
# 
loop_
_pdbx_entity_nonpoly.entity_id 
_pdbx_entity_nonpoly.name 
_pdbx_entity_nonpoly.comp_id 
2 'NICKEL (II) ION' NI  
3 water             HOH 
# 
loop_
_entity_poly_seq.entity_id 
_entity_poly_seq.num 
_entity_poly_seq.mon_id 
_entity_poly_seq.hetero 
1 1   MET n 
1 2   SER n 
1 3   VAL n 
1 4   THR n 
1 5   LEU n 
1 6   HIS n 
1 7   THR n 
1 8   ASP n 
1 9   VAL n 
1 10  GLY n 
1 11  ASP n 
1 12  ILE n 
1 13  LYS n 
1 14  ILE n 
1 15  GLU n 
1 16  VAL n 
1 17  PHE n 
1 18  CYS n 
1 19  GLU n 
1 20  ARG n 
1 21  THR n 
1 22  PRO n 
1 23  LYS n 
1 24  THR n 
1 25  CYS n 
1 26  GLU n 
1 27  ASN n 
1 28  PHE n 
1 29  LEU n 
1 30  ALA n 
1 31  LEU n 
1 32  CYS n 
1 33  ALA n 
1 34  SER n 
1 35  ASN n 
1 36  TYR n 
1 37  TYR n 
1 38  ASN n 
1 39  GLY n 
1 40  CYS n 
1 41  ILE n 
1 42  PHE n 
1 43  HIS n 
1 44  ARG n 
1 45  ASN n 
1 46  ILE n 
1 47  LYS n 
1 48  GLY n 
1 49  PHE n 
1 50  MET n 
1 51  VAL n 
1 52  GLN n 
1 53  THR n 
1 54  GLY n 
1 55  ASP n 
1 56  PRO n 
1 57  THR n 
1 58  GLY n 
1 59  THR n 
1 60  GLY n 
1 61  ARG n 
1 62  GLY n 
1 63  GLY n 
1 64  ASN n 
1 65  SER n 
1 66  ILE n 
1 67  TRP n 
1 68  GLY n 
1 69  LYS n 
1 70  LYS n 
1 71  PHE n 
1 72  GLU n 
1 73  ASP n 
1 74  GLU n 
1 75  TYR n 
1 76  SER n 
1 77  GLU n 
1 78  TYR n 
1 79  LEU n 
1 80  LYS n 
1 81  HIS n 
1 82  ASN n 
1 83  VAL n 
1 84  ARG n 
1 85  GLY n 
1 86  VAL n 
1 87  VAL n 
1 88  SER n 
1 89  MET n 
1 90  ALA n 
1 91  ASN n 
1 92  ASN n 
1 93  GLY n 
1 94  PRO n 
1 95  ASN n 
1 96  THR n 
1 97  ASN n 
1 98  GLY n 
1 99  SER n 
1 100 GLN n 
1 101 PHE n 
1 102 PHE n 
1 103 ILE n 
1 104 THR n 
1 105 TYR n 
1 106 GLY n 
1 107 LYS n 
1 108 GLN n 
1 109 PRO n 
1 110 HIS n 
1 111 LEU n 
1 112 ASP n 
1 113 MET n 
1 114 LYS n 
1 115 TYR n 
1 116 THR n 
1 117 VAL n 
1 118 PHE n 
1 119 GLY n 
1 120 LYS n 
1 121 VAL n 
1 122 ILE n 
1 123 ASP n 
1 124 GLY n 
1 125 LEU n 
1 126 GLU n 
1 127 THR n 
1 128 LEU n 
1 129 ASP n 
1 130 GLU n 
1 131 LEU n 
1 132 GLU n 
1 133 LYS n 
1 134 LEU n 
1 135 PRO n 
1 136 VAL n 
1 137 ASN n 
1 138 GLU n 
1 139 LYS n 
1 140 THR n 
1 141 TYR n 
1 142 ARG n 
1 143 PRO n 
1 144 LEU n 
1 145 ASN n 
1 146 ASP n 
1 147 VAL n 
1 148 HIS n 
1 149 ILE n 
1 150 LYS n 
1 151 ASP n 
1 152 ILE n 
1 153 THR n 
1 154 ILE n 
1 155 HIS n 
1 156 ALA n 
1 157 ASN n 
1 158 PRO n 
1 159 PHE n 
1 160 ALA n 
1 161 GLN n 
# 
_entity_src_gen.entity_id                          1 
_entity_src_gen.pdbx_src_id                        1 
_entity_src_gen.pdbx_alt_source_flag               sample 
_entity_src_gen.pdbx_seq_type                      ? 
_entity_src_gen.pdbx_beg_seq_num                   ? 
_entity_src_gen.pdbx_end_seq_num                   ? 
_entity_src_gen.gene_src_common_name               human 
_entity_src_gen.gene_src_genus                     Homo 
_entity_src_gen.pdbx_gene_src_gene                 PPIL3b 
_entity_src_gen.gene_src_species                   ? 
_entity_src_gen.gene_src_strain                    ? 
_entity_src_gen.gene_src_tissue                    'Fetal Brain' 
_entity_src_gen.gene_src_tissue_fraction           ? 
_entity_src_gen.gene_src_details                   ? 
_entity_src_gen.pdbx_gene_src_fragment             ? 
_entity_src_gen.pdbx_gene_src_scientific_name      'Homo sapiens' 
_entity_src_gen.pdbx_gene_src_ncbi_taxonomy_id     9606 
_entity_src_gen.pdbx_gene_src_variant              ? 
_entity_src_gen.pdbx_gene_src_cell_line            ? 
_entity_src_gen.pdbx_gene_src_atcc                 ? 
_entity_src_gen.pdbx_gene_src_organ                ? 
_entity_src_gen.pdbx_gene_src_organelle            ? 
_entity_src_gen.pdbx_gene_src_cell                 ? 
_entity_src_gen.pdbx_gene_src_cellular_location    ? 
_entity_src_gen.host_org_common_name               ? 
_entity_src_gen.pdbx_host_org_scientific_name      'Escherichia coli' 
_entity_src_gen.pdbx_host_org_ncbi_taxonomy_id     562 
_entity_src_gen.host_org_genus                     Escherichia 
_entity_src_gen.pdbx_host_org_gene                 ? 
_entity_src_gen.pdbx_host_org_organ                ? 
_entity_src_gen.host_org_species                   ? 
_entity_src_gen.pdbx_host_org_tissue               ? 
_entity_src_gen.pdbx_host_org_tissue_fraction      ? 
_entity_src_gen.pdbx_host_org_strain               ER2566 
_entity_src_gen.pdbx_host_org_variant              ? 
_entity_src_gen.pdbx_host_org_cell_line            ? 
_entity_src_gen.pdbx_host_org_atcc                 ? 
_entity_src_gen.pdbx_host_org_culture_collection   ? 
_entity_src_gen.pdbx_host_org_cell                 ? 
_entity_src_gen.pdbx_host_org_organelle            ? 
_entity_src_gen.pdbx_host_org_cellular_location    ? 
_entity_src_gen.pdbx_host_org_vector_type          plasmid 
_entity_src_gen.pdbx_host_org_vector               ? 
_entity_src_gen.host_org_details                   ? 
_entity_src_gen.expression_system_id               ? 
_entity_src_gen.plasmid_name                       pTXB1 
_entity_src_gen.plasmid_details                    ? 
_entity_src_gen.pdbx_description                   ? 
# 
loop_
_chem_comp.id 
_chem_comp.type 
_chem_comp.mon_nstd_flag 
_chem_comp.name 
_chem_comp.pdbx_synonyms 
_chem_comp.formula 
_chem_comp.formula_weight 
ALA 'L-peptide linking' y ALANINE           ? 'C3 H7 N O2'     89.093  
ARG 'L-peptide linking' y ARGININE          ? 'C6 H15 N4 O2 1' 175.209 
ASN 'L-peptide linking' y ASPARAGINE        ? 'C4 H8 N2 O3'    132.118 
ASP 'L-peptide linking' y 'ASPARTIC ACID'   ? 'C4 H7 N O4'     133.103 
CYS 'L-peptide linking' y CYSTEINE          ? 'C3 H7 N O2 S'   121.158 
GLN 'L-peptide linking' y GLUTAMINE         ? 'C5 H10 N2 O3'   146.144 
GLU 'L-peptide linking' y 'GLUTAMIC ACID'   ? 'C5 H9 N O4'     147.129 
GLY 'peptide linking'   y GLYCINE           ? 'C2 H5 N O2'     75.067  
HIS 'L-peptide linking' y HISTIDINE         ? 'C6 H10 N3 O2 1' 156.162 
HOH non-polymer         . WATER             ? 'H2 O'           18.015  
ILE 'L-peptide linking' y ISOLEUCINE        ? 'C6 H13 N O2'    131.173 
LEU 'L-peptide linking' y LEUCINE           ? 'C6 H13 N O2'    131.173 
LYS 'L-peptide linking' y LYSINE            ? 'C6 H15 N2 O2 1' 147.195 
MET 'L-peptide linking' y METHIONINE        ? 'C5 H11 N O2 S'  149.211 
NI  non-polymer         . 'NICKEL (II) ION' ? 'Ni 2'           58.693  
PHE 'L-peptide linking' y PHENYLALANINE     ? 'C9 H11 N O2'    165.189 
PRO 'L-peptide linking' y PROLINE           ? 'C5 H9 N O2'     115.130 
SER 'L-peptide linking' y SERINE            ? 'C3 H7 N O3'     105.093 
THR 'L-peptide linking' y THREONINE         ? 'C4 H9 N O3'     119.119 
TRP 'L-peptide linking' y TRYPTOPHAN        ? 'C11 H12 N2 O2'  204.225 
TYR 'L-peptide linking' y TYROSINE          ? 'C9 H11 N O3'    181.189 
VAL 'L-peptide linking' y VALINE            ? 'C5 H11 N O2'    117.146 
# 
loop_
_pdbx_poly_seq_scheme.asym_id 
_pdbx_poly_seq_scheme.entity_id 
_pdbx_poly_seq_scheme.seq_id 
_pdbx_poly_seq_scheme.mon_id 
_pdbx_poly_seq_scheme.ndb_seq_num 
_pdbx_poly_seq_scheme.pdb_seq_num 
_pdbx_poly_seq_scheme.auth_seq_num 
_pdbx_poly_seq_scheme.pdb_mon_id 
_pdbx_poly_seq_scheme.auth_mon_id 
_pdbx_poly_seq_scheme.pdb_strand_id 
_pdbx_poly_seq_scheme.pdb_ins_code 
_pdbx_poly_seq_scheme.hetero 
A 1 1   MET 1   1   1   MET MET A . n 
A 1 2   SER 2   2   2   SER SER A . n 
A 1 3   VAL 3   3   3   VAL VAL A . n 
A 1 4   THR 4   4   4   THR THR A . n 
A 1 5   LEU 5   5   5   LEU LEU A . n 
A 1 6   HIS 6   6   6   HIS HIS A . n 
A 1 7   THR 7   7   7   THR THR A . n 
A 1 8   ASP 8   8   8   ASP ASP A . n 
A 1 9   VAL 9   9   9   VAL VAL A . n 
A 1 10  GLY 10  10  10  GLY GLY A . n 
A 1 11  ASP 11  11  11  ASP ASP A . n 
A 1 12  ILE 12  12  12  ILE ILE A . n 
A 1 13  LYS 13  13  13  LYS LYS A . n 
A 1 14  ILE 14  14  14  ILE ILE A . n 
A 1 15  GLU 15  15  15  GLU GLU A . n 
A 1 16  VAL 16  16  16  VAL VAL A . n 
A 1 17  PHE 17  17  17  PHE PHE A . n 
A 1 18  CYS 18  18  18  CYS CYS A . n 
A 1 19  GLU 19  19  19  GLU GLU A . n 
A 1 20  ARG 20  20  20  ARG ARG A . n 
A 1 21  THR 21  21  21  THR THR A . n 
A 1 22  PRO 22  22  22  PRO PRO A . n 
A 1 23  LYS 23  23  23  LYS LYS A . n 
A 1 24  THR 24  24  24  THR THR A . n 
A 1 25  CYS 25  25  25  CYS CYS A . n 
A 1 26  GLU 26  26  26  GLU GLU A . n 
A 1 27  ASN 27  27  27  ASN ASN A . n 
A 1 28  PHE 28  28  28  PHE PHE A . n 
A 1 29  LEU 29  29  29  LEU LEU A . n 
A 1 30  ALA 30  30  30  ALA ALA A . n 
A 1 31  LEU 31  31  31  LEU LEU A . n 
A 1 32  CYS 32  32  32  CYS CYS A . n 
A 1 33  ALA 33  33  33  ALA ALA A . n 
A 1 34  SER 34  34  34  SER SER A . n 
A 1 35  ASN 35  35  35  ASN ASN A . n 
A 1 36  TYR 36  36  36  TYR TYR A . n 
A 1 37  TYR 37  37  37  TYR TYR A . n 
A 1 38  ASN 38  38  38  ASN ASN A . n 
A 1 39  GLY 39  39  39  GLY GLY A . n 
A 1 40  CYS 40  40  40  CYS CYS A . n 
A 1 41  ILE 41  41  41  ILE ILE A . n 
A 1 42  PHE 42  42  42  PHE PHE A . n 
A 1 43  HIS 43  43  43  HIS HIS A . n 
A 1 44  ARG 44  44  44  ARG ARG A . n 
A 1 45  ASN 45  45  45  ASN ASN A . n 
A 1 46  ILE 46  46  46  ILE ILE A . n 
A 1 47  LYS 47  47  47  LYS LYS A . n 
A 1 48  GLY 48  48  48  GLY GLY A . n 
A 1 49  PHE 49  49  49  PHE PHE A . n 
A 1 50  MET 50  50  50  MET MET A . n 
A 1 51  VAL 51  51  51  VAL VAL A . n 
A 1 52  GLN 52  52  52  GLN GLN A . n 
A 1 53  THR 53  53  53  THR THR A . n 
A 1 54  GLY 54  54  54  GLY GLY A . n 
A 1 55  ASP 55  55  55  ASP ASP A . n 
A 1 56  PRO 56  56  56  PRO PRO A . n 
A 1 57  THR 57  57  57  THR THR A . n 
A 1 58  GLY 58  58  58  GLY GLY A . n 
A 1 59  THR 59  59  59  THR THR A . n 
A 1 60  GLY 60  60  60  GLY GLY A . n 
A 1 61  ARG 61  61  61  ARG ARG A . n 
A 1 62  GLY 62  62  62  GLY GLY A . n 
A 1 63  GLY 63  63  63  GLY GLY A . n 
A 1 64  ASN 64  64  64  ASN ASN A . n 
A 1 65  SER 65  65  65  SER SER A . n 
A 1 66  ILE 66  66  66  ILE ILE A . n 
A 1 67  TRP 67  67  67  TRP TRP A . n 
A 1 68  GLY 68  68  68  GLY GLY A . n 
A 1 69  LYS 69  69  69  LYS LYS A . n 
A 1 70  LYS 70  70  70  LYS LYS A . n 
A 1 71  PHE 71  71  71  PHE PHE A . n 
A 1 72  GLU 72  72  72  GLU GLU A . n 
A 1 73  ASP 73  73  73  ASP ASP A . n 
A 1 74  GLU 74  74  74  GLU GLU A . n 
A 1 75  TYR 75  75  75  TYR TYR A . n 
A 1 76  SER 76  76  76  SER SER A . n 
A 1 77  GLU 77  77  77  GLU GLU A . n 
A 1 78  TYR 78  78  78  TYR TYR A . n 
A 1 79  LEU 79  79  79  LEU LEU A . n 
A 1 80  LYS 80  80  80  LYS LYS A . n 
A 1 81  HIS 81  81  81  HIS HIS A . n 
A 1 82  ASN 82  82  82  ASN ASN A . n 
A 1 83  VAL 83  83  83  VAL VAL A . n 
A 1 84  ARG 84  84  84  ARG ARG A . n 
A 1 85  GLY 85  85  85  GLY GLY A . n 
A 1 86  VAL 86  86  86  VAL VAL A . n 
A 1 87  VAL 87  87  87  VAL VAL A . n 
A 1 88  SER 88  88  88  SER SER A . n 
A 1 89  MET 89  89  89  MET MET A . n 
A 1 90  ALA 90  90  90  ALA ALA A . n 
A 1 91  ASN 91  91  91  ASN ASN A . n 
A 1 92  ASN 92  92  92  ASN ASN A . n 
A 1 93  GLY 93  93  93  GLY GLY A . n 
A 1 94  PRO 94  94  94  PRO PRO A . n 
A 1 95  ASN 95  95  95  ASN ASN A . n 
A 1 96  THR 96  96  96  THR THR A . n 
A 1 97  ASN 97  97  97  ASN ASN A . n 
A 1 98  GLY 98  98  98  GLY GLY A . n 
A 1 99  SER 99  99  99  SER SER A . n 
A 1 100 GLN 100 100 100 GLN GLN A . n 
A 1 101 PHE 101 101 101 PHE PHE A . n 
A 1 102 PHE 102 102 102 PHE PHE A . n 
A 1 103 ILE 103 103 103 ILE ILE A . n 
A 1 104 THR 104 104 104 THR THR A . n 
A 1 105 TYR 105 105 105 TYR TYR A . n 
A 1 106 GLY 106 106 106 GLY GLY A . n 
A 1 107 LYS 107 107 107 LYS LYS A . n 
A 1 108 GLN 108 108 108 GLN GLN A . n 
A 1 109 PRO 109 109 109 PRO PRO A . n 
A 1 110 HIS 110 110 110 HIS HIS A . n 
A 1 111 LEU 111 111 111 LEU LEU A . n 
A 1 112 ASP 112 112 112 ASP ASP A . n 
A 1 113 MET 113 113 113 MET MET A . n 
A 1 114 LYS 114 114 114 LYS LYS A . n 
A 1 115 TYR 115 115 115 TYR TYR A . n 
A 1 116 THR 116 116 116 THR THR A . n 
A 1 117 VAL 117 117 117 VAL VAL A . n 
A 1 118 PHE 118 118 118 PHE PHE A . n 
A 1 119 GLY 119 119 119 GLY GLY A . n 
A 1 120 LYS 120 120 120 LYS LYS A . n 
A 1 121 VAL 121 121 121 VAL VAL A . n 
A 1 122 ILE 122 122 122 ILE ILE A . n 
A 1 123 ASP 123 123 123 ASP ASP A . n 
A 1 124 GLY 124 124 124 GLY GLY A . n 
A 1 125 LEU 125 125 125 LEU LEU A . n 
A 1 126 GLU 126 126 126 GLU GLU A . n 
A 1 127 THR 127 127 127 THR THR A . n 
A 1 128 LEU 128 128 128 LEU LEU A . n 
A 1 129 ASP 129 129 129 ASP ASP A . n 
A 1 130 GLU 130 130 130 GLU GLU A . n 
A 1 131 LEU 131 131 131 LEU LEU A . n 
A 1 132 GLU 132 132 132 GLU GLU A . n 
A 1 133 LYS 133 133 133 LYS LYS A . n 
A 1 134 LEU 134 134 134 LEU LEU A . n 
A 1 135 PRO 135 135 135 PRO PRO A . n 
A 1 136 VAL 136 136 136 VAL VAL A . n 
A 1 137 ASN 137 137 137 ASN ASN A . n 
A 1 138 GLU 138 138 138 GLU GLU A . n 
A 1 139 LYS 139 139 139 LYS LYS A . n 
A 1 140 THR 140 140 140 THR THR A . n 
A 1 141 TYR 141 141 141 TYR TYR A . n 
A 1 142 ARG 142 142 142 ARG ARG A . n 
A 1 143 PRO 143 143 143 PRO PRO A . n 
A 1 144 LEU 144 144 144 LEU LEU A . n 
A 1 145 ASN 145 145 145 ASN ASN A . n 
A 1 146 ASP 146 146 146 ASP ASP A . n 
A 1 147 VAL 147 147 147 VAL VAL A . n 
A 1 148 HIS 148 148 148 HIS HIS A . n 
A 1 149 ILE 149 149 149 ILE ILE A . n 
A 1 150 LYS 150 150 150 LYS LYS A . n 
A 1 151 ASP 151 151 151 ASP ASP A . n 
A 1 152 ILE 152 152 152 ILE ILE A . n 
A 1 153 THR 153 153 153 THR THR A . n 
A 1 154 ILE 154 154 154 ILE ILE A . n 
A 1 155 HIS 155 155 155 HIS HIS A . n 
A 1 156 ALA 156 156 156 ALA ALA A . n 
A 1 157 ASN 157 157 157 ASN ASN A . n 
A 1 158 PRO 158 158 158 PRO PRO A . n 
A 1 159 PHE 159 159 159 PHE PHE A . n 
A 1 160 ALA 160 160 160 ALA ALA A . n 
A 1 161 GLN 161 161 ?   ?   ?   A . n 
# 
loop_
_pdbx_nonpoly_scheme.asym_id 
_pdbx_nonpoly_scheme.entity_id 
_pdbx_nonpoly_scheme.mon_id 
_pdbx_nonpoly_scheme.ndb_seq_num 
_pdbx_nonpoly_scheme.pdb_seq_num 
_pdbx_nonpoly_scheme.auth_seq_num 
_pdbx_nonpoly_scheme.pdb_mon_id 
_pdbx_nonpoly_scheme.auth_mon_id 
_pdbx_nonpoly_scheme.pdb_strand_id 
_pdbx_nonpoly_scheme.pdb_ins_code 
B 2 NI  1   801 801 NI  NI  A . 
C 2 NI  1   802 802 NI  NI  A . 
D 3 HOH 1   803 201 HOH HOH A . 
D 3 HOH 2   804 202 HOH HOH A . 
D 3 HOH 3   805 203 HOH HOH A . 
D 3 HOH 4   806 204 HOH HOH A . 
D 3 HOH 5   807 205 HOH HOH A . 
D 3 HOH 6   808 206 HOH HOH A . 
D 3 HOH 7   809 207 HOH HOH A . 
D 3 HOH 8   810 208 HOH HOH A . 
D 3 HOH 9   811 209 HOH HOH A . 
D 3 HOH 10  812 210 HOH HOH A . 
D 3 HOH 11  813 211 HOH HOH A . 
D 3 HOH 12  814 212 HOH HOH A . 
D 3 HOH 13  815 213 HOH HOH A . 
D 3 HOH 14  816 214 HOH HOH A . 
D 3 HOH 15  817 215 HOH HOH A . 
D 3 HOH 16  818 216 HOH HOH A . 
D 3 HOH 17  819 217 HOH HOH A . 
D 3 HOH 18  820 218 HOH HOH A . 
D 3 HOH 19  821 219 HOH HOH A . 
D 3 HOH 20  822 220 HOH HOH A . 
D 3 HOH 21  823 221 HOH HOH A . 
D 3 HOH 22  824 222 HOH HOH A . 
D 3 HOH 23  825 223 HOH HOH A . 
D 3 HOH 24  826 224 HOH HOH A . 
D 3 HOH 25  827 225 HOH HOH A . 
D 3 HOH 26  828 226 HOH HOH A . 
D 3 HOH 27  829 227 HOH HOH A . 
D 3 HOH 28  830 228 HOH HOH A . 
D 3 HOH 29  831 229 HOH HOH A . 
D 3 HOH 30  832 230 HOH HOH A . 
D 3 HOH 31  833 231 HOH HOH A . 
D 3 HOH 32  834 232 HOH HOH A . 
D 3 HOH 33  835 233 HOH HOH A . 
D 3 HOH 34  836 234 HOH HOH A . 
D 3 HOH 35  837 235 HOH HOH A . 
D 3 HOH 36  838 236 HOH HOH A . 
D 3 HOH 37  839 237 HOH HOH A . 
D 3 HOH 38  840 238 HOH HOH A . 
D 3 HOH 39  841 239 HOH HOH A . 
D 3 HOH 40  842 240 HOH HOH A . 
D 3 HOH 41  843 241 HOH HOH A . 
D 3 HOH 42  844 242 HOH HOH A . 
D 3 HOH 43  845 243 HOH HOH A . 
D 3 HOH 44  846 244 HOH HOH A . 
D 3 HOH 45  847 245 HOH HOH A . 
D 3 HOH 46  848 246 HOH HOH A . 
D 3 HOH 47  849 247 HOH HOH A . 
D 3 HOH 48  850 248 HOH HOH A . 
D 3 HOH 49  851 249 HOH HOH A . 
D 3 HOH 50  852 250 HOH HOH A . 
D 3 HOH 51  853 251 HOH HOH A . 
D 3 HOH 52  854 252 HOH HOH A . 
D 3 HOH 53  855 253 HOH HOH A . 
D 3 HOH 54  856 254 HOH HOH A . 
D 3 HOH 55  857 255 HOH HOH A . 
D 3 HOH 56  858 256 HOH HOH A . 
D 3 HOH 57  859 257 HOH HOH A . 
D 3 HOH 58  860 258 HOH HOH A . 
D 3 HOH 59  861 259 HOH HOH A . 
D 3 HOH 60  862 260 HOH HOH A . 
D 3 HOH 61  863 261 HOH HOH A . 
D 3 HOH 62  864 262 HOH HOH A . 
D 3 HOH 63  865 263 HOH HOH A . 
D 3 HOH 64  866 264 HOH HOH A . 
D 3 HOH 65  867 265 HOH HOH A . 
D 3 HOH 66  868 266 HOH HOH A . 
D 3 HOH 67  869 267 HOH HOH A . 
D 3 HOH 68  870 268 HOH HOH A . 
D 3 HOH 69  871 269 HOH HOH A . 
D 3 HOH 70  872 270 HOH HOH A . 
D 3 HOH 71  873 271 HOH HOH A . 
D 3 HOH 72  874 272 HOH HOH A . 
D 3 HOH 73  875 273 HOH HOH A . 
D 3 HOH 74  876 274 HOH HOH A . 
D 3 HOH 75  877 275 HOH HOH A . 
D 3 HOH 76  878 276 HOH HOH A . 
D 3 HOH 77  879 277 HOH HOH A . 
D 3 HOH 78  880 278 HOH HOH A . 
D 3 HOH 79  881 279 HOH HOH A . 
D 3 HOH 80  882 280 HOH HOH A . 
D 3 HOH 81  883 281 HOH HOH A . 
D 3 HOH 82  884 282 HOH HOH A . 
D 3 HOH 83  885 283 HOH HOH A . 
D 3 HOH 84  886 284 HOH HOH A . 
D 3 HOH 85  887 285 HOH HOH A . 
D 3 HOH 86  888 286 HOH HOH A . 
D 3 HOH 87  889 287 HOH HOH A . 
D 3 HOH 88  890 288 HOH HOH A . 
D 3 HOH 89  891 289 HOH HOH A . 
D 3 HOH 90  892 290 HOH HOH A . 
D 3 HOH 91  893 291 HOH HOH A . 
D 3 HOH 92  894 292 HOH HOH A . 
D 3 HOH 93  895 293 HOH HOH A . 
D 3 HOH 94  896 294 HOH HOH A . 
D 3 HOH 95  897 295 HOH HOH A . 
D 3 HOH 96  898 296 HOH HOH A . 
D 3 HOH 97  899 297 HOH HOH A . 
D 3 HOH 98  900 298 HOH HOH A . 
D 3 HOH 99  901 299 HOH HOH A . 
D 3 HOH 100 902 300 HOH HOH A . 
D 3 HOH 101 903 301 HOH HOH A . 
D 3 HOH 102 904 302 HOH HOH A . 
D 3 HOH 103 905 303 HOH HOH A . 
D 3 HOH 104 906 304 HOH HOH A . 
D 3 HOH 105 907 305 HOH HOH A . 
D 3 HOH 106 908 306 HOH HOH A . 
D 3 HOH 107 909 307 HOH HOH A . 
D 3 HOH 108 910 308 HOH HOH A . 
D 3 HOH 109 911 309 HOH HOH A . 
D 3 HOH 110 912 310 HOH HOH A . 
D 3 HOH 111 913 311 HOH HOH A . 
D 3 HOH 112 914 312 HOH HOH A . 
D 3 HOH 113 915 313 HOH HOH A . 
D 3 HOH 114 916 314 HOH HOH A . 
D 3 HOH 115 917 315 HOH HOH A . 
D 3 HOH 116 918 316 HOH HOH A . 
D 3 HOH 117 919 317 HOH HOH A . 
D 3 HOH 118 920 318 HOH HOH A . 
D 3 HOH 119 921 319 HOH HOH A . 
D 3 HOH 120 922 320 HOH HOH A . 
D 3 HOH 121 923 321 HOH HOH A . 
D 3 HOH 122 924 322 HOH HOH A . 
D 3 HOH 123 925 323 HOH HOH A . 
D 3 HOH 124 926 324 HOH HOH A . 
D 3 HOH 125 927 325 HOH HOH A . 
D 3 HOH 126 928 326 HOH HOH A . 
D 3 HOH 127 929 327 HOH HOH A . 
D 3 HOH 128 930 328 HOH HOH A . 
D 3 HOH 129 931 329 HOH HOH A . 
D 3 HOH 130 932 330 HOH HOH A . 
D 3 HOH 131 933 332 HOH HOH A . 
D 3 HOH 132 934 333 HOH HOH A . 
D 3 HOH 133 935 334 HOH HOH A . 
D 3 HOH 134 936 335 HOH HOH A . 
D 3 HOH 135 937 336 HOH HOH A . 
D 3 HOH 136 938 337 HOH HOH A . 
D 3 HOH 137 939 338 HOH HOH A . 
D 3 HOH 138 940 339 HOH HOH A . 
D 3 HOH 139 941 340 HOH HOH A . 
D 3 HOH 140 942 341 HOH HOH A . 
D 3 HOH 141 943 342 HOH HOH A . 
D 3 HOH 142 944 343 HOH HOH A . 
D 3 HOH 143 945 344 HOH HOH A . 
D 3 HOH 144 946 345 HOH HOH A . 
D 3 HOH 145 947 346 HOH HOH A . 
D 3 HOH 146 948 347 HOH HOH A . 
D 3 HOH 147 949 348 HOH HOH A . 
D 3 HOH 148 950 349 HOH HOH A . 
D 3 HOH 149 951 350 HOH HOH A . 
D 3 HOH 150 952 351 HOH HOH A . 
D 3 HOH 151 953 352 HOH HOH A . 
D 3 HOH 152 954 353 HOH HOH A . 
D 3 HOH 153 955 354 HOH HOH A . 
D 3 HOH 154 956 355 HOH HOH A . 
D 3 HOH 155 957 356 HOH HOH A . 
D 3 HOH 156 958 357 HOH HOH A . 
D 3 HOH 157 959 358 HOH HOH A . 
D 3 HOH 158 960 359 HOH HOH A . 
D 3 HOH 159 961 360 HOH HOH A . 
D 3 HOH 160 962 361 HOH HOH A . 
D 3 HOH 161 963 362 HOH HOH A . 
# 
loop_
_software.name 
_software.classification 
_software.version 
_software.citation_id 
_software.pdbx_ordinal 
CNS      refinement        1.1 ? 1 
HKL-2000 'data collection' .   ? 2 
HKL-2000 'data reduction'  .   ? 3 
HKL-2000 'data scaling'    .   ? 4 
CNS      phasing           .   ? 5 
# 
_cell.entry_id           2OK3 
_cell.length_a           40.577 
_cell.length_b           40.577 
_cell.length_c           170.682 
_cell.angle_alpha        90.00 
_cell.angle_beta         90.00 
_cell.angle_gamma        120.00 
_cell.Z_PDB              6 
_cell.pdbx_unique_axis   ? 
_cell.length_a_esd       ? 
_cell.length_b_esd       ? 
_cell.length_c_esd       ? 
_cell.angle_alpha_esd    ? 
_cell.angle_beta_esd     ? 
_cell.angle_gamma_esd    ? 
# 
_symmetry.entry_id                         2OK3 
_symmetry.space_group_name_H-M             'P 31 2 1' 
_symmetry.pdbx_full_space_group_name_H-M   ? 
_symmetry.cell_setting                     ? 
_symmetry.Int_Tables_number                152 
_symmetry.space_group_name_Hall            ? 
# 
_exptl.entry_id          2OK3 
_exptl.method            'X-RAY DIFFRACTION' 
_exptl.crystals_number   1 
# 
_exptl_crystal.id                    1 
_exptl_crystal.density_meas          ? 
_exptl_crystal.density_Matthews      2.23 
_exptl_crystal.density_percent_sol   44.86 
_exptl_crystal.description           ? 
_exptl_crystal.F_000                 ? 
_exptl_crystal.preparation           ? 
# 
_exptl_crystal_grow.crystal_id      1 
_exptl_crystal_grow.method          'VAPOR DIFFUSION, HANGING DROP' 
_exptl_crystal_grow.temp            277 
_exptl_crystal_grow.temp_details    ? 
_exptl_crystal_grow.pH              8.3 
_exptl_crystal_grow.pdbx_details    
;0.1mol/L Tris(pH=8.3), 0.01mol/L nickel(II)chloride hexahydrate, 17%(w/v) PEGMME2000, VAPOR DIFFUSION, HANGING DROP, temperature 277K
;
_exptl_crystal_grow.pdbx_pH_range   . 
# 
_diffrn.id                     1 
_diffrn.ambient_temp           100 
_diffrn.ambient_temp_details   ? 
_diffrn.crystal_id             1 
# 
_diffrn_detector.diffrn_id              1 
_diffrn_detector.detector               'IMAGE PLATE' 
_diffrn_detector.type                   ? 
_diffrn_detector.pdbx_collection_date   2004-10-01 
_diffrn_detector.details                ? 
# 
_diffrn_radiation.diffrn_id                        1 
_diffrn_radiation.wavelength_id                    1 
_diffrn_radiation.pdbx_monochromatic_or_laue_m_l   M 
_diffrn_radiation.monochromator                    ? 
_diffrn_radiation.pdbx_diffrn_protocol             'SINGLE WAVELENGTH' 
_diffrn_radiation.pdbx_scattering_type             x-ray 
# 
_diffrn_radiation_wavelength.id           1 
_diffrn_radiation_wavelength.wavelength   1.5418 
_diffrn_radiation_wavelength.wt           1.0 
# 
_diffrn_source.diffrn_id                   1 
_diffrn_source.source                      'ROTATING ANODE' 
_diffrn_source.type                        RIGAKU 
_diffrn_source.pdbx_synchrotron_site       ? 
_diffrn_source.pdbx_synchrotron_beamline   ? 
_diffrn_source.pdbx_wavelength             ? 
_diffrn_source.pdbx_wavelength_list        1.5418 
# 
_reflns.entry_id                     2OK3 
_reflns.observed_criterion_sigma_I   0.0 
_reflns.observed_criterion_sigma_F   ? 
_reflns.d_resolution_low             50.0 
_reflns.d_resolution_high            2.0 
_reflns.number_obs                   11753 
_reflns.number_all                   11824 
_reflns.percent_possible_obs         99.4 
_reflns.pdbx_Rmerge_I_obs            0.036 
_reflns.pdbx_Rsym_value              ? 
_reflns.pdbx_netI_over_sigmaI        ? 
_reflns.B_iso_Wilson_estimate        22.6 
_reflns.pdbx_redundancy              ? 
_reflns.R_free_details               ? 
_reflns.limit_h_max                  ? 
_reflns.limit_h_min                  ? 
_reflns.limit_k_max                  ? 
_reflns.limit_k_min                  ? 
_reflns.limit_l_max                  ? 
_reflns.limit_l_min                  ? 
_reflns.observed_criterion_F_max     ? 
_reflns.observed_criterion_F_min     ? 
_reflns.pdbx_chi_squared             ? 
_reflns.pdbx_scaling_rejects         ? 
_reflns.pdbx_diffrn_id               1 
_reflns.pdbx_ordinal                 1 
# 
_reflns_shell.d_res_high             2.00 
_reflns_shell.d_res_low              2.07 
_reflns_shell.percent_possible_all   99.7 
_reflns_shell.Rmerge_I_obs           0.188 
_reflns_shell.pdbx_Rsym_value        ? 
_reflns_shell.meanI_over_sigI_obs    ? 
_reflns_shell.pdbx_redundancy        ? 
_reflns_shell.percent_possible_obs   ? 
_reflns_shell.number_unique_all      1143 
_reflns_shell.number_measured_all    ? 
_reflns_shell.number_measured_obs    ? 
_reflns_shell.number_unique_obs      ? 
_reflns_shell.pdbx_chi_squared       ? 
_reflns_shell.pdbx_diffrn_id         ? 
_reflns_shell.pdbx_ordinal           1 
# 
_refine.entry_id                                 2OK3 
_refine.ls_number_reflns_obs                     11519 
_refine.ls_number_reflns_all                     11777 
_refine.pdbx_ls_sigma_I                          ? 
_refine.pdbx_ls_sigma_F                          0.0 
_refine.pdbx_data_cutoff_high_absF               1335654.49 
_refine.pdbx_data_cutoff_low_absF                0.000000 
_refine.pdbx_data_cutoff_high_rms_absF           ? 
_refine.ls_d_res_low                             22.11 
_refine.ls_d_res_high                            2.00 
_refine.ls_percent_reflns_obs                    97.8 
_refine.ls_R_factor_obs                          0.202 
_refine.ls_R_factor_all                          0.207 
_refine.ls_R_factor_R_work                       0.202 
_refine.ls_R_factor_R_free                       0.255 
_refine.ls_R_factor_R_free_error                 0.007 
_refine.ls_R_factor_R_free_error_details         ? 
_refine.ls_percent_reflns_R_free                 10.4 
_refine.ls_number_reflns_R_free                  1197 
_refine.ls_number_parameters                     ? 
_refine.ls_number_restraints                     ? 
_refine.occupancy_min                            ? 
_refine.occupancy_max                            ? 
_refine.correlation_coeff_Fo_to_Fc               ? 
_refine.correlation_coeff_Fo_to_Fc_free          ? 
_refine.B_iso_mean                               30.3 
_refine.aniso_B[1][1]                            1.95 
_refine.aniso_B[2][2]                            1.95 
_refine.aniso_B[3][3]                            -3.90 
_refine.aniso_B[1][2]                            -0.11 
_refine.aniso_B[1][3]                            0.00 
_refine.aniso_B[2][3]                            0.00 
_refine.solvent_model_details                    'FLAT MODEL' 
_refine.solvent_model_param_ksol                 0.313714 
_refine.solvent_model_param_bsol                 36.6417 
_refine.pdbx_solvent_vdw_probe_radii             ? 
_refine.pdbx_solvent_ion_probe_radii             ? 
_refine.pdbx_solvent_shrinkage_radii             ? 
_refine.pdbx_ls_cross_valid_method               THROUGHOUT 
_refine.details                                  ? 
_refine.pdbx_starting_model                      'PDB ENTRY 1XYH' 
_refine.pdbx_method_to_determine_struct          'FOURIER SYNTHESIS' 
_refine.pdbx_isotropic_thermal_model             RESTRAINED 
_refine.pdbx_stereochemistry_target_values       ? 
_refine.pdbx_stereochem_target_val_spec_case     ? 
_refine.pdbx_R_Free_selection_details            RANDOM 
_refine.pdbx_overall_ESU_R                       ? 
_refine.pdbx_overall_ESU_R_Free                  ? 
_refine.overall_SU_ML                            ? 
_refine.overall_SU_B                             ? 
_refine.ls_redundancy_reflns_obs                 ? 
_refine.B_iso_min                                ? 
_refine.B_iso_max                                ? 
_refine.overall_SU_R_Cruickshank_DPI             ? 
_refine.overall_SU_R_free                        ? 
_refine.ls_wR_factor_R_free                      ? 
_refine.ls_wR_factor_R_work                      ? 
_refine.overall_FOM_free_R_set                   ? 
_refine.overall_FOM_work_R_set                   ? 
_refine.pdbx_overall_phase_error                 ? 
_refine.pdbx_refine_id                           'X-RAY DIFFRACTION' 
_refine.pdbx_diffrn_id                           1 
_refine.pdbx_TLS_residual_ADP_flag               ? 
_refine.pdbx_overall_SU_R_free_Cruickshank_DPI   ? 
_refine.pdbx_overall_SU_R_Blow_DPI               ? 
_refine.pdbx_overall_SU_R_free_Blow_DPI          ? 
# 
_refine_analyze.entry_id                        2OK3 
_refine_analyze.Luzzati_coordinate_error_obs    0.23 
_refine_analyze.Luzzati_sigma_a_obs             0.13 
_refine_analyze.Luzzati_d_res_low_obs           5.00 
_refine_analyze.Luzzati_coordinate_error_free   0.30 
_refine_analyze.Luzzati_sigma_a_free            0.15 
_refine_analyze.Luzzati_d_res_low_free          ? 
_refine_analyze.number_disordered_residues      ? 
_refine_analyze.occupancy_sum_hydrogen          ? 
_refine_analyze.occupancy_sum_non_hydrogen      ? 
_refine_analyze.pdbx_Luzzati_d_res_high_obs     ? 
_refine_analyze.pdbx_refine_id                  'X-RAY DIFFRACTION' 
# 
_refine_hist.pdbx_refine_id                   'X-RAY DIFFRACTION' 
_refine_hist.cycle_id                         LAST 
_refine_hist.pdbx_number_atoms_protein        1285 
_refine_hist.pdbx_number_atoms_nucleic_acid   0 
_refine_hist.pdbx_number_atoms_ligand         2 
_refine_hist.number_atoms_solvent             161 
_refine_hist.number_atoms_total               1448 
_refine_hist.d_res_high                       2.00 
_refine_hist.d_res_low                        22.11 
# 
loop_
_refine_ls_restr.type 
_refine_ls_restr.dev_ideal 
_refine_ls_restr.dev_ideal_target 
_refine_ls_restr.weight 
_refine_ls_restr.number 
_refine_ls_restr.pdbx_refine_id 
_refine_ls_restr.pdbx_restraint_function 
c_bond_d           0.005 ?    ? ? 'X-RAY DIFFRACTION' ? 
c_angle_deg        1.2   ?    ? ? 'X-RAY DIFFRACTION' ? 
c_dihedral_angle_d 24.2  ?    ? ? 'X-RAY DIFFRACTION' ? 
c_improper_angle_d 0.67  ?    ? ? 'X-RAY DIFFRACTION' ? 
c_mcbond_it        0.80  1.50 ? ? 'X-RAY DIFFRACTION' ? 
c_mcangle_it       1.31  2.00 ? ? 'X-RAY DIFFRACTION' ? 
c_scbond_it        1.28  2.00 ? ? 'X-RAY DIFFRACTION' ? 
c_scangle_it       1.98  2.50 ? ? 'X-RAY DIFFRACTION' ? 
# 
_refine_ls_shell.pdbx_total_number_of_bins_used   10 
_refine_ls_shell.d_res_high                       2.00 
_refine_ls_shell.d_res_low                        2.07 
_refine_ls_shell.number_reflns_R_work             954 
_refine_ls_shell.R_factor_R_work                  0.222 
_refine_ls_shell.percent_reflns_obs               95.5 
_refine_ls_shell.R_factor_R_free                  0.293 
_refine_ls_shell.R_factor_R_free_error            0.025 
_refine_ls_shell.percent_reflns_R_free            12.6 
_refine_ls_shell.number_reflns_R_free             138 
_refine_ls_shell.number_reflns_all                ? 
_refine_ls_shell.R_factor_all                     ? 
_refine_ls_shell.number_reflns_obs                ? 
_refine_ls_shell.redundancy_reflns_obs            ? 
_refine_ls_shell.pdbx_refine_id                   'X-RAY DIFFRACTION' 
# 
loop_
_pdbx_xplor_file.serial_no 
_pdbx_xplor_file.param_file 
_pdbx_xplor_file.topol_file 
_pdbx_xplor_file.pdbx_refine_id 
1 protein_rep.param protein.top 'X-RAY DIFFRACTION' 
2 water_rep.param   water.top   'X-RAY DIFFRACTION' 
# 
_struct.entry_id                  2OK3 
_struct.title                     'X-ray structure of human cyclophilin J at 2.0 angstrom' 
_struct.pdbx_model_details        ? 
_struct.pdbx_CASP_flag            ? 
_struct.pdbx_model_type_details   ? 
# 
_struct_keywords.entry_id        2OK3 
_struct_keywords.pdbx_keywords   ISOMERASE 
_struct_keywords.text            'beta-barrel, helix, disulfide bridge, ISOMERASE' 
# 
loop_
_struct_asym.id 
_struct_asym.pdbx_blank_PDB_chainid_flag 
_struct_asym.pdbx_modified 
_struct_asym.entity_id 
_struct_asym.details 
A N N 1 ? 
B N N 2 ? 
C N N 2 ? 
D N N 3 ? 
# 
_struct_ref.id                         1 
_struct_ref.db_name                    UNP 
_struct_ref.db_code                    PPIL3_HUMAN 
_struct_ref.pdbx_db_accession          Q9H2H8 
_struct_ref.entity_id                  1 
_struct_ref.pdbx_seq_one_letter_code   
;MSVTLHTDVGDIKIEVFCERTPKTCENFLALCASNYYNGCIFHRNIKGFMVQTGDPTGTGRGGNSIWGKKFEDEYSEYLK
HNVRGVVSMANNGPNTNGSQFFITYGKQPHLDMKYTVFGKVIDGLETLDELEKLPVNEKTYRPLNDVHIKDITIHANPFA
Q
;
_struct_ref.pdbx_align_begin           1 
_struct_ref.pdbx_db_isoform            ? 
# 
_struct_ref_seq.align_id                      1 
_struct_ref_seq.ref_id                        1 
_struct_ref_seq.pdbx_PDB_id_code              2OK3 
_struct_ref_seq.pdbx_strand_id                A 
_struct_ref_seq.seq_align_beg                 1 
_struct_ref_seq.pdbx_seq_align_beg_ins_code   ? 
_struct_ref_seq.seq_align_end                 161 
_struct_ref_seq.pdbx_seq_align_end_ins_code   ? 
_struct_ref_seq.pdbx_db_accession             Q9H2H8 
_struct_ref_seq.db_align_beg                  1 
_struct_ref_seq.pdbx_db_align_beg_ins_code    ? 
_struct_ref_seq.db_align_end                  161 
_struct_ref_seq.pdbx_db_align_end_ins_code    ? 
_struct_ref_seq.pdbx_auth_seq_align_beg       1 
_struct_ref_seq.pdbx_auth_seq_align_end       161 
# 
_pdbx_struct_assembly.id                   1 
_pdbx_struct_assembly.details              author_defined_assembly 
_pdbx_struct_assembly.method_details       ? 
_pdbx_struct_assembly.oligomeric_details   monomeric 
_pdbx_struct_assembly.oligomeric_count     1 
# 
_pdbx_struct_assembly_gen.assembly_id       1 
_pdbx_struct_assembly_gen.oper_expression   1 
_pdbx_struct_assembly_gen.asym_id_list      A,B,C,D 
# 
_pdbx_struct_oper_list.id                   1 
_pdbx_struct_oper_list.type                 'identity operation' 
_pdbx_struct_oper_list.name                 1_555 
_pdbx_struct_oper_list.symmetry_operation   x,y,z 
_pdbx_struct_oper_list.matrix[1][1]         1.0000000000 
_pdbx_struct_oper_list.matrix[1][2]         0.0000000000 
_pdbx_struct_oper_list.matrix[1][3]         0.0000000000 
_pdbx_struct_oper_list.vector[1]            0.0000000000 
_pdbx_struct_oper_list.matrix[2][1]         0.0000000000 
_pdbx_struct_oper_list.matrix[2][2]         1.0000000000 
_pdbx_struct_oper_list.matrix[2][3]         0.0000000000 
_pdbx_struct_oper_list.vector[2]            0.0000000000 
_pdbx_struct_oper_list.matrix[3][1]         0.0000000000 
_pdbx_struct_oper_list.matrix[3][2]         0.0000000000 
_pdbx_struct_oper_list.matrix[3][3]         1.0000000000 
_pdbx_struct_oper_list.vector[3]            0.0000000000 
# 
_struct_biol.id        1 
_struct_biol.details   ? 
# 
loop_
_struct_conf.conf_type_id 
_struct_conf.id 
_struct_conf.pdbx_PDB_helix_id 
_struct_conf.beg_label_comp_id 
_struct_conf.beg_label_asym_id 
_struct_conf.beg_label_seq_id 
_struct_conf.pdbx_beg_PDB_ins_code 
_struct_conf.end_label_comp_id 
_struct_conf.end_label_asym_id 
_struct_conf.end_label_seq_id 
_struct_conf.pdbx_end_PDB_ins_code 
_struct_conf.beg_auth_comp_id 
_struct_conf.beg_auth_asym_id 
_struct_conf.beg_auth_seq_id 
_struct_conf.end_auth_comp_id 
_struct_conf.end_auth_asym_id 
_struct_conf.end_auth_seq_id 
_struct_conf.pdbx_PDB_helix_class 
_struct_conf.details 
_struct_conf.pdbx_PDB_helix_length 
HELX_P HELX_P1 1 PHE A 17  ? THR A 21  ? PHE A 17  THR A 21  1 ? 5  
HELX_P HELX_P2 2 PRO A 22  ? SER A 34  ? PRO A 22  SER A 34  1 ? 13 
HELX_P HELX_P3 3 GLN A 108 ? ASP A 112 ? GLN A 108 ASP A 112 5 ? 5  
HELX_P HELX_P4 4 GLY A 124 ? LYS A 133 ? GLY A 124 LYS A 133 1 ? 10 
# 
_struct_conf_type.id          HELX_P 
_struct_conf_type.criteria    ? 
_struct_conf_type.reference   ? 
# 
_struct_conn.id                            disulf1 
_struct_conn.conn_type_id                  disulf 
_struct_conn.pdbx_leaving_atom_flag        ? 
_struct_conn.pdbx_PDB_id                   ? 
_struct_conn.ptnr1_label_asym_id           A 
_struct_conn.ptnr1_label_comp_id           CYS 
_struct_conn.ptnr1_label_seq_id            18 
_struct_conn.ptnr1_label_atom_id           SG 
_struct_conn.pdbx_ptnr1_label_alt_id       ? 
_struct_conn.pdbx_ptnr1_PDB_ins_code       ? 
_struct_conn.pdbx_ptnr1_standard_comp_id   ? 
_struct_conn.ptnr1_symmetry                1_555 
_struct_conn.ptnr2_label_asym_id           A 
_struct_conn.ptnr2_label_comp_id           CYS 
_struct_conn.ptnr2_label_seq_id            25 
_struct_conn.ptnr2_label_atom_id           SG 
_struct_conn.pdbx_ptnr2_label_alt_id       ? 
_struct_conn.pdbx_ptnr2_PDB_ins_code       ? 
_struct_conn.ptnr1_auth_asym_id            A 
_struct_conn.ptnr1_auth_comp_id            CYS 
_struct_conn.ptnr1_auth_seq_id             18 
_struct_conn.ptnr2_auth_asym_id            A 
_struct_conn.ptnr2_auth_comp_id            CYS 
_struct_conn.ptnr2_auth_seq_id             25 
_struct_conn.ptnr2_symmetry                1_555 
_struct_conn.pdbx_ptnr3_label_atom_id      ? 
_struct_conn.pdbx_ptnr3_label_seq_id       ? 
_struct_conn.pdbx_ptnr3_label_comp_id      ? 
_struct_conn.pdbx_ptnr3_label_asym_id      ? 
_struct_conn.pdbx_ptnr3_label_alt_id       ? 
_struct_conn.pdbx_ptnr3_PDB_ins_code       ? 
_struct_conn.details                       ? 
_struct_conn.pdbx_dist_value               2.036 
_struct_conn.pdbx_value_order              ? 
_struct_conn.pdbx_role                     ? 
# 
_struct_conn_type.id          disulf 
_struct_conn_type.criteria    ? 
_struct_conn_type.reference   ? 
# 
_pdbx_modification_feature.ordinal                            1 
_pdbx_modification_feature.label_comp_id                      CYS 
_pdbx_modification_feature.label_asym_id                      A 
_pdbx_modification_feature.label_seq_id                       18 
_pdbx_modification_feature.label_alt_id                       ? 
_pdbx_modification_feature.modified_residue_label_comp_id     CYS 
_pdbx_modification_feature.modified_residue_label_asym_id     A 
_pdbx_modification_feature.modified_residue_label_seq_id      25 
_pdbx_modification_feature.modified_residue_label_alt_id      ? 
_pdbx_modification_feature.auth_comp_id                       CYS 
_pdbx_modification_feature.auth_asym_id                       A 
_pdbx_modification_feature.auth_seq_id                        18 
_pdbx_modification_feature.PDB_ins_code                       ? 
_pdbx_modification_feature.symmetry                           1_555 
_pdbx_modification_feature.modified_residue_auth_comp_id      CYS 
_pdbx_modification_feature.modified_residue_auth_asym_id      A 
_pdbx_modification_feature.modified_residue_auth_seq_id       25 
_pdbx_modification_feature.modified_residue_PDB_ins_code      ? 
_pdbx_modification_feature.modified_residue_symmetry          1_555 
_pdbx_modification_feature.comp_id_linking_atom               SG 
_pdbx_modification_feature.modified_residue_id_linking_atom   SG 
_pdbx_modification_feature.modified_residue_id                . 
_pdbx_modification_feature.ref_pcm_id                         . 
_pdbx_modification_feature.ref_comp_id                        . 
_pdbx_modification_feature.type                               None 
_pdbx_modification_feature.category                           'Disulfide bridge' 
# 
_struct_sheet.id               A 
_struct_sheet.type             ? 
_struct_sheet.number_strands   8 
_struct_sheet.details          ? 
# 
loop_
_struct_sheet_order.sheet_id 
_struct_sheet_order.range_id_1 
_struct_sheet_order.range_id_2 
_struct_sheet_order.offset 
_struct_sheet_order.sense 
A 1 2 ? anti-parallel 
A 2 3 ? anti-parallel 
A 3 4 ? anti-parallel 
A 4 5 ? anti-parallel 
A 5 6 ? anti-parallel 
A 6 7 ? anti-parallel 
A 7 8 ? anti-parallel 
# 
loop_
_struct_sheet_range.sheet_id 
_struct_sheet_range.id 
_struct_sheet_range.beg_label_comp_id 
_struct_sheet_range.beg_label_asym_id 
_struct_sheet_range.beg_label_seq_id 
_struct_sheet_range.pdbx_beg_PDB_ins_code 
_struct_sheet_range.end_label_comp_id 
_struct_sheet_range.end_label_asym_id 
_struct_sheet_range.end_label_seq_id 
_struct_sheet_range.pdbx_end_PDB_ins_code 
_struct_sheet_range.beg_auth_comp_id 
_struct_sheet_range.beg_auth_asym_id 
_struct_sheet_range.beg_auth_seq_id 
_struct_sheet_range.end_auth_comp_id 
_struct_sheet_range.end_auth_asym_id 
_struct_sheet_range.end_auth_seq_id 
A 1 GLY A 39  ? ILE A 46  ? GLY A 39  ILE A 46  
A 2 PHE A 49  ? THR A 53  ? PHE A 49  THR A 53  
A 3 PHE A 101 ? TYR A 105 ? PHE A 101 TYR A 105 
A 4 GLY A 85  ? ALA A 90  ? GLY A 85  ALA A 90  
A 5 THR A 116 ? ASP A 123 ? THR A 116 ASP A 123 
A 6 GLY A 10  ? VAL A 16  ? GLY A 10  VAL A 16  
A 7 MET A 1   ? THR A 7   ? MET A 1   THR A 7   
A 8 VAL A 147 ? HIS A 155 ? VAL A 147 HIS A 155 
# 
loop_
_pdbx_struct_sheet_hbond.sheet_id 
_pdbx_struct_sheet_hbond.range_id_1 
_pdbx_struct_sheet_hbond.range_id_2 
_pdbx_struct_sheet_hbond.range_1_label_atom_id 
_pdbx_struct_sheet_hbond.range_1_label_comp_id 
_pdbx_struct_sheet_hbond.range_1_label_asym_id 
_pdbx_struct_sheet_hbond.range_1_label_seq_id 
_pdbx_struct_sheet_hbond.range_1_PDB_ins_code 
_pdbx_struct_sheet_hbond.range_1_auth_atom_id 
_pdbx_struct_sheet_hbond.range_1_auth_comp_id 
_pdbx_struct_sheet_hbond.range_1_auth_asym_id 
_pdbx_struct_sheet_hbond.range_1_auth_seq_id 
_pdbx_struct_sheet_hbond.range_2_label_atom_id 
_pdbx_struct_sheet_hbond.range_2_label_comp_id 
_pdbx_struct_sheet_hbond.range_2_label_asym_id 
_pdbx_struct_sheet_hbond.range_2_label_seq_id 
_pdbx_struct_sheet_hbond.range_2_PDB_ins_code 
_pdbx_struct_sheet_hbond.range_2_auth_atom_id 
_pdbx_struct_sheet_hbond.range_2_auth_comp_id 
_pdbx_struct_sheet_hbond.range_2_auth_asym_id 
_pdbx_struct_sheet_hbond.range_2_auth_seq_id 
A 1 2 N ARG A 44  ? N ARG A 44  O GLN A 52  ? O GLN A 52  
A 2 3 N THR A 53  ? N THR A 53  O PHE A 101 ? O PHE A 101 
A 3 4 O PHE A 102 ? O PHE A 102 N SER A 88  ? N SER A 88  
A 4 5 N VAL A 87  ? N VAL A 87  O PHE A 118 ? O PHE A 118 
A 5 6 O LYS A 120 ? O LYS A 120 N GLU A 15  ? N GLU A 15  
A 6 7 O ILE A 14  ? O ILE A 14  N VAL A 3   ? N VAL A 3   
A 7 8 N HIS A 6   ? N HIS A 6   O LYS A 150 ? O LYS A 150 
# 
loop_
_struct_site.id 
_struct_site.pdbx_evidence_code 
_struct_site.pdbx_auth_asym_id 
_struct_site.pdbx_auth_comp_id 
_struct_site.pdbx_auth_seq_id 
_struct_site.pdbx_auth_ins_code 
_struct_site.pdbx_num_residues 
_struct_site.details 
AC1 Software A NI 801 ? 5 'BINDING SITE FOR RESIDUE NI A 801' 
AC2 Software A NI 802 ? 5 'BINDING SITE FOR RESIDUE NI A 802' 
# 
loop_
_struct_site_gen.id 
_struct_site_gen.site_id 
_struct_site_gen.pdbx_num_res 
_struct_site_gen.label_comp_id 
_struct_site_gen.label_asym_id 
_struct_site_gen.label_seq_id 
_struct_site_gen.pdbx_auth_ins_code 
_struct_site_gen.auth_comp_id 
_struct_site_gen.auth_asym_id 
_struct_site_gen.auth_seq_id 
_struct_site_gen.label_atom_id 
_struct_site_gen.label_alt_id 
_struct_site_gen.symmetry 
_struct_site_gen.details 
1  AC1 5 HIS A 6   ? HIS A 6   . ? 1_555 ? 
2  AC1 5 HOH D .   ? HOH A 936 . ? 1_555 ? 
3  AC1 5 HOH D .   ? HOH A 948 . ? 1_555 ? 
4  AC1 5 HOH D .   ? HOH A 955 . ? 1_555 ? 
5  AC1 5 HOH D .   ? HOH A 961 . ? 1_555 ? 
6  AC2 5 HIS A 148 ? HIS A 148 . ? 1_555 ? 
7  AC2 5 HOH D .   ? HOH A 937 . ? 1_555 ? 
8  AC2 5 HOH D .   ? HOH A 938 . ? 1_555 ? 
9  AC2 5 HOH D .   ? HOH A 939 . ? 1_555 ? 
10 AC2 5 HOH D .   ? HOH A 940 . ? 1_555 ? 
# 
_pdbx_entry_details.entry_id                   2OK3 
_pdbx_entry_details.compound_details           ? 
_pdbx_entry_details.source_details             ? 
_pdbx_entry_details.nonpolymer_details         ? 
_pdbx_entry_details.sequence_details           ? 
_pdbx_entry_details.has_ligand_of_interest     ? 
_pdbx_entry_details.has_protein_modification   Y 
# 
loop_
_pdbx_validate_torsion.id 
_pdbx_validate_torsion.PDB_model_num 
_pdbx_validate_torsion.auth_comp_id 
_pdbx_validate_torsion.auth_asym_id 
_pdbx_validate_torsion.auth_seq_id 
_pdbx_validate_torsion.PDB_ins_code 
_pdbx_validate_torsion.label_alt_id 
_pdbx_validate_torsion.phi 
_pdbx_validate_torsion.psi 
1 1 PHE A 49  ? ? -111.86 -79.11 
2 1 GLU A 138 ? ? -59.46  0.81   
# 
loop_
_pdbx_database_remark.id 
_pdbx_database_remark.text 
650 
;HELIX
Determination method: Author determined
;
700 
;SHEET
Determination method: Author determined
;
# 
_pdbx_unobs_or_zero_occ_residues.id               1 
_pdbx_unobs_or_zero_occ_residues.PDB_model_num    1 
_pdbx_unobs_or_zero_occ_residues.polymer_flag     Y 
_pdbx_unobs_or_zero_occ_residues.occupancy_flag   1 
_pdbx_unobs_or_zero_occ_residues.auth_asym_id     A 
_pdbx_unobs_or_zero_occ_residues.auth_comp_id     GLN 
_pdbx_unobs_or_zero_occ_residues.auth_seq_id      161 
_pdbx_unobs_or_zero_occ_residues.PDB_ins_code     ? 
_pdbx_unobs_or_zero_occ_residues.label_asym_id    A 
_pdbx_unobs_or_zero_occ_residues.label_comp_id    GLN 
_pdbx_unobs_or_zero_occ_residues.label_seq_id     161 
# 
loop_
_chem_comp_atom.comp_id 
_chem_comp_atom.atom_id 
_chem_comp_atom.type_symbol 
_chem_comp_atom.pdbx_aromatic_flag 
_chem_comp_atom.pdbx_stereo_config 
_chem_comp_atom.pdbx_ordinal 
ALA N    N  N N 1   
ALA CA   C  N S 2   
ALA C    C  N N 3   
ALA O    O  N N 4   
ALA CB   C  N N 5   
ALA OXT  O  N N 6   
ALA H    H  N N 7   
ALA H2   H  N N 8   
ALA HA   H  N N 9   
ALA HB1  H  N N 10  
ALA HB2  H  N N 11  
ALA HB3  H  N N 12  
ALA HXT  H  N N 13  
ARG N    N  N N 14  
ARG CA   C  N S 15  
ARG C    C  N N 16  
ARG O    O  N N 17  
ARG CB   C  N N 18  
ARG CG   C  N N 19  
ARG CD   C  N N 20  
ARG NE   N  N N 21  
ARG CZ   C  N N 22  
ARG NH1  N  N N 23  
ARG NH2  N  N N 24  
ARG OXT  O  N N 25  
ARG H    H  N N 26  
ARG H2   H  N N 27  
ARG HA   H  N N 28  
ARG HB2  H  N N 29  
ARG HB3  H  N N 30  
ARG HG2  H  N N 31  
ARG HG3  H  N N 32  
ARG HD2  H  N N 33  
ARG HD3  H  N N 34  
ARG HE   H  N N 35  
ARG HH11 H  N N 36  
ARG HH12 H  N N 37  
ARG HH21 H  N N 38  
ARG HH22 H  N N 39  
ARG HXT  H  N N 40  
ASN N    N  N N 41  
ASN CA   C  N S 42  
ASN C    C  N N 43  
ASN O    O  N N 44  
ASN CB   C  N N 45  
ASN CG   C  N N 46  
ASN OD1  O  N N 47  
ASN ND2  N  N N 48  
ASN OXT  O  N N 49  
ASN H    H  N N 50  
ASN H2   H  N N 51  
ASN HA   H  N N 52  
ASN HB2  H  N N 53  
ASN HB3  H  N N 54  
ASN HD21 H  N N 55  
ASN HD22 H  N N 56  
ASN HXT  H  N N 57  
ASP N    N  N N 58  
ASP CA   C  N S 59  
ASP C    C  N N 60  
ASP O    O  N N 61  
ASP CB   C  N N 62  
ASP CG   C  N N 63  
ASP OD1  O  N N 64  
ASP OD2  O  N N 65  
ASP OXT  O  N N 66  
ASP H    H  N N 67  
ASP H2   H  N N 68  
ASP HA   H  N N 69  
ASP HB2  H  N N 70  
ASP HB3  H  N N 71  
ASP HD2  H  N N 72  
ASP HXT  H  N N 73  
CYS N    N  N N 74  
CYS CA   C  N R 75  
CYS C    C  N N 76  
CYS O    O  N N 77  
CYS CB   C  N N 78  
CYS SG   S  N N 79  
CYS OXT  O  N N 80  
CYS H    H  N N 81  
CYS H2   H  N N 82  
CYS HA   H  N N 83  
CYS HB2  H  N N 84  
CYS HB3  H  N N 85  
CYS HG   H  N N 86  
CYS HXT  H  N N 87  
GLN N    N  N N 88  
GLN CA   C  N S 89  
GLN C    C  N N 90  
GLN O    O  N N 91  
GLN CB   C  N N 92  
GLN CG   C  N N 93  
GLN CD   C  N N 94  
GLN OE1  O  N N 95  
GLN NE2  N  N N 96  
GLN OXT  O  N N 97  
GLN H    H  N N 98  
GLN H2   H  N N 99  
GLN HA   H  N N 100 
GLN HB2  H  N N 101 
GLN HB3  H  N N 102 
GLN HG2  H  N N 103 
GLN HG3  H  N N 104 
GLN HE21 H  N N 105 
GLN HE22 H  N N 106 
GLN HXT  H  N N 107 
GLU N    N  N N 108 
GLU CA   C  N S 109 
GLU C    C  N N 110 
GLU O    O  N N 111 
GLU CB   C  N N 112 
GLU CG   C  N N 113 
GLU CD   C  N N 114 
GLU OE1  O  N N 115 
GLU OE2  O  N N 116 
GLU OXT  O  N N 117 
GLU H    H  N N 118 
GLU H2   H  N N 119 
GLU HA   H  N N 120 
GLU HB2  H  N N 121 
GLU HB3  H  N N 122 
GLU HG2  H  N N 123 
GLU HG3  H  N N 124 
GLU HE2  H  N N 125 
GLU HXT  H  N N 126 
GLY N    N  N N 127 
GLY CA   C  N N 128 
GLY C    C  N N 129 
GLY O    O  N N 130 
GLY OXT  O  N N 131 
GLY H    H  N N 132 
GLY H2   H  N N 133 
GLY HA2  H  N N 134 
GLY HA3  H  N N 135 
GLY HXT  H  N N 136 
HIS N    N  N N 137 
HIS CA   C  N S 138 
HIS C    C  N N 139 
HIS O    O  N N 140 
HIS CB   C  N N 141 
HIS CG   C  Y N 142 
HIS ND1  N  Y N 143 
HIS CD2  C  Y N 144 
HIS CE1  C  Y N 145 
HIS NE2  N  Y N 146 
HIS OXT  O  N N 147 
HIS H    H  N N 148 
HIS H2   H  N N 149 
HIS HA   H  N N 150 
HIS HB2  H  N N 151 
HIS HB3  H  N N 152 
HIS HD1  H  N N 153 
HIS HD2  H  N N 154 
HIS HE1  H  N N 155 
HIS HE2  H  N N 156 
HIS HXT  H  N N 157 
HOH O    O  N N 158 
HOH H1   H  N N 159 
HOH H2   H  N N 160 
ILE N    N  N N 161 
ILE CA   C  N S 162 
ILE C    C  N N 163 
ILE O    O  N N 164 
ILE CB   C  N S 165 
ILE CG1  C  N N 166 
ILE CG2  C  N N 167 
ILE CD1  C  N N 168 
ILE OXT  O  N N 169 
ILE H    H  N N 170 
ILE H2   H  N N 171 
ILE HA   H  N N 172 
ILE HB   H  N N 173 
ILE HG12 H  N N 174 
ILE HG13 H  N N 175 
ILE HG21 H  N N 176 
ILE HG22 H  N N 177 
ILE HG23 H  N N 178 
ILE HD11 H  N N 179 
ILE HD12 H  N N 180 
ILE HD13 H  N N 181 
ILE HXT  H  N N 182 
LEU N    N  N N 183 
LEU CA   C  N S 184 
LEU C    C  N N 185 
LEU O    O  N N 186 
LEU CB   C  N N 187 
LEU CG   C  N N 188 
LEU CD1  C  N N 189 
LEU CD2  C  N N 190 
LEU OXT  O  N N 191 
LEU H    H  N N 192 
LEU H2   H  N N 193 
LEU HA   H  N N 194 
LEU HB2  H  N N 195 
LEU HB3  H  N N 196 
LEU HG   H  N N 197 
LEU HD11 H  N N 198 
LEU HD12 H  N N 199 
LEU HD13 H  N N 200 
LEU HD21 H  N N 201 
LEU HD22 H  N N 202 
LEU HD23 H  N N 203 
LEU HXT  H  N N 204 
LYS N    N  N N 205 
LYS CA   C  N S 206 
LYS C    C  N N 207 
LYS O    O  N N 208 
LYS CB   C  N N 209 
LYS CG   C  N N 210 
LYS CD   C  N N 211 
LYS CE   C  N N 212 
LYS NZ   N  N N 213 
LYS OXT  O  N N 214 
LYS H    H  N N 215 
LYS H2   H  N N 216 
LYS HA   H  N N 217 
LYS HB2  H  N N 218 
LYS HB3  H  N N 219 
LYS HG2  H  N N 220 
LYS HG3  H  N N 221 
LYS HD2  H  N N 222 
LYS HD3  H  N N 223 
LYS HE2  H  N N 224 
LYS HE3  H  N N 225 
LYS HZ1  H  N N 226 
LYS HZ2  H  N N 227 
LYS HZ3  H  N N 228 
LYS HXT  H  N N 229 
MET N    N  N N 230 
MET CA   C  N S 231 
MET C    C  N N 232 
MET O    O  N N 233 
MET CB   C  N N 234 
MET CG   C  N N 235 
MET SD   S  N N 236 
MET CE   C  N N 237 
MET OXT  O  N N 238 
MET H    H  N N 239 
MET H2   H  N N 240 
MET HA   H  N N 241 
MET HB2  H  N N 242 
MET HB3  H  N N 243 
MET HG2  H  N N 244 
MET HG3  H  N N 245 
MET HE1  H  N N 246 
MET HE2  H  N N 247 
MET HE3  H  N N 248 
MET HXT  H  N N 249 
NI  NI   NI N N 250 
PHE N    N  N N 251 
PHE CA   C  N S 252 
PHE C    C  N N 253 
PHE O    O  N N 254 
PHE CB   C  N N 255 
PHE CG   C  Y N 256 
PHE CD1  C  Y N 257 
PHE CD2  C  Y N 258 
PHE CE1  C  Y N 259 
PHE CE2  C  Y N 260 
PHE CZ   C  Y N 261 
PHE OXT  O  N N 262 
PHE H    H  N N 263 
PHE H2   H  N N 264 
PHE HA   H  N N 265 
PHE HB2  H  N N 266 
PHE HB3  H  N N 267 
PHE HD1  H  N N 268 
PHE HD2  H  N N 269 
PHE HE1  H  N N 270 
PHE HE2  H  N N 271 
PHE HZ   H  N N 272 
PHE HXT  H  N N 273 
PRO N    N  N N 274 
PRO CA   C  N S 275 
PRO C    C  N N 276 
PRO O    O  N N 277 
PRO CB   C  N N 278 
PRO CG   C  N N 279 
PRO CD   C  N N 280 
PRO OXT  O  N N 281 
PRO H    H  N N 282 
PRO HA   H  N N 283 
PRO HB2  H  N N 284 
PRO HB3  H  N N 285 
PRO HG2  H  N N 286 
PRO HG3  H  N N 287 
PRO HD2  H  N N 288 
PRO HD3  H  N N 289 
PRO HXT  H  N N 290 
SER N    N  N N 291 
SER CA   C  N S 292 
SER C    C  N N 293 
SER O    O  N N 294 
SER CB   C  N N 295 
SER OG   O  N N 296 
SER OXT  O  N N 297 
SER H    H  N N 298 
SER H2   H  N N 299 
SER HA   H  N N 300 
SER HB2  H  N N 301 
SER HB3  H  N N 302 
SER HG   H  N N 303 
SER HXT  H  N N 304 
THR N    N  N N 305 
THR CA   C  N S 306 
THR C    C  N N 307 
THR O    O  N N 308 
THR CB   C  N R 309 
THR OG1  O  N N 310 
THR CG2  C  N N 311 
THR OXT  O  N N 312 
THR H    H  N N 313 
THR H2   H  N N 314 
THR HA   H  N N 315 
THR HB   H  N N 316 
THR HG1  H  N N 317 
THR HG21 H  N N 318 
THR HG22 H  N N 319 
THR HG23 H  N N 320 
THR HXT  H  N N 321 
TRP N    N  N N 322 
TRP CA   C  N S 323 
TRP C    C  N N 324 
TRP O    O  N N 325 
TRP CB   C  N N 326 
TRP CG   C  Y N 327 
TRP CD1  C  Y N 328 
TRP CD2  C  Y N 329 
TRP NE1  N  Y N 330 
TRP CE2  C  Y N 331 
TRP CE3  C  Y N 332 
TRP CZ2  C  Y N 333 
TRP CZ3  C  Y N 334 
TRP CH2  C  Y N 335 
TRP OXT  O  N N 336 
TRP H    H  N N 337 
TRP H2   H  N N 338 
TRP HA   H  N N 339 
TRP HB2  H  N N 340 
TRP HB3  H  N N 341 
TRP HD1  H  N N 342 
TRP HE1  H  N N 343 
TRP HE3  H  N N 344 
TRP HZ2  H  N N 345 
TRP HZ3  H  N N 346 
TRP HH2  H  N N 347 
TRP HXT  H  N N 348 
TYR N    N  N N 349 
TYR CA   C  N S 350 
TYR C    C  N N 351 
TYR O    O  N N 352 
TYR CB   C  N N 353 
TYR CG   C  Y N 354 
TYR CD1  C  Y N 355 
TYR CD2  C  Y N 356 
TYR CE1  C  Y N 357 
TYR CE2  C  Y N 358 
TYR CZ   C  Y N 359 
TYR OH   O  N N 360 
TYR OXT  O  N N 361 
TYR H    H  N N 362 
TYR H2   H  N N 363 
TYR HA   H  N N 364 
TYR HB2  H  N N 365 
TYR HB3  H  N N 366 
TYR HD1  H  N N 367 
TYR HD2  H  N N 368 
TYR HE1  H  N N 369 
TYR HE2  H  N N 370 
TYR HH   H  N N 371 
TYR HXT  H  N N 372 
VAL N    N  N N 373 
VAL CA   C  N S 374 
VAL C    C  N N 375 
VAL O    O  N N 376 
VAL CB   C  N N 377 
VAL CG1  C  N N 378 
VAL CG2  C  N N 379 
VAL OXT  O  N N 380 
VAL H    H  N N 381 
VAL H2   H  N N 382 
VAL HA   H  N N 383 
VAL HB   H  N N 384 
VAL HG11 H  N N 385 
VAL HG12 H  N N 386 
VAL HG13 H  N N 387 
VAL HG21 H  N N 388 
VAL HG22 H  N N 389 
VAL HG23 H  N N 390 
VAL HXT  H  N N 391 
# 
loop_
_chem_comp_bond.comp_id 
_chem_comp_bond.atom_id_1 
_chem_comp_bond.atom_id_2 
_chem_comp_bond.value_order 
_chem_comp_bond.pdbx_aromatic_flag 
_chem_comp_bond.pdbx_stereo_config 
_chem_comp_bond.pdbx_ordinal 
ALA N   CA   sing N N 1   
ALA N   H    sing N N 2   
ALA N   H2   sing N N 3   
ALA CA  C    sing N N 4   
ALA CA  CB   sing N N 5   
ALA CA  HA   sing N N 6   
ALA C   O    doub N N 7   
ALA C   OXT  sing N N 8   
ALA CB  HB1  sing N N 9   
ALA CB  HB2  sing N N 10  
ALA CB  HB3  sing N N 11  
ALA OXT HXT  sing N N 12  
ARG N   CA   sing N N 13  
ARG N   H    sing N N 14  
ARG N   H2   sing N N 15  
ARG CA  C    sing N N 16  
ARG CA  CB   sing N N 17  
ARG CA  HA   sing N N 18  
ARG C   O    doub N N 19  
ARG C   OXT  sing N N 20  
ARG CB  CG   sing N N 21  
ARG CB  HB2  sing N N 22  
ARG CB  HB3  sing N N 23  
ARG CG  CD   sing N N 24  
ARG CG  HG2  sing N N 25  
ARG CG  HG3  sing N N 26  
ARG CD  NE   sing N N 27  
ARG CD  HD2  sing N N 28  
ARG CD  HD3  sing N N 29  
ARG NE  CZ   sing N N 30  
ARG NE  HE   sing N N 31  
ARG CZ  NH1  sing N N 32  
ARG CZ  NH2  doub N N 33  
ARG NH1 HH11 sing N N 34  
ARG NH1 HH12 sing N N 35  
ARG NH2 HH21 sing N N 36  
ARG NH2 HH22 sing N N 37  
ARG OXT HXT  sing N N 38  
ASN N   CA   sing N N 39  
ASN N   H    sing N N 40  
ASN N   H2   sing N N 41  
ASN CA  C    sing N N 42  
ASN CA  CB   sing N N 43  
ASN CA  HA   sing N N 44  
ASN C   O    doub N N 45  
ASN C   OXT  sing N N 46  
ASN CB  CG   sing N N 47  
ASN CB  HB2  sing N N 48  
ASN CB  HB3  sing N N 49  
ASN CG  OD1  doub N N 50  
ASN CG  ND2  sing N N 51  
ASN ND2 HD21 sing N N 52  
ASN ND2 HD22 sing N N 53  
ASN OXT HXT  sing N N 54  
ASP N   CA   sing N N 55  
ASP N   H    sing N N 56  
ASP N   H2   sing N N 57  
ASP CA  C    sing N N 58  
ASP CA  CB   sing N N 59  
ASP CA  HA   sing N N 60  
ASP C   O    doub N N 61  
ASP C   OXT  sing N N 62  
ASP CB  CG   sing N N 63  
ASP CB  HB2  sing N N 64  
ASP CB  HB3  sing N N 65  
ASP CG  OD1  doub N N 66  
ASP CG  OD2  sing N N 67  
ASP OD2 HD2  sing N N 68  
ASP OXT HXT  sing N N 69  
CYS N   CA   sing N N 70  
CYS N   H    sing N N 71  
CYS N   H2   sing N N 72  
CYS CA  C    sing N N 73  
CYS CA  CB   sing N N 74  
CYS CA  HA   sing N N 75  
CYS C   O    doub N N 76  
CYS C   OXT  sing N N 77  
CYS CB  SG   sing N N 78  
CYS CB  HB2  sing N N 79  
CYS CB  HB3  sing N N 80  
CYS SG  HG   sing N N 81  
CYS OXT HXT  sing N N 82  
GLN N   CA   sing N N 83  
GLN N   H    sing N N 84  
GLN N   H2   sing N N 85  
GLN CA  C    sing N N 86  
GLN CA  CB   sing N N 87  
GLN CA  HA   sing N N 88  
GLN C   O    doub N N 89  
GLN C   OXT  sing N N 90  
GLN CB  CG   sing N N 91  
GLN CB  HB2  sing N N 92  
GLN CB  HB3  sing N N 93  
GLN CG  CD   sing N N 94  
GLN CG  HG2  sing N N 95  
GLN CG  HG3  sing N N 96  
GLN CD  OE1  doub N N 97  
GLN CD  NE2  sing N N 98  
GLN NE2 HE21 sing N N 99  
GLN NE2 HE22 sing N N 100 
GLN OXT HXT  sing N N 101 
GLU N   CA   sing N N 102 
GLU N   H    sing N N 103 
GLU N   H2   sing N N 104 
GLU CA  C    sing N N 105 
GLU CA  CB   sing N N 106 
GLU CA  HA   sing N N 107 
GLU C   O    doub N N 108 
GLU C   OXT  sing N N 109 
GLU CB  CG   sing N N 110 
GLU CB  HB2  sing N N 111 
GLU CB  HB3  sing N N 112 
GLU CG  CD   sing N N 113 
GLU CG  HG2  sing N N 114 
GLU CG  HG3  sing N N 115 
GLU CD  OE1  doub N N 116 
GLU CD  OE2  sing N N 117 
GLU OE2 HE2  sing N N 118 
GLU OXT HXT  sing N N 119 
GLY N   CA   sing N N 120 
GLY N   H    sing N N 121 
GLY N   H2   sing N N 122 
GLY CA  C    sing N N 123 
GLY CA  HA2  sing N N 124 
GLY CA  HA3  sing N N 125 
GLY C   O    doub N N 126 
GLY C   OXT  sing N N 127 
GLY OXT HXT  sing N N 128 
HIS N   CA   sing N N 129 
HIS N   H    sing N N 130 
HIS N   H2   sing N N 131 
HIS CA  C    sing N N 132 
HIS CA  CB   sing N N 133 
HIS CA  HA   sing N N 134 
HIS C   O    doub N N 135 
HIS C   OXT  sing N N 136 
HIS CB  CG   sing N N 137 
HIS CB  HB2  sing N N 138 
HIS CB  HB3  sing N N 139 
HIS CG  ND1  sing Y N 140 
HIS CG  CD2  doub Y N 141 
HIS ND1 CE1  doub Y N 142 
HIS ND1 HD1  sing N N 143 
HIS CD2 NE2  sing Y N 144 
HIS CD2 HD2  sing N N 145 
HIS CE1 NE2  sing Y N 146 
HIS CE1 HE1  sing N N 147 
HIS NE2 HE2  sing N N 148 
HIS OXT HXT  sing N N 149 
HOH O   H1   sing N N 150 
HOH O   H2   sing N N 151 
ILE N   CA   sing N N 152 
ILE N   H    sing N N 153 
ILE N   H2   sing N N 154 
ILE CA  C    sing N N 155 
ILE CA  CB   sing N N 156 
ILE CA  HA   sing N N 157 
ILE C   O    doub N N 158 
ILE C   OXT  sing N N 159 
ILE CB  CG1  sing N N 160 
ILE CB  CG2  sing N N 161 
ILE CB  HB   sing N N 162 
ILE CG1 CD1  sing N N 163 
ILE CG1 HG12 sing N N 164 
ILE CG1 HG13 sing N N 165 
ILE CG2 HG21 sing N N 166 
ILE CG2 HG22 sing N N 167 
ILE CG2 HG23 sing N N 168 
ILE CD1 HD11 sing N N 169 
ILE CD1 HD12 sing N N 170 
ILE CD1 HD13 sing N N 171 
ILE OXT HXT  sing N N 172 
LEU N   CA   sing N N 173 
LEU N   H    sing N N 174 
LEU N   H2   sing N N 175 
LEU CA  C    sing N N 176 
LEU CA  CB   sing N N 177 
LEU CA  HA   sing N N 178 
LEU C   O    doub N N 179 
LEU C   OXT  sing N N 180 
LEU CB  CG   sing N N 181 
LEU CB  HB2  sing N N 182 
LEU CB  HB3  sing N N 183 
LEU CG  CD1  sing N N 184 
LEU CG  CD2  sing N N 185 
LEU CG  HG   sing N N 186 
LEU CD1 HD11 sing N N 187 
LEU CD1 HD12 sing N N 188 
LEU CD1 HD13 sing N N 189 
LEU CD2 HD21 sing N N 190 
LEU CD2 HD22 sing N N 191 
LEU CD2 HD23 sing N N 192 
LEU OXT HXT  sing N N 193 
LYS N   CA   sing N N 194 
LYS N   H    sing N N 195 
LYS N   H2   sing N N 196 
LYS CA  C    sing N N 197 
LYS CA  CB   sing N N 198 
LYS CA  HA   sing N N 199 
LYS C   O    doub N N 200 
LYS C   OXT  sing N N 201 
LYS CB  CG   sing N N 202 
LYS CB  HB2  sing N N 203 
LYS CB  HB3  sing N N 204 
LYS CG  CD   sing N N 205 
LYS CG  HG2  sing N N 206 
LYS CG  HG3  sing N N 207 
LYS CD  CE   sing N N 208 
LYS CD  HD2  sing N N 209 
LYS CD  HD3  sing N N 210 
LYS CE  NZ   sing N N 211 
LYS CE  HE2  sing N N 212 
LYS CE  HE3  sing N N 213 
LYS NZ  HZ1  sing N N 214 
LYS NZ  HZ2  sing N N 215 
LYS NZ  HZ3  sing N N 216 
LYS OXT HXT  sing N N 217 
MET N   CA   sing N N 218 
MET N   H    sing N N 219 
MET N   H2   sing N N 220 
MET CA  C    sing N N 221 
MET CA  CB   sing N N 222 
MET CA  HA   sing N N 223 
MET C   O    doub N N 224 
MET C   OXT  sing N N 225 
MET CB  CG   sing N N 226 
MET CB  HB2  sing N N 227 
MET CB  HB3  sing N N 228 
MET CG  SD   sing N N 229 
MET CG  HG2  sing N N 230 
MET CG  HG3  sing N N 231 
MET SD  CE   sing N N 232 
MET CE  HE1  sing N N 233 
MET CE  HE2  sing N N 234 
MET CE  HE3  sing N N 235 
MET OXT HXT  sing N N 236 
PHE N   CA   sing N N 237 
PHE N   H    sing N N 238 
PHE N   H2   sing N N 239 
PHE CA  C    sing N N 240 
PHE CA  CB   sing N N 241 
PHE CA  HA   sing N N 242 
PHE C   O    doub N N 243 
PHE C   OXT  sing N N 244 
PHE CB  CG   sing N N 245 
PHE CB  HB2  sing N N 246 
PHE CB  HB3  sing N N 247 
PHE CG  CD1  doub Y N 248 
PHE CG  CD2  sing Y N 249 
PHE CD1 CE1  sing Y N 250 
PHE CD1 HD1  sing N N 251 
PHE CD2 CE2  doub Y N 252 
PHE CD2 HD2  sing N N 253 
PHE CE1 CZ   doub Y N 254 
PHE CE1 HE1  sing N N 255 
PHE CE2 CZ   sing Y N 256 
PHE CE2 HE2  sing N N 257 
PHE CZ  HZ   sing N N 258 
PHE OXT HXT  sing N N 259 
PRO N   CA   sing N N 260 
PRO N   CD   sing N N 261 
PRO N   H    sing N N 262 
PRO CA  C    sing N N 263 
PRO CA  CB   sing N N 264 
PRO CA  HA   sing N N 265 
PRO C   O    doub N N 266 
PRO C   OXT  sing N N 267 
PRO CB  CG   sing N N 268 
PRO CB  HB2  sing N N 269 
PRO CB  HB3  sing N N 270 
PRO CG  CD   sing N N 271 
PRO CG  HG2  sing N N 272 
PRO CG  HG3  sing N N 273 
PRO CD  HD2  sing N N 274 
PRO CD  HD3  sing N N 275 
PRO OXT HXT  sing N N 276 
SER N   CA   sing N N 277 
SER N   H    sing N N 278 
SER N   H2   sing N N 279 
SER CA  C    sing N N 280 
SER CA  CB   sing N N 281 
SER CA  HA   sing N N 282 
SER C   O    doub N N 283 
SER C   OXT  sing N N 284 
SER CB  OG   sing N N 285 
SER CB  HB2  sing N N 286 
SER CB  HB3  sing N N 287 
SER OG  HG   sing N N 288 
SER OXT HXT  sing N N 289 
THR N   CA   sing N N 290 
THR N   H    sing N N 291 
THR N   H2   sing N N 292 
THR CA  C    sing N N 293 
THR CA  CB   sing N N 294 
THR CA  HA   sing N N 295 
THR C   O    doub N N 296 
THR C   OXT  sing N N 297 
THR CB  OG1  sing N N 298 
THR CB  CG2  sing N N 299 
THR CB  HB   sing N N 300 
THR OG1 HG1  sing N N 301 
THR CG2 HG21 sing N N 302 
THR CG2 HG22 sing N N 303 
THR CG2 HG23 sing N N 304 
THR OXT HXT  sing N N 305 
TRP N   CA   sing N N 306 
TRP N   H    sing N N 307 
TRP N   H2   sing N N 308 
TRP CA  C    sing N N 309 
TRP CA  CB   sing N N 310 
TRP CA  HA   sing N N 311 
TRP C   O    doub N N 312 
TRP C   OXT  sing N N 313 
TRP CB  CG   sing N N 314 
TRP CB  HB2  sing N N 315 
TRP CB  HB3  sing N N 316 
TRP CG  CD1  doub Y N 317 
TRP CG  CD2  sing Y N 318 
TRP CD1 NE1  sing Y N 319 
TRP CD1 HD1  sing N N 320 
TRP CD2 CE2  doub Y N 321 
TRP CD2 CE3  sing Y N 322 
TRP NE1 CE2  sing Y N 323 
TRP NE1 HE1  sing N N 324 
TRP CE2 CZ2  sing Y N 325 
TRP CE3 CZ3  doub Y N 326 
TRP CE3 HE3  sing N N 327 
TRP CZ2 CH2  doub Y N 328 
TRP CZ2 HZ2  sing N N 329 
TRP CZ3 CH2  sing Y N 330 
TRP CZ3 HZ3  sing N N 331 
TRP CH2 HH2  sing N N 332 
TRP OXT HXT  sing N N 333 
TYR N   CA   sing N N 334 
TYR N   H    sing N N 335 
TYR N   H2   sing N N 336 
TYR CA  C    sing N N 337 
TYR CA  CB   sing N N 338 
TYR CA  HA   sing N N 339 
TYR C   O    doub N N 340 
TYR C   OXT  sing N N 341 
TYR CB  CG   sing N N 342 
TYR CB  HB2  sing N N 343 
TYR CB  HB3  sing N N 344 
TYR CG  CD1  doub Y N 345 
TYR CG  CD2  sing Y N 346 
TYR CD1 CE1  sing Y N 347 
TYR CD1 HD1  sing N N 348 
TYR CD2 CE2  doub Y N 349 
TYR CD2 HD2  sing N N 350 
TYR CE1 CZ   doub Y N 351 
TYR CE1 HE1  sing N N 352 
TYR CE2 CZ   sing Y N 353 
TYR CE2 HE2  sing N N 354 
TYR CZ  OH   sing N N 355 
TYR OH  HH   sing N N 356 
TYR OXT HXT  sing N N 357 
VAL N   CA   sing N N 358 
VAL N   H    sing N N 359 
VAL N   H2   sing N N 360 
VAL CA  C    sing N N 361 
VAL CA  CB   sing N N 362 
VAL CA  HA   sing N N 363 
VAL C   O    doub N N 364 
VAL C   OXT  sing N N 365 
VAL CB  CG1  sing N N 366 
VAL CB  CG2  sing N N 367 
VAL CB  HB   sing N N 368 
VAL CG1 HG11 sing N N 369 
VAL CG1 HG12 sing N N 370 
VAL CG1 HG13 sing N N 371 
VAL CG2 HG21 sing N N 372 
VAL CG2 HG22 sing N N 373 
VAL CG2 HG23 sing N N 374 
VAL OXT HXT  sing N N 375 
# 
_pdbx_initial_refinement_model.id               1 
_pdbx_initial_refinement_model.entity_id_list   ? 
_pdbx_initial_refinement_model.type             'experimental model' 
_pdbx_initial_refinement_model.source_name      PDB 
_pdbx_initial_refinement_model.accession_code   1XYH 
_pdbx_initial_refinement_model.details          'PDB ENTRY 1XYH' 
# 
_atom_sites.entry_id                    2OK3 
_atom_sites.fract_transf_matrix[1][1]   -0.02043347 
_atom_sites.fract_transf_matrix[1][2]   0.00393517 
_atom_sites.fract_transf_matrix[1][3]   -0.01941207 
_atom_sites.fract_transf_matrix[2][1]   -0.02109403 
_atom_sites.fract_transf_matrix[2][2]   -0.01893735 
_atom_sites.fract_transf_matrix[2][3]   -0.00249393 
_atom_sites.fract_transf_matrix[3][1]   -0.00315311 
_atom_sites.fract_transf_matrix[3][2]   0.00299514 
_atom_sites.fract_transf_matrix[3][3]   0.00392618 
_atom_sites.fract_transf_vector[1]      0.557020 
_atom_sites.fract_transf_vector[2]      0.199929 
_atom_sites.fract_transf_vector[3]      0.084448 
# 
loop_
_atom_type.symbol 
C  
N  
NI 
O  
S  
# 
loop_
_atom_site.group_PDB 
_atom_site.id 
_atom_site.type_symbol 
_atom_site.label_atom_id 
_atom_site.label_alt_id 
_atom_site.label_comp_id 
_atom_site.label_asym_id 
_atom_site.label_entity_id 
_atom_site.label_seq_id 
_atom_site.pdbx_PDB_ins_code 
_atom_site.Cartn_x 
_atom_site.Cartn_y 
_atom_site.Cartn_z 
_atom_site.occupancy 
_atom_site.B_iso_or_equiv 
_atom_site.pdbx_formal_charge 
_atom_site.auth_seq_id 
_atom_site.auth_comp_id 
_atom_site.auth_asym_id 
_atom_site.auth_atom_id 
_atom_site.pdbx_PDB_model_num 
ATOM   1    N  N   . MET A 1 1   ? 5.437   10.379  -10.482 1.00 43.12 ? 1   MET A N   1 
ATOM   2    C  CA  . MET A 1 1   ? 5.767   10.685  -9.062  1.00 42.49 ? 1   MET A CA  1 
ATOM   3    C  C   . MET A 1 1   ? 6.086   9.419   -8.282  1.00 40.53 ? 1   MET A C   1 
ATOM   4    O  O   . MET A 1 1   ? 5.687   8.321   -8.671  1.00 40.03 ? 1   MET A O   1 
ATOM   5    C  CB  . MET A 1 1   ? 4.599   11.412  -8.395  1.00 44.81 ? 1   MET A CB  1 
ATOM   6    C  CG  . MET A 1 1   ? 4.287   12.760  -9.009  1.00 48.19 ? 1   MET A CG  1 
ATOM   7    S  SD  . MET A 1 1   ? 3.037   13.650  -8.078  1.00 53.19 ? 1   MET A SD  1 
ATOM   8    C  CE  . MET A 1 1   ? 4.070   14.467  -6.815  1.00 51.46 ? 1   MET A CE  1 
ATOM   9    N  N   . SER A 1 2   ? 6.804   9.575   -7.176  1.00 38.24 ? 2   SER A N   1 
ATOM   10   C  CA  . SER A 1 2   ? 7.165   8.429   -6.353  1.00 36.64 ? 2   SER A CA  1 
ATOM   11   C  C   . SER A 1 2   ? 7.302   8.801   -4.885  1.00 34.78 ? 2   SER A C   1 
ATOM   12   O  O   . SER A 1 2   ? 7.465   9.973   -4.537  1.00 33.78 ? 2   SER A O   1 
ATOM   13   C  CB  . SER A 1 2   ? 8.480   7.821   -6.851  1.00 37.34 ? 2   SER A CB  1 
ATOM   14   O  OG  . SER A 1 2   ? 9.553   8.736   -6.700  1.00 38.68 ? 2   SER A OG  1 
ATOM   15   N  N   . VAL A 1 3   ? 7.224   7.792   -4.027  1.00 32.97 ? 3   VAL A N   1 
ATOM   16   C  CA  . VAL A 1 3   ? 7.363   7.988   -2.593  1.00 31.58 ? 3   VAL A CA  1 
ATOM   17   C  C   . VAL A 1 3   ? 8.278   6.893   -2.061  1.00 30.97 ? 3   VAL A C   1 
ATOM   18   O  O   . VAL A 1 3   ? 8.412   5.834   -2.673  1.00 30.15 ? 3   VAL A O   1 
ATOM   19   C  CB  . VAL A 1 3   ? 5.997   7.883   -1.852  1.00 31.64 ? 3   VAL A CB  1 
ATOM   20   C  CG1 . VAL A 1 3   ? 4.974   8.814   -2.488  1.00 30.09 ? 3   VAL A CG1 1 
ATOM   21   C  CG2 . VAL A 1 3   ? 5.496   6.440   -1.865  1.00 30.67 ? 3   VAL A CG2 1 
ATOM   22   N  N   . THR A 1 4   ? 8.923   7.155   -0.935  1.00 30.42 ? 4   THR A N   1 
ATOM   23   C  CA  . THR A 1 4   ? 9.782   6.155   -0.327  1.00 30.41 ? 4   THR A CA  1 
ATOM   24   C  C   . THR A 1 4   ? 9.315   5.903   1.095   1.00 29.98 ? 4   THR A C   1 
ATOM   25   O  O   . THR A 1 4   ? 9.270   6.815   1.926   1.00 29.48 ? 4   THR A O   1 
ATOM   26   C  CB  . THR A 1 4   ? 11.260  6.593   -0.316  1.00 30.60 ? 4   THR A CB  1 
ATOM   27   O  OG1 . THR A 1 4   ? 11.764  6.589   -1.657  1.00 31.47 ? 4   THR A OG1 1 
ATOM   28   C  CG2 . THR A 1 4   ? 12.094  5.642   0.527   1.00 30.13 ? 4   THR A CG2 1 
ATOM   29   N  N   . LEU A 1 5   ? 8.936   4.659   1.364   1.00 29.60 ? 5   LEU A N   1 
ATOM   30   C  CA  . LEU A 1 5   ? 8.483   4.278   2.690   1.00 29.75 ? 5   LEU A CA  1 
ATOM   31   C  C   . LEU A 1 5   ? 9.712   3.892   3.504   1.00 29.87 ? 5   LEU A C   1 
ATOM   32   O  O   . LEU A 1 5   ? 10.460  2.997   3.114   1.00 29.43 ? 5   LEU A O   1 
ATOM   33   C  CB  . LEU A 1 5   ? 7.533   3.078   2.613   1.00 30.08 ? 5   LEU A CB  1 
ATOM   34   C  CG  . LEU A 1 5   ? 6.320   3.126   1.679   1.00 31.10 ? 5   LEU A CG  1 
ATOM   35   C  CD1 . LEU A 1 5   ? 5.562   1.809   1.807   1.00 31.81 ? 5   LEU A CD1 1 
ATOM   36   C  CD2 . LEU A 1 5   ? 5.408   4.294   2.026   1.00 30.56 ? 5   LEU A CD2 1 
ATOM   37   N  N   . HIS A 1 6   ? 9.929   4.580   4.619   1.00 30.19 ? 6   HIS A N   1 
ATOM   38   C  CA  . HIS A 1 6   ? 11.060  4.284   5.493   1.00 31.25 ? 6   HIS A CA  1 
ATOM   39   C  C   . HIS A 1 6   ? 10.509  3.387   6.587   1.00 30.65 ? 6   HIS A C   1 
ATOM   40   O  O   . HIS A 1 6   ? 9.817   3.857   7.485   1.00 31.40 ? 6   HIS A O   1 
ATOM   41   C  CB  . HIS A 1 6   ? 11.621  5.573   6.100   1.00 31.65 ? 6   HIS A CB  1 
ATOM   42   C  CG  . HIS A 1 6   ? 12.067  6.572   5.080   1.00 33.63 ? 6   HIS A CG  1 
ATOM   43   N  ND1 . HIS A 1 6   ? 13.380  6.971   4.953   1.00 34.77 ? 6   HIS A ND1 1 
ATOM   44   C  CD2 . HIS A 1 6   ? 11.379  7.234   4.119   1.00 34.73 ? 6   HIS A CD2 1 
ATOM   45   C  CE1 . HIS A 1 6   ? 13.482  7.832   3.956   1.00 35.42 ? 6   HIS A CE1 1 
ATOM   46   N  NE2 . HIS A 1 6   ? 12.282  8.009   3.434   1.00 35.73 ? 6   HIS A NE2 1 
ATOM   47   N  N   . THR A 1 7   ? 10.804  2.095   6.502   1.00 30.97 ? 7   THR A N   1 
ATOM   48   C  CA  . THR A 1 7   ? 10.297  1.141   7.481   1.00 30.97 ? 7   THR A CA  1 
ATOM   49   C  C   . THR A 1 7   ? 11.375  0.657   8.437   1.00 31.73 ? 7   THR A C   1 
ATOM   50   O  O   . THR A 1 7   ? 12.561  0.949   8.261   1.00 32.03 ? 7   THR A O   1 
ATOM   51   C  CB  . THR A 1 7   ? 9.702   -0.098  6.795   1.00 30.08 ? 7   THR A CB  1 
ATOM   52   O  OG1 . THR A 1 7   ? 10.760  -0.996  6.429   1.00 29.61 ? 7   THR A OG1 1 
ATOM   53   C  CG2 . THR A 1 7   ? 8.936   0.302   5.543   1.00 28.05 ? 7   THR A CG2 1 
ATOM   54   N  N   . ASP A 1 8   ? 10.945  -0.094  9.446   1.00 32.17 ? 8   ASP A N   1 
ATOM   55   C  CA  . ASP A 1 8   ? 11.850  -0.646  10.443  1.00 32.66 ? 8   ASP A CA  1 
ATOM   56   C  C   . ASP A 1 8   ? 12.812  -1.633  9.799   1.00 32.91 ? 8   ASP A C   1 
ATOM   57   O  O   . ASP A 1 8   ? 13.897  -1.883  10.324  1.00 33.80 ? 8   ASP A O   1 
ATOM   58   C  CB  . ASP A 1 8   ? 11.049  -1.342  11.549  1.00 32.23 ? 8   ASP A CB  1 
ATOM   59   C  CG  . ASP A 1 8   ? 10.272  -0.361  12.404  1.00 32.86 ? 8   ASP A CG  1 
ATOM   60   O  OD1 . ASP A 1 8   ? 9.357   -0.796  13.136  1.00 32.43 ? 8   ASP A OD1 1 
ATOM   61   O  OD2 . ASP A 1 8   ? 10.580  0.848   12.351  1.00 33.49 ? 8   ASP A OD2 1 
ATOM   62   N  N   . VAL A 1 9   ? 12.419  -2.188  8.657   1.00 32.12 ? 9   VAL A N   1 
ATOM   63   C  CA  . VAL A 1 9   ? 13.267  -3.152  7.972   1.00 32.38 ? 9   VAL A CA  1 
ATOM   64   C  C   . VAL A 1 9   ? 13.845  -2.648  6.656   1.00 32.54 ? 9   VAL A C   1 
ATOM   65   O  O   . VAL A 1 9   ? 14.318  -3.436  5.838   1.00 33.47 ? 9   VAL A O   1 
ATOM   66   C  CB  . VAL A 1 9   ? 12.513  -4.479  7.710   1.00 32.95 ? 9   VAL A CB  1 
ATOM   67   C  CG1 . VAL A 1 9   ? 12.130  -5.123  9.035   1.00 33.06 ? 9   VAL A CG1 1 
ATOM   68   C  CG2 . VAL A 1 9   ? 11.276  -4.229  6.863   1.00 32.73 ? 9   VAL A CG2 1 
ATOM   69   N  N   . GLY A 1 10  ? 13.822  -1.336  6.449   1.00 32.21 ? 10  GLY A N   1 
ATOM   70   C  CA  . GLY A 1 10  ? 14.362  -0.794  5.220   1.00 31.47 ? 10  GLY A CA  1 
ATOM   71   C  C   . GLY A 1 10  ? 13.404  0.118   4.480   1.00 31.50 ? 10  GLY A C   1 
ATOM   72   O  O   . GLY A 1 10  ? 12.263  0.323   4.903   1.00 30.53 ? 10  GLY A O   1 
ATOM   73   N  N   . ASP A 1 11  ? 13.872  0.664   3.362   1.00 30.93 ? 11  ASP A N   1 
ATOM   74   C  CA  . ASP A 1 11  ? 13.065  1.573   2.563   1.00 31.31 ? 11  ASP A CA  1 
ATOM   75   C  C   . ASP A 1 11  ? 12.485  0.899   1.334   1.00 30.64 ? 11  ASP A C   1 
ATOM   76   O  O   . ASP A 1 11  ? 13.059  -0.052  0.794   1.00 31.33 ? 11  ASP A O   1 
ATOM   77   C  CB  . ASP A 1 11  ? 13.895  2.790   2.138   1.00 32.13 ? 11  ASP A CB  1 
ATOM   78   C  CG  . ASP A 1 11  ? 14.413  3.579   3.326   1.00 32.73 ? 11  ASP A CG  1 
ATOM   79   O  OD1 . ASP A 1 11  ? 13.950  3.311   4.453   1.00 32.08 ? 11  ASP A OD1 1 
ATOM   80   O  OD2 . ASP A 1 11  ? 15.271  4.468   3.132   1.00 33.97 ? 11  ASP A OD2 1 
ATOM   81   N  N   . ILE A 1 12  ? 11.336  1.408   0.904   1.00 29.73 ? 12  ILE A N   1 
ATOM   82   C  CA  . ILE A 1 12  ? 10.629  0.891   -0.255  1.00 28.90 ? 12  ILE A CA  1 
ATOM   83   C  C   . ILE A 1 12  ? 10.190  2.054   -1.126  1.00 27.90 ? 12  ILE A C   1 
ATOM   84   O  O   . ILE A 1 12  ? 9.353   2.854   -0.712  1.00 26.82 ? 12  ILE A O   1 
ATOM   85   C  CB  . ILE A 1 12  ? 9.359   0.120   0.158   1.00 29.58 ? 12  ILE A CB  1 
ATOM   86   C  CG1 . ILE A 1 12  ? 9.724   -1.013  1.115   1.00 30.01 ? 12  ILE A CG1 1 
ATOM   87   C  CG2 . ILE A 1 12  ? 8.654   -0.421  -1.092  1.00 29.75 ? 12  ILE A CG2 1 
ATOM   88   C  CD1 . ILE A 1 12  ? 8.521   -1.757  1.682   1.00 32.16 ? 12  ILE A CD1 1 
ATOM   89   N  N   . LYS A 1 13  ? 10.750  2.150   -2.328  1.00 27.53 ? 13  LYS A N   1 
ATOM   90   C  CA  . LYS A 1 13  ? 10.375  3.231   -3.230  1.00 27.39 ? 13  LYS A CA  1 
ATOM   91   C  C   . LYS A 1 13  ? 9.250   2.751   -4.124  1.00 26.51 ? 13  LYS A C   1 
ATOM   92   O  O   . LYS A 1 13  ? 9.354   1.712   -4.773  1.00 25.61 ? 13  LYS A O   1 
ATOM   93   C  CB  . LYS A 1 13  ? 11.564  3.682   -4.085  1.00 28.80 ? 13  LYS A CB  1 
ATOM   94   C  CG  . LYS A 1 13  ? 11.289  4.972   -4.863  1.00 29.14 ? 13  LYS A CG  1 
ATOM   95   C  CD  . LYS A 1 13  ? 12.527  5.447   -5.609  1.00 31.74 ? 13  LYS A CD  1 
ATOM   96   C  CE  . LYS A 1 13  ? 12.300  6.803   -6.266  1.00 33.10 ? 13  LYS A CE  1 
ATOM   97   N  NZ  . LYS A 1 13  ? 13.516  7.265   -6.997  1.00 35.12 ? 13  LYS A NZ  1 
ATOM   98   N  N   . ILE A 1 14  ? 8.172   3.523   -4.151  1.00 26.38 ? 14  ILE A N   1 
ATOM   99   C  CA  . ILE A 1 14  ? 6.996   3.181   -4.931  1.00 26.86 ? 14  ILE A CA  1 
ATOM   100  C  C   . ILE A 1 14  ? 6.642   4.269   -5.930  1.00 27.87 ? 14  ILE A C   1 
ATOM   101  O  O   . ILE A 1 14  ? 6.520   5.443   -5.571  1.00 28.11 ? 14  ILE A O   1 
ATOM   102  C  CB  . ILE A 1 14  ? 5.777   2.966   -4.008  1.00 26.14 ? 14  ILE A CB  1 
ATOM   103  C  CG1 . ILE A 1 14  ? 6.084   1.868   -2.986  1.00 25.66 ? 14  ILE A CG1 1 
ATOM   104  C  CG2 . ILE A 1 14  ? 4.544   2.604   -4.838  1.00 25.02 ? 14  ILE A CG2 1 
ATOM   105  C  CD1 . ILE A 1 14  ? 5.026   1.735   -1.900  1.00 26.96 ? 14  ILE A CD1 1 
ATOM   106  N  N   . GLU A 1 15  ? 6.487   3.875   -7.187  1.00 28.45 ? 15  GLU A N   1 
ATOM   107  C  CA  . GLU A 1 15  ? 6.109   4.814   -8.229  1.00 30.51 ? 15  GLU A CA  1 
ATOM   108  C  C   . GLU A 1 15  ? 4.586   4.778   -8.301  1.00 30.38 ? 15  GLU A C   1 
ATOM   109  O  O   . GLU A 1 15  ? 3.990   3.700   -8.338  1.00 30.28 ? 15  GLU A O   1 
ATOM   110  C  CB  . GLU A 1 15  ? 6.717   4.394   -9.568  1.00 32.01 ? 15  GLU A CB  1 
ATOM   111  C  CG  . GLU A 1 15  ? 6.333   5.290   -10.732 1.00 36.27 ? 15  GLU A CG  1 
ATOM   112  C  CD  . GLU A 1 15  ? 7.069   4.928   -12.009 1.00 38.61 ? 15  GLU A CD  1 
ATOM   113  O  OE1 . GLU A 1 15  ? 6.983   3.753   -12.437 1.00 40.10 ? 15  GLU A OE1 1 
ATOM   114  O  OE2 . GLU A 1 15  ? 7.734   5.819   -12.583 1.00 40.32 ? 15  GLU A OE2 1 
ATOM   115  N  N   . VAL A 1 16  ? 3.957   5.948   -8.295  1.00 30.26 ? 16  VAL A N   1 
ATOM   116  C  CA  . VAL A 1 16  ? 2.500   6.022   -8.357  1.00 31.02 ? 16  VAL A CA  1 
ATOM   117  C  C   . VAL A 1 16  ? 2.043   6.459   -9.752  1.00 31.68 ? 16  VAL A C   1 
ATOM   118  O  O   . VAL A 1 16  ? 2.604   7.386   -10.338 1.00 31.04 ? 16  VAL A O   1 
ATOM   119  C  CB  . VAL A 1 16  ? 1.948   6.989   -7.287  1.00 31.31 ? 16  VAL A CB  1 
ATOM   120  C  CG1 . VAL A 1 16  ? 2.282   6.459   -5.901  1.00 32.03 ? 16  VAL A CG1 1 
ATOM   121  C  CG2 . VAL A 1 16  ? 2.544   8.372   -7.467  1.00 31.36 ? 16  VAL A CG2 1 
ATOM   122  N  N   . PHE A 1 17  ? 1.028   5.771   -10.273 1.00 32.00 ? 17  PHE A N   1 
ATOM   123  C  CA  . PHE A 1 17  ? 0.497   6.036   -11.609 1.00 33.18 ? 17  PHE A CA  1 
ATOM   124  C  C   . PHE A 1 17  ? -0.637  7.054   -11.585 1.00 33.54 ? 17  PHE A C   1 
ATOM   125  O  O   . PHE A 1 17  ? -1.802  6.709   -11.777 1.00 33.80 ? 17  PHE A O   1 
ATOM   126  C  CB  . PHE A 1 17  ? 0.002   4.726   -12.227 1.00 33.79 ? 17  PHE A CB  1 
ATOM   127  C  CG  . PHE A 1 17  ? 0.939   3.565   -12.015 1.00 34.40 ? 17  PHE A CG  1 
ATOM   128  C  CD1 . PHE A 1 17  ? 2.277   3.656   -12.389 1.00 35.62 ? 17  PHE A CD1 1 
ATOM   129  C  CD2 . PHE A 1 17  ? 0.483   2.383   -11.444 1.00 34.91 ? 17  PHE A CD2 1 
ATOM   130  C  CE1 . PHE A 1 17  ? 3.155   2.580   -12.194 1.00 36.14 ? 17  PHE A CE1 1 
ATOM   131  C  CE2 . PHE A 1 17  ? 1.344   1.301   -11.245 1.00 35.20 ? 17  PHE A CE2 1 
ATOM   132  C  CZ  . PHE A 1 17  ? 2.683   1.400   -11.621 1.00 35.93 ? 17  PHE A CZ  1 
ATOM   133  N  N   . CYS A 1 18  ? -0.283  8.312   -11.370 1.00 33.91 ? 18  CYS A N   1 
ATOM   134  C  CA  . CYS A 1 18  ? -1.269  9.378   -11.285 1.00 35.24 ? 18  CYS A CA  1 
ATOM   135  C  C   . CYS A 1 18  ? -2.080  9.658   -12.545 1.00 34.92 ? 18  CYS A C   1 
ATOM   136  O  O   . CYS A 1 18  ? -3.184  10.182  -12.460 1.00 34.68 ? 18  CYS A O   1 
ATOM   137  C  CB  . CYS A 1 18  ? -0.589  10.656  -10.799 1.00 36.19 ? 18  CYS A CB  1 
ATOM   138  S  SG  . CYS A 1 18  ? 0.081   10.455  -9.115  1.00 39.89 ? 18  CYS A SG  1 
ATOM   139  N  N   . GLU A 1 19  ? -1.554  9.296   -13.710 1.00 35.10 ? 19  GLU A N   1 
ATOM   140  C  CA  . GLU A 1 19  ? -2.283  9.540   -14.948 1.00 36.36 ? 19  GLU A CA  1 
ATOM   141  C  C   . GLU A 1 19  ? -3.449  8.576   -15.150 1.00 35.21 ? 19  GLU A C   1 
ATOM   142  O  O   . GLU A 1 19  ? -4.420  8.894   -15.840 1.00 35.39 ? 19  GLU A O   1 
ATOM   143  C  CB  . GLU A 1 19  ? -1.333  9.468   -16.143 1.00 38.97 ? 19  GLU A CB  1 
ATOM   144  C  CG  . GLU A 1 19  ? -0.219  10.499  -16.089 1.00 43.15 ? 19  GLU A CG  1 
ATOM   145  C  CD  . GLU A 1 19  ? -0.742  11.910  -15.852 1.00 46.14 ? 19  GLU A CD  1 
ATOM   146  O  OE1 . GLU A 1 19  ? -1.582  12.383  -16.651 1.00 47.40 ? 19  GLU A OE1 1 
ATOM   147  O  OE2 . GLU A 1 19  ? -0.311  12.547  -14.862 1.00 47.82 ? 19  GLU A OE2 1 
ATOM   148  N  N   . ARG A 1 20  ? -3.368  7.401   -14.538 1.00 33.74 ? 20  ARG A N   1 
ATOM   149  C  CA  . ARG A 1 20  ? -4.434  6.421   -14.683 1.00 33.02 ? 20  ARG A CA  1 
ATOM   150  C  C   . ARG A 1 20  ? -5.363  6.349   -13.479 1.00 31.15 ? 20  ARG A C   1 
ATOM   151  O  O   . ARG A 1 20  ? -6.533  6.002   -13.618 1.00 30.04 ? 20  ARG A O   1 
ATOM   152  C  CB  . ARG A 1 20  ? -3.840  5.042   -14.964 1.00 34.32 ? 20  ARG A CB  1 
ATOM   153  C  CG  . ARG A 1 20  ? -3.046  5.006   -16.254 1.00 36.79 ? 20  ARG A CG  1 
ATOM   154  C  CD  . ARG A 1 20  ? -2.659  3.597   -16.647 1.00 37.92 ? 20  ARG A CD  1 
ATOM   155  N  NE  . ARG A 1 20  ? -2.021  3.590   -17.958 1.00 39.54 ? 20  ARG A NE  1 
ATOM   156  C  CZ  . ARG A 1 20  ? -2.593  4.046   -19.070 1.00 39.69 ? 20  ARG A CZ  1 
ATOM   157  N  NH1 . ARG A 1 20  ? -3.823  4.546   -19.037 1.00 40.45 ? 20  ARG A NH1 1 
ATOM   158  N  NH2 . ARG A 1 20  ? -1.927  4.012   -20.216 1.00 39.91 ? 20  ARG A NH2 1 
ATOM   159  N  N   . THR A 1 21  ? -4.834  6.676   -12.303 1.00 29.25 ? 21  THR A N   1 
ATOM   160  C  CA  . THR A 1 21  ? -5.607  6.651   -11.065 1.00 28.46 ? 21  THR A CA  1 
ATOM   161  C  C   . THR A 1 21  ? -5.375  7.970   -10.323 1.00 28.17 ? 21  THR A C   1 
ATOM   162  O  O   . THR A 1 21  ? -4.750  8.006   -9.256  1.00 27.40 ? 21  THR A O   1 
ATOM   163  C  CB  . THR A 1 21  ? -5.178  5.452   -10.182 1.00 28.14 ? 21  THR A CB  1 
ATOM   164  O  OG1 . THR A 1 21  ? -3.777  5.541   -9.887  1.00 28.10 ? 21  THR A OG1 1 
ATOM   165  C  CG2 . THR A 1 21  ? -5.441  4.145   -10.911 1.00 26.77 ? 21  THR A CG2 1 
ATOM   166  N  N   . PRO A 1 22  ? -5.885  9.079   -10.889 1.00 27.56 ? 22  PRO A N   1 
ATOM   167  C  CA  . PRO A 1 22  ? -5.754  10.427  -10.327 1.00 27.01 ? 22  PRO A CA  1 
ATOM   168  C  C   . PRO A 1 22  ? -6.251  10.628  -8.899  1.00 26.35 ? 22  PRO A C   1 
ATOM   169  O  O   . PRO A 1 22  ? -5.541  11.210  -8.080  1.00 25.45 ? 22  PRO A O   1 
ATOM   170  C  CB  . PRO A 1 22  ? -6.499  11.301  -11.338 1.00 27.13 ? 22  PRO A CB  1 
ATOM   171  C  CG  . PRO A 1 22  ? -7.538  10.374  -11.890 1.00 27.65 ? 22  PRO A CG  1 
ATOM   172  C  CD  . PRO A 1 22  ? -6.764  9.091   -12.075 1.00 27.83 ? 22  PRO A CD  1 
ATOM   173  N  N   . LYS A 1 23  ? -7.459  10.164  -8.598  1.00 25.55 ? 23  LYS A N   1 
ATOM   174  C  CA  . LYS A 1 23  ? -8.002  10.332  -7.252  1.00 26.44 ? 23  LYS A CA  1 
ATOM   175  C  C   . LYS A 1 23  ? -7.254  9.480   -6.231  1.00 26.17 ? 23  LYS A C   1 
ATOM   176  O  O   . LYS A 1 23  ? -6.987  9.928   -5.115  1.00 24.65 ? 23  LYS A O   1 
ATOM   177  C  CB  . LYS A 1 23  ? -9.489  9.975   -7.218  1.00 27.25 ? 23  LYS A CB  1 
ATOM   178  C  CG  . LYS A 1 23  ? -10.352 10.782  -8.175  1.00 29.01 ? 23  LYS A CG  1 
ATOM   179  C  CD  . LYS A 1 23  ? -10.215 12.275  -7.942  1.00 31.44 ? 23  LYS A CD  1 
ATOM   180  C  CE  . LYS A 1 23  ? -11.094 13.058  -8.921  1.00 33.40 ? 23  LYS A CE  1 
ATOM   181  N  NZ  . LYS A 1 23  ? -10.795 14.518  -8.886  1.00 34.49 ? 23  LYS A NZ  1 
ATOM   182  N  N   . THR A 1 24  ? -6.927  8.249   -6.613  1.00 25.41 ? 24  THR A N   1 
ATOM   183  C  CA  . THR A 1 24  ? -6.204  7.352   -5.720  1.00 25.51 ? 24  THR A CA  1 
ATOM   184  C  C   . THR A 1 24  ? -4.832  7.946   -5.432  1.00 26.42 ? 24  THR A C   1 
ATOM   185  O  O   . THR A 1 24  ? -4.325  7.857   -4.315  1.00 26.54 ? 24  THR A O   1 
ATOM   186  C  CB  . THR A 1 24  ? -6.042  5.965   -6.345  1.00 23.91 ? 24  THR A CB  1 
ATOM   187  O  OG1 . THR A 1 24  ? -7.328  5.466   -6.716  1.00 22.79 ? 24  THR A OG1 1 
ATOM   188  C  CG2 . THR A 1 24  ? -5.402  5.003   -5.354  1.00 23.98 ? 24  THR A CG2 1 
ATOM   189  N  N   . CYS A 1 25  ? -4.241  8.559   -6.453  1.00 27.91 ? 25  CYS A N   1 
ATOM   190  C  CA  . CYS A 1 25  ? -2.937  9.198   -6.334  1.00 29.29 ? 25  CYS A CA  1 
ATOM   191  C  C   . CYS A 1 25  ? -3.026  10.384  -5.386  1.00 28.42 ? 25  CYS A C   1 
ATOM   192  O  O   . CYS A 1 25  ? -2.236  10.507  -4.451  1.00 28.15 ? 25  CYS A O   1 
ATOM   193  C  CB  . CYS A 1 25  ? -2.478  9.699   -7.700  1.00 33.22 ? 25  CYS A CB  1 
ATOM   194  S  SG  . CYS A 1 25  ? -0.997  8.895   -8.376  1.00 40.64 ? 25  CYS A SG  1 
ATOM   195  N  N   . GLU A 1 26  ? -3.980  11.272  -5.646  1.00 27.61 ? 26  GLU A N   1 
ATOM   196  C  CA  . GLU A 1 26  ? -4.168  12.453  -4.810  1.00 26.74 ? 26  GLU A CA  1 
ATOM   197  C  C   . GLU A 1 26  ? -4.316  12.047  -3.347  1.00 25.37 ? 26  GLU A C   1 
ATOM   198  O  O   . GLU A 1 26  ? -3.666  12.606  -2.466  1.00 24.10 ? 26  GLU A O   1 
ATOM   199  C  CB  . GLU A 1 26  ? -5.417  13.235  -5.245  1.00 27.54 ? 26  GLU A CB  1 
ATOM   200  C  CG  . GLU A 1 26  ? -5.668  14.484  -4.403  1.00 29.42 ? 26  GLU A CG  1 
ATOM   201  C  CD  . GLU A 1 26  ? -6.912  15.256  -4.808  1.00 30.96 ? 26  GLU A CD  1 
ATOM   202  O  OE1 . GLU A 1 26  ? -7.217  16.262  -4.136  1.00 32.95 ? 26  GLU A OE1 1 
ATOM   203  O  OE2 . GLU A 1 26  ? -7.584  14.870  -5.786  1.00 31.81 ? 26  GLU A OE2 1 
ATOM   204  N  N   . ASN A 1 27  ? -5.176  11.070  -3.096  1.00 23.60 ? 27  ASN A N   1 
ATOM   205  C  CA  . ASN A 1 27  ? -5.412  10.606  -1.738  1.00 23.14 ? 27  ASN A CA  1 
ATOM   206  C  C   . ASN A 1 27  ? -4.138  10.119  -1.075  1.00 22.09 ? 27  ASN A C   1 
ATOM   207  O  O   . ASN A 1 27  ? -3.750  10.601  -0.004  1.00 21.61 ? 27  ASN A O   1 
ATOM   208  C  CB  . ASN A 1 27  ? -6.440  9.476   -1.734  1.00 22.79 ? 27  ASN A CB  1 
ATOM   209  C  CG  . ASN A 1 27  ? -6.706  8.944   -0.336  1.00 22.64 ? 27  ASN A CG  1 
ATOM   210  O  OD1 . ASN A 1 27  ? -7.189  9.672   0.532   1.00 22.56 ? 27  ASN A OD1 1 
ATOM   211  N  ND2 . ASN A 1 27  ? -6.380  7.671   -0.111  1.00 21.81 ? 27  ASN A ND2 1 
ATOM   212  N  N   . PHE A 1 28  ? -3.496  9.152   -1.718  1.00 21.59 ? 28  PHE A N   1 
ATOM   213  C  CA  . PHE A 1 28  ? -2.270  8.560   -1.210  1.00 22.06 ? 28  PHE A CA  1 
ATOM   214  C  C   . PHE A 1 28  ? -1.191  9.588   -0.901  1.00 22.30 ? 28  PHE A C   1 
ATOM   215  O  O   . PHE A 1 28  ? -0.629  9.594   0.197   1.00 21.81 ? 28  PHE A O   1 
ATOM   216  C  CB  . PHE A 1 28  ? -1.722  7.548   -2.214  1.00 21.25 ? 28  PHE A CB  1 
ATOM   217  C  CG  . PHE A 1 28  ? -0.513  6.805   -1.724  1.00 22.13 ? 28  PHE A CG  1 
ATOM   218  C  CD1 . PHE A 1 28  ? -0.626  5.862   -0.704  1.00 21.29 ? 28  PHE A CD1 1 
ATOM   219  C  CD2 . PHE A 1 28  ? 0.740   7.052   -2.278  1.00 21.71 ? 28  PHE A CD2 1 
ATOM   220  C  CE1 . PHE A 1 28  ? 0.492   5.173   -0.246  1.00 22.08 ? 28  PHE A CE1 1 
ATOM   221  C  CE2 . PHE A 1 28  ? 1.868   6.368   -1.825  1.00 22.06 ? 28  PHE A CE2 1 
ATOM   222  C  CZ  . PHE A 1 28  ? 1.742   5.425   -0.807  1.00 22.53 ? 28  PHE A CZ  1 
ATOM   223  N  N   . LEU A 1 29  ? -0.904  10.456  -1.865  1.00 22.43 ? 29  LEU A N   1 
ATOM   224  C  CA  . LEU A 1 29  ? 0.128   11.469  -1.682  1.00 23.65 ? 29  LEU A CA  1 
ATOM   225  C  C   . LEU A 1 29  ? -0.223  12.458  -0.573  1.00 23.57 ? 29  LEU A C   1 
ATOM   226  O  O   . LEU A 1 29  ? 0.656   12.895  0.168   1.00 25.00 ? 29  LEU A O   1 
ATOM   227  C  CB  . LEU A 1 29  ? 0.382   12.211  -3.004  1.00 23.37 ? 29  LEU A CB  1 
ATOM   228  C  CG  . LEU A 1 29  ? 0.960   11.330  -4.121  1.00 24.19 ? 29  LEU A CG  1 
ATOM   229  C  CD1 . LEU A 1 29  ? 1.037   12.116  -5.428  1.00 24.60 ? 29  LEU A CD1 1 
ATOM   230  C  CD2 . LEU A 1 29  ? 2.339   10.834  -3.711  1.00 23.47 ? 29  LEU A CD2 1 
ATOM   231  N  N   . ALA A 1 30  ? -1.504  12.804  -0.463  1.00 24.13 ? 30  ALA A N   1 
ATOM   232  C  CA  . ALA A 1 30  ? -1.976  13.729  0.569   1.00 24.17 ? 30  ALA A CA  1 
ATOM   233  C  C   . ALA A 1 30  ? -1.790  13.116  1.953   1.00 24.67 ? 30  ALA A C   1 
ATOM   234  O  O   . ALA A 1 30  ? -1.376  13.794  2.896   1.00 24.45 ? 30  ALA A O   1 
ATOM   235  C  CB  . ALA A 1 30  ? -3.444  14.054  0.350   1.00 23.92 ? 30  ALA A CB  1 
ATOM   236  N  N   . LEU A 1 31  ? -2.108  11.831  2.076   1.00 23.85 ? 31  LEU A N   1 
ATOM   237  C  CA  . LEU A 1 31  ? -1.958  11.156  3.356   1.00 23.86 ? 31  LEU A CA  1 
ATOM   238  C  C   . LEU A 1 31  ? -0.476  11.041  3.675   1.00 24.31 ? 31  LEU A C   1 
ATOM   239  O  O   . LEU A 1 31  ? -0.063  11.280  4.805   1.00 25.01 ? 31  LEU A O   1 
ATOM   240  C  CB  . LEU A 1 31  ? -2.619  9.777   3.314   1.00 23.50 ? 31  LEU A CB  1 
ATOM   241  C  CG  . LEU A 1 31  ? -4.139  9.827   3.114   1.00 24.08 ? 31  LEU A CG  1 
ATOM   242  C  CD1 . LEU A 1 31  ? -4.698  8.414   3.008   1.00 24.26 ? 31  LEU A CD1 1 
ATOM   243  C  CD2 . LEU A 1 31  ? -4.784  10.569  4.277   1.00 23.92 ? 31  LEU A CD2 1 
ATOM   244  N  N   . CYS A 1 32  ? 0.325   10.687  2.675   1.00 24.65 ? 32  CYS A N   1 
ATOM   245  C  CA  . CYS A 1 32  ? 1.771   10.570  2.861   1.00 25.99 ? 32  CYS A CA  1 
ATOM   246  C  C   . CYS A 1 32  ? 2.354   11.901  3.328   1.00 26.20 ? 32  CYS A C   1 
ATOM   247  O  O   . CYS A 1 32  ? 3.088   11.960  4.314   1.00 27.35 ? 32  CYS A O   1 
ATOM   248  C  CB  . CYS A 1 32  ? 2.460   10.182  1.548   1.00 25.93 ? 32  CYS A CB  1 
ATOM   249  S  SG  . CYS A 1 32  ? 2.304   8.460   1.046   1.00 23.71 ? 32  CYS A SG  1 
ATOM   250  N  N   . ALA A 1 33  ? 2.022   12.961  2.597   1.00 26.46 ? 33  ALA A N   1 
ATOM   251  C  CA  . ALA A 1 33  ? 2.504   14.311  2.873   1.00 26.14 ? 33  ALA A CA  1 
ATOM   252  C  C   . ALA A 1 33  ? 2.053   14.871  4.216   1.00 25.98 ? 33  ALA A C   1 
ATOM   253  O  O   . ALA A 1 33  ? 2.735   15.714  4.794   1.00 26.82 ? 33  ALA A O   1 
ATOM   254  C  CB  . ALA A 1 33  ? 2.070   15.253  1.748   1.00 26.09 ? 33  ALA A CB  1 
ATOM   255  N  N   . SER A 1 34  ? 0.904   14.421  4.712   1.00 25.23 ? 34  SER A N   1 
ATOM   256  C  CA  . SER A 1 34  ? 0.417   14.913  5.991   1.00 24.33 ? 34  SER A CA  1 
ATOM   257  C  C   . SER A 1 34  ? 0.761   13.967  7.143   1.00 24.46 ? 34  SER A C   1 
ATOM   258  O  O   . SER A 1 34  ? 0.144   14.029  8.200   1.00 24.55 ? 34  SER A O   1 
ATOM   259  C  CB  . SER A 1 34  ? -1.098  15.162  5.945   1.00 24.07 ? 34  SER A CB  1 
ATOM   260  O  OG  . SER A 1 34  ? -1.823  13.971  5.700   1.00 24.98 ? 34  SER A OG  1 
ATOM   261  N  N   . ASN A 1 35  ? 1.744   13.093  6.922   1.00 24.26 ? 35  ASN A N   1 
ATOM   262  C  CA  . ASN A 1 35  ? 2.209   12.159  7.949   1.00 24.91 ? 35  ASN A CA  1 
ATOM   263  C  C   . ASN A 1 35  ? 1.152   11.197  8.489   1.00 23.40 ? 35  ASN A C   1 
ATOM   264  O  O   . ASN A 1 35  ? 1.290   10.673  9.589   1.00 22.83 ? 35  ASN A O   1 
ATOM   265  C  CB  . ASN A 1 35  ? 2.801   12.949  9.119   1.00 27.35 ? 35  ASN A CB  1 
ATOM   266  C  CG  . ASN A 1 35  ? 3.905   13.894  8.686   1.00 28.65 ? 35  ASN A CG  1 
ATOM   267  O  OD1 . ASN A 1 35  ? 4.094   14.950  9.278   1.00 31.07 ? 35  ASN A OD1 1 
ATOM   268  N  ND2 . ASN A 1 35  ? 4.643   13.513  7.654   1.00 30.11 ? 35  ASN A ND2 1 
ATOM   269  N  N   . TYR A 1 36  ? 0.110   10.946  7.711   1.00 22.67 ? 36  TYR A N   1 
ATOM   270  C  CA  . TYR A 1 36  ? -0.955  10.060  8.155   1.00 22.74 ? 36  TYR A CA  1 
ATOM   271  C  C   . TYR A 1 36  ? -0.517  8.613   8.401   1.00 22.69 ? 36  TYR A C   1 
ATOM   272  O  O   . TYR A 1 36  ? -1.027  7.950   9.306   1.00 22.80 ? 36  TYR A O   1 
ATOM   273  C  CB  . TYR A 1 36  ? -2.085  10.072  7.135   1.00 23.52 ? 36  TYR A CB  1 
ATOM   274  C  CG  . TYR A 1 36  ? -3.303  9.304   7.573   1.00 24.45 ? 36  TYR A CG  1 
ATOM   275  C  CD1 . TYR A 1 36  ? -4.197  9.843   8.495   1.00 25.13 ? 36  TYR A CD1 1 
ATOM   276  C  CD2 . TYR A 1 36  ? -3.575  8.044   7.046   1.00 25.28 ? 36  TYR A CD2 1 
ATOM   277  C  CE1 . TYR A 1 36  ? -5.342  9.145   8.877   1.00 26.32 ? 36  TYR A CE1 1 
ATOM   278  C  CE2 . TYR A 1 36  ? -4.711  7.340   7.419   1.00 26.15 ? 36  TYR A CE2 1 
ATOM   279  C  CZ  . TYR A 1 36  ? -5.592  7.896   8.333   1.00 27.02 ? 36  TYR A CZ  1 
ATOM   280  O  OH  . TYR A 1 36  ? -6.721  7.197   8.695   1.00 28.40 ? 36  TYR A OH  1 
ATOM   281  N  N   . TYR A 1 37  ? 0.417   8.125   7.594   1.00 22.51 ? 37  TYR A N   1 
ATOM   282  C  CA  . TYR A 1 37  ? 0.890   6.750   7.718   1.00 23.52 ? 37  TYR A CA  1 
ATOM   283  C  C   . TYR A 1 37  ? 2.037   6.559   8.699   1.00 24.60 ? 37  TYR A C   1 
ATOM   284  O  O   . TYR A 1 37  ? 2.441   5.422   8.971   1.00 24.23 ? 37  TYR A O   1 
ATOM   285  C  CB  . TYR A 1 37  ? 1.330   6.217   6.354   1.00 22.77 ? 37  TYR A CB  1 
ATOM   286  C  CG  . TYR A 1 37  ? 0.229   6.139   5.318   1.00 23.11 ? 37  TYR A CG  1 
ATOM   287  C  CD1 . TYR A 1 37  ? -0.911  5.369   5.536   1.00 20.74 ? 37  TYR A CD1 1 
ATOM   288  C  CD2 . TYR A 1 37  ? 0.362   6.790   4.088   1.00 23.31 ? 37  TYR A CD2 1 
ATOM   289  C  CE1 . TYR A 1 37  ? -1.893  5.237   4.550   1.00 21.44 ? 37  TYR A CE1 1 
ATOM   290  C  CE2 . TYR A 1 37  ? -0.613  6.668   3.093   1.00 22.47 ? 37  TYR A CE2 1 
ATOM   291  C  CZ  . TYR A 1 37  ? -1.735  5.886   3.329   1.00 21.93 ? 37  TYR A CZ  1 
ATOM   292  O  OH  . TYR A 1 37  ? -2.674  5.726   2.332   1.00 20.29 ? 37  TYR A OH  1 
ATOM   293  N  N   . ASN A 1 38  ? 2.576   7.658   9.217   1.00 25.06 ? 38  ASN A N   1 
ATOM   294  C  CA  . ASN A 1 38  ? 3.685   7.568   10.158  1.00 26.23 ? 38  ASN A CA  1 
ATOM   295  C  C   . ASN A 1 38  ? 3.256   6.781   11.384  1.00 26.01 ? 38  ASN A C   1 
ATOM   296  O  O   . ASN A 1 38  ? 2.244   7.091   12.007  1.00 26.81 ? 38  ASN A O   1 
ATOM   297  C  CB  . ASN A 1 38  ? 4.164   8.969   10.554  1.00 26.35 ? 38  ASN A CB  1 
ATOM   298  C  CG  . ASN A 1 38  ? 4.846   9.694   9.407   1.00 27.02 ? 38  ASN A CG  1 
ATOM   299  O  OD1 . ASN A 1 38  ? 4.711   9.305   8.250   1.00 29.77 ? 38  ASN A OD1 1 
ATOM   300  N  ND2 . ASN A 1 38  ? 5.575   10.754  9.721   1.00 27.97 ? 38  ASN A ND2 1 
ATOM   301  N  N   . GLY A 1 39  ? 4.024   5.750   11.717  1.00 27.44 ? 39  GLY A N   1 
ATOM   302  C  CA  . GLY A 1 39  ? 3.693   4.933   12.870  1.00 27.45 ? 39  GLY A CA  1 
ATOM   303  C  C   . GLY A 1 39  ? 2.789   3.759   12.531  1.00 27.19 ? 39  GLY A C   1 
ATOM   304  O  O   . GLY A 1 39  ? 2.542   2.906   13.380  1.00 27.03 ? 39  GLY A O   1 
ATOM   305  N  N   . CYS A 1 40  ? 2.280   3.715   11.301  1.00 26.90 ? 40  CYS A N   1 
ATOM   306  C  CA  . CYS A 1 40  ? 1.415   2.610   10.886  1.00 27.31 ? 40  CYS A CA  1 
ATOM   307  C  C   . CYS A 1 40  ? 2.231   1.330   10.779  1.00 26.15 ? 40  CYS A C   1 
ATOM   308  O  O   . CYS A 1 40  ? 3.374   1.353   10.323  1.00 26.87 ? 40  CYS A O   1 
ATOM   309  C  CB  . CYS A 1 40  ? 0.767   2.887   9.522   1.00 27.47 ? 40  CYS A CB  1 
ATOM   310  S  SG  . CYS A 1 40  ? -0.706  3.934   9.552   1.00 31.37 ? 40  CYS A SG  1 
ATOM   311  N  N   . ILE A 1 41  ? 1.649   0.213   11.198  1.00 24.91 ? 41  ILE A N   1 
ATOM   312  C  CA  . ILE A 1 41  ? 2.349   -1.058  11.111  1.00 24.33 ? 41  ILE A CA  1 
ATOM   313  C  C   . ILE A 1 41  ? 1.844   -1.825  9.901   1.00 24.65 ? 41  ILE A C   1 
ATOM   314  O  O   . ILE A 1 41  ? 0.836   -1.456  9.289   1.00 24.55 ? 41  ILE A O   1 
ATOM   315  C  CB  . ILE A 1 41  ? 2.092   -1.957  12.349  1.00 24.22 ? 41  ILE A CB  1 
ATOM   316  C  CG1 . ILE A 1 41  ? 0.608   -2.329  12.412  1.00 24.54 ? 41  ILE A CG1 1 
ATOM   317  C  CG2 . ILE A 1 41  ? 2.542   -1.249  13.625  1.00 24.00 ? 41  ILE A CG2 1 
ATOM   318  C  CD1 . ILE A 1 41  ? 0.280   -3.392  13.428  1.00 26.92 ? 41  ILE A CD1 1 
ATOM   319  N  N   . PHE A 1 42  ? 2.564   -2.880  9.541   1.00 24.31 ? 42  PHE A N   1 
ATOM   320  C  CA  . PHE A 1 42  ? 2.115   -3.747  8.463   1.00 24.77 ? 42  PHE A CA  1 
ATOM   321  C  C   . PHE A 1 42  ? 1.382   -4.801  9.291   1.00 24.84 ? 42  PHE A C   1 
ATOM   322  O  O   . PHE A 1 42  ? 2.000   -5.705  9.850   1.00 25.61 ? 42  PHE A O   1 
ATOM   323  C  CB  . PHE A 1 42  ? 3.303   -4.342  7.710   1.00 23.92 ? 42  PHE A CB  1 
ATOM   324  C  CG  . PHE A 1 42  ? 4.077   -3.328  6.911   1.00 23.89 ? 42  PHE A CG  1 
ATOM   325  C  CD1 . PHE A 1 42  ? 5.080   -2.566  7.505   1.00 23.69 ? 42  PHE A CD1 1 
ATOM   326  C  CD2 . PHE A 1 42  ? 3.778   -3.113  5.568   1.00 23.69 ? 42  PHE A CD2 1 
ATOM   327  C  CE1 . PHE A 1 42  ? 5.774   -1.600  6.770   1.00 23.24 ? 42  PHE A CE1 1 
ATOM   328  C  CE2 . PHE A 1 42  ? 4.463   -2.153  4.828   1.00 23.41 ? 42  PHE A CE2 1 
ATOM   329  C  CZ  . PHE A 1 42  ? 5.465   -1.392  5.432   1.00 23.42 ? 42  PHE A CZ  1 
ATOM   330  N  N   . HIS A 1 43  ? 0.064   -4.648  9.391   1.00 25.38 ? 43  HIS A N   1 
ATOM   331  C  CA  . HIS A 1 43  ? -0.766  -5.528  10.211  1.00 25.51 ? 43  HIS A CA  1 
ATOM   332  C  C   . HIS A 1 43  ? -1.122  -6.909  9.677   1.00 25.72 ? 43  HIS A C   1 
ATOM   333  O  O   . HIS A 1 43  ? -1.503  -7.786  10.452  1.00 25.78 ? 43  HIS A O   1 
ATOM   334  C  CB  . HIS A 1 43  ? -2.067  -4.812  10.580  1.00 25.32 ? 43  HIS A CB  1 
ATOM   335  C  CG  . HIS A 1 43  ? -2.977  -4.578  9.414   1.00 26.18 ? 43  HIS A CG  1 
ATOM   336  N  ND1 . HIS A 1 43  ? -2.823  -3.516  8.549   1.00 26.76 ? 43  HIS A ND1 1 
ATOM   337  C  CD2 . HIS A 1 43  ? -4.033  -5.288  8.953   1.00 25.83 ? 43  HIS A CD2 1 
ATOM   338  C  CE1 . HIS A 1 43  ? -3.745  -3.583  7.604   1.00 25.40 ? 43  HIS A CE1 1 
ATOM   339  N  NE2 . HIS A 1 43  ? -4.491  -4.649  7.828   1.00 26.13 ? 43  HIS A NE2 1 
ATOM   340  N  N   . ARG A 1 44  ? -1.013  -7.113  8.373   1.00 26.42 ? 44  ARG A N   1 
ATOM   341  C  CA  . ARG A 1 44  ? -1.366  -8.406  7.792   1.00 27.67 ? 44  ARG A CA  1 
ATOM   342  C  C   . ARG A 1 44  ? -0.299  -8.778  6.772   1.00 27.95 ? 44  ARG A C   1 
ATOM   343  O  O   . ARG A 1 44  ? -0.159  -8.117  5.741   1.00 27.38 ? 44  ARG A O   1 
ATOM   344  C  CB  . ARG A 1 44  ? -2.747  -8.308  7.134   1.00 30.18 ? 44  ARG A CB  1 
ATOM   345  C  CG  . ARG A 1 44  ? -3.390  -9.636  6.757   1.00 33.14 ? 44  ARG A CG  1 
ATOM   346  C  CD  . ARG A 1 44  ? -4.759  -9.397  6.128   1.00 36.83 ? 44  ARG A CD  1 
ATOM   347  N  NE  . ARG A 1 44  ? -5.418  -10.638 5.721   1.00 40.29 ? 44  ARG A NE  1 
ATOM   348  C  CZ  . ARG A 1 44  ? -5.912  -11.542 6.563   1.00 42.20 ? 44  ARG A CZ  1 
ATOM   349  N  NH1 . ARG A 1 44  ? -5.830  -11.352 7.875   1.00 43.37 ? 44  ARG A NH1 1 
ATOM   350  N  NH2 . ARG A 1 44  ? -6.490  -12.642 6.094   1.00 43.57 ? 44  ARG A NH2 1 
ATOM   351  N  N   . ASN A 1 45  ? 0.457   -9.832  7.073   1.00 27.02 ? 45  ASN A N   1 
ATOM   352  C  CA  . ASN A 1 45  ? 1.548   -10.279 6.211   1.00 27.04 ? 45  ASN A CA  1 
ATOM   353  C  C   . ASN A 1 45  ? 1.395   -11.729 5.777   1.00 26.58 ? 45  ASN A C   1 
ATOM   354  O  O   . ASN A 1 45  ? 1.651   -12.655 6.549   1.00 26.74 ? 45  ASN A O   1 
ATOM   355  C  CB  . ASN A 1 45  ? 2.882   -10.086 6.938   1.00 27.40 ? 45  ASN A CB  1 
ATOM   356  C  CG  . ASN A 1 45  ? 4.066   -10.481 6.089   1.00 27.65 ? 45  ASN A CG  1 
ATOM   357  O  OD1 . ASN A 1 45  ? 4.081   -10.244 4.885   1.00 29.94 ? 45  ASN A OD1 1 
ATOM   358  N  ND2 . ASN A 1 45  ? 5.073   -11.080 6.713   1.00 27.29 ? 45  ASN A ND2 1 
ATOM   359  N  N   . ILE A 1 46  ? 0.994   -11.919 4.526   1.00 25.70 ? 46  ILE A N   1 
ATOM   360  C  CA  . ILE A 1 46  ? 0.775   -13.256 3.995   1.00 26.79 ? 46  ILE A CA  1 
ATOM   361  C  C   . ILE A 1 46  ? 1.776   -13.626 2.906   1.00 27.10 ? 46  ILE A C   1 
ATOM   362  O  O   . ILE A 1 46  ? 1.631   -13.229 1.746   1.00 26.20 ? 46  ILE A O   1 
ATOM   363  C  CB  . ILE A 1 46  ? -0.658  -13.376 3.453   1.00 26.47 ? 46  ILE A CB  1 
ATOM   364  C  CG1 . ILE A 1 46  ? -1.643  -12.847 4.503   1.00 26.28 ? 46  ILE A CG1 1 
ATOM   365  C  CG2 . ILE A 1 46  ? -0.969  -14.835 3.109   1.00 27.80 ? 46  ILE A CG2 1 
ATOM   366  C  CD1 . ILE A 1 46  ? -3.107  -12.862 4.065   1.00 26.61 ? 46  ILE A CD1 1 
ATOM   367  N  N   . LYS A 1 47  ? 2.789   -14.396 3.299   1.00 27.31 ? 47  LYS A N   1 
ATOM   368  C  CA  . LYS A 1 47  ? 3.846   -14.836 2.396   1.00 29.06 ? 47  LYS A CA  1 
ATOM   369  C  C   . LYS A 1 47  ? 3.289   -15.427 1.105   1.00 28.92 ? 47  LYS A C   1 
ATOM   370  O  O   . LYS A 1 47  ? 2.342   -16.215 1.124   1.00 28.83 ? 47  LYS A O   1 
ATOM   371  C  CB  . LYS A 1 47  ? 4.740   -15.864 3.098   1.00 31.00 ? 47  LYS A CB  1 
ATOM   372  C  CG  . LYS A 1 47  ? 5.940   -16.321 2.286   1.00 33.92 ? 47  LYS A CG  1 
ATOM   373  C  CD  . LYS A 1 47  ? 6.824   -17.259 3.108   1.00 35.52 ? 47  LYS A CD  1 
ATOM   374  C  CE  . LYS A 1 47  ? 7.992   -17.797 2.287   1.00 36.94 ? 47  LYS A CE  1 
ATOM   375  N  NZ  . LYS A 1 47  ? 7.539   -18.606 1.119   1.00 37.18 ? 47  LYS A NZ  1 
ATOM   376  N  N   . GLY A 1 48  ? 3.878   -15.027 -0.015  1.00 29.28 ? 48  GLY A N   1 
ATOM   377  C  CA  . GLY A 1 48  ? 3.431   -15.521 -1.303  1.00 29.24 ? 48  GLY A CA  1 
ATOM   378  C  C   . GLY A 1 48  ? 2.207   -14.782 -1.810  1.00 29.22 ? 48  GLY A C   1 
ATOM   379  O  O   . GLY A 1 48  ? 1.868   -14.869 -2.990  1.00 29.44 ? 48  GLY A O   1 
ATOM   380  N  N   . PHE A 1 49  ? 1.543   -14.043 -0.927  1.00 28.64 ? 49  PHE A N   1 
ATOM   381  C  CA  . PHE A 1 49  ? 0.349   -13.302 -1.315  1.00 28.26 ? 49  PHE A CA  1 
ATOM   382  C  C   . PHE A 1 49  ? 0.572   -11.782 -1.285  1.00 27.68 ? 49  PHE A C   1 
ATOM   383  O  O   . PHE A 1 49  ? 0.794   -11.164 -2.329  1.00 26.63 ? 49  PHE A O   1 
ATOM   384  C  CB  . PHE A 1 49  ? -0.815  -13.701 -0.400  1.00 30.36 ? 49  PHE A CB  1 
ATOM   385  C  CG  . PHE A 1 49  ? -2.157  -13.175 -0.840  1.00 32.94 ? 49  PHE A CG  1 
ATOM   386  C  CD1 . PHE A 1 49  ? -2.532  -13.209 -2.181  1.00 34.36 ? 49  PHE A CD1 1 
ATOM   387  C  CD2 . PHE A 1 49  ? -3.056  -12.669 0.093   1.00 32.96 ? 49  PHE A CD2 1 
ATOM   388  C  CE1 . PHE A 1 49  ? -3.788  -12.745 -2.584  1.00 34.62 ? 49  PHE A CE1 1 
ATOM   389  C  CE2 . PHE A 1 49  ? -4.310  -12.203 -0.297  1.00 34.41 ? 49  PHE A CE2 1 
ATOM   390  C  CZ  . PHE A 1 49  ? -4.677  -12.240 -1.641  1.00 33.76 ? 49  PHE A CZ  1 
ATOM   391  N  N   . MET A 1 50  ? 0.527   -11.187 -0.095  1.00 26.02 ? 50  MET A N   1 
ATOM   392  C  CA  . MET A 1 50  ? 0.710   -9.747  0.033   1.00 25.60 ? 50  MET A CA  1 
ATOM   393  C  C   . MET A 1 50  ? 0.837   -9.286  1.476   1.00 24.60 ? 50  MET A C   1 
ATOM   394  O  O   . MET A 1 50  ? 0.574   -10.042 2.410   1.00 24.12 ? 50  MET A O   1 
ATOM   395  C  CB  . MET A 1 50  ? -0.469  -9.014  -0.620  1.00 28.32 ? 50  MET A CB  1 
ATOM   396  C  CG  . MET A 1 50  ? -1.849  -9.370  -0.056  1.00 30.97 ? 50  MET A CG  1 
ATOM   397  S  SD  . MET A 1 50  ? -2.401  -8.318  1.306   1.00 36.56 ? 50  MET A SD  1 
ATOM   398  C  CE  . MET A 1 50  ? -2.485  -9.494  2.659   1.00 36.56 ? 50  MET A CE  1 
ATOM   399  N  N   . VAL A 1 51  ? 1.261   -8.039  1.650   1.00 23.38 ? 51  VAL A N   1 
ATOM   400  C  CA  . VAL A 1 51  ? 1.386   -7.459  2.980   1.00 23.15 ? 51  VAL A CA  1 
ATOM   401  C  C   . VAL A 1 51  ? 0.555   -6.186  2.975   1.00 22.70 ? 51  VAL A C   1 
ATOM   402  O  O   . VAL A 1 51  ? 0.626   -5.391  2.032   1.00 22.08 ? 51  VAL A O   1 
ATOM   403  C  CB  . VAL A 1 51  ? 2.868   -7.159  3.343   1.00 22.85 ? 51  VAL A CB  1 
ATOM   404  C  CG1 . VAL A 1 51  ? 3.492   -6.194  2.340   1.00 22.46 ? 51  VAL A CG1 1 
ATOM   405  C  CG2 . VAL A 1 51  ? 2.945   -6.610  4.758   1.00 21.80 ? 51  VAL A CG2 1 
ATOM   406  N  N   . GLN A 1 52  ? -0.251  -6.004  4.015   1.00 22.55 ? 52  GLN A N   1 
ATOM   407  C  CA  . GLN A 1 52  ? -1.124  -4.841  4.106   1.00 23.28 ? 52  GLN A CA  1 
ATOM   408  C  C   . GLN A 1 52  ? -0.732  -3.885  5.232   1.00 23.51 ? 52  GLN A C   1 
ATOM   409  O  O   . GLN A 1 52  ? -0.225  -4.305  6.278   1.00 21.70 ? 52  GLN A O   1 
ATOM   410  C  CB  . GLN A 1 52  ? -2.571  -5.307  4.292   1.00 25.02 ? 52  GLN A CB  1 
ATOM   411  C  CG  . GLN A 1 52  ? -3.628  -4.245  3.994   1.00 28.66 ? 52  GLN A CG  1 
ATOM   412  C  CD  . GLN A 1 52  ? -5.034  -4.827  3.953   1.00 30.15 ? 52  GLN A CD  1 
ATOM   413  O  OE1 . GLN A 1 52  ? -5.295  -5.793  3.236   1.00 32.12 ? 52  GLN A OE1 1 
ATOM   414  N  NE2 . GLN A 1 52  ? -5.944  -4.239  4.719   1.00 30.66 ? 52  GLN A NE2 1 
ATOM   415  N  N   . THR A 1 53  ? -0.985  -2.599  5.013   1.00 22.41 ? 53  THR A N   1 
ATOM   416  C  CA  . THR A 1 53  ? -0.654  -1.570  5.990   1.00 22.33 ? 53  THR A CA  1 
ATOM   417  C  C   . THR A 1 53  ? -1.555  -0.356  5.748   1.00 22.46 ? 53  THR A C   1 
ATOM   418  O  O   . THR A 1 53  ? -2.559  -0.452  5.040   1.00 22.42 ? 53  THR A O   1 
ATOM   419  C  CB  . THR A 1 53  ? 0.839   -1.159  5.842   1.00 21.38 ? 53  THR A CB  1 
ATOM   420  O  OG1 . THR A 1 53  ? 1.202   -0.241  6.880   1.00 22.29 ? 53  THR A OG1 1 
ATOM   421  C  CG2 . THR A 1 53  ? 1.078   -0.498  4.485   1.00 21.88 ? 53  THR A CG2 1 
ATOM   422  N  N   . GLY A 1 54  ? -1.208  0.782   6.342   1.00 22.45 ? 54  GLY A N   1 
ATOM   423  C  CA  . GLY A 1 54  ? -1.996  1.981   6.122   1.00 21.74 ? 54  GLY A CA  1 
ATOM   424  C  C   . GLY A 1 54  ? -3.201  2.192   7.019   1.00 21.86 ? 54  GLY A C   1 
ATOM   425  O  O   . GLY A 1 54  ? -4.054  3.027   6.716   1.00 20.70 ? 54  GLY A O   1 
ATOM   426  N  N   . ASP A 1 55  ? -3.278  1.433   8.109   1.00 22.26 ? 55  ASP A N   1 
ATOM   427  C  CA  . ASP A 1 55  ? -4.376  1.549   9.065   1.00 23.61 ? 55  ASP A CA  1 
ATOM   428  C  C   . ASP A 1 55  ? -3.798  2.045   10.393  1.00 24.40 ? 55  ASP A C   1 
ATOM   429  O  O   . ASP A 1 55  ? -3.082  1.314   11.074  1.00 25.96 ? 55  ASP A O   1 
ATOM   430  C  CB  . ASP A 1 55  ? -5.046  0.186   9.269   1.00 22.85 ? 55  ASP A CB  1 
ATOM   431  C  CG  . ASP A 1 55  ? -6.182  0.230   10.283  1.00 22.36 ? 55  ASP A CG  1 
ATOM   432  O  OD1 . ASP A 1 55  ? -6.366  1.276   10.942  1.00 22.31 ? 55  ASP A OD1 1 
ATOM   433  O  OD2 . ASP A 1 55  ? -6.891  -0.794  10.428  1.00 22.68 ? 55  ASP A OD2 1 
ATOM   434  N  N   . PRO A 1 56  ? -4.101  3.299   10.776  1.00 25.12 ? 56  PRO A N   1 
ATOM   435  C  CA  . PRO A 1 56  ? -3.578  3.839   12.035  1.00 25.37 ? 56  PRO A CA  1 
ATOM   436  C  C   . PRO A 1 56  ? -3.967  3.037   13.276  1.00 25.66 ? 56  PRO A C   1 
ATOM   437  O  O   . PRO A 1 56  ? -3.282  3.108   14.298  1.00 24.81 ? 56  PRO A O   1 
ATOM   438  C  CB  . PRO A 1 56  ? -4.142  5.257   12.067  1.00 25.24 ? 56  PRO A CB  1 
ATOM   439  C  CG  . PRO A 1 56  ? -4.229  5.606   10.608  1.00 25.97 ? 56  PRO A CG  1 
ATOM   440  C  CD  . PRO A 1 56  ? -4.823  4.339   10.026  1.00 24.05 ? 56  PRO A CD  1 
ATOM   441  N  N   . THR A 1 57  ? -5.067  2.287   13.196  1.00 25.26 ? 57  THR A N   1 
ATOM   442  C  CA  . THR A 1 57  ? -5.500  1.484   14.339  1.00 25.13 ? 57  THR A CA  1 
ATOM   443  C  C   . THR A 1 57  ? -4.768  0.154   14.348  1.00 24.65 ? 57  THR A C   1 
ATOM   444  O  O   . THR A 1 57  ? -4.720  -0.528  15.371  1.00 25.53 ? 57  THR A O   1 
ATOM   445  C  CB  . THR A 1 57  ? -7.022  1.209   14.318  1.00 25.08 ? 57  THR A CB  1 
ATOM   446  O  OG1 . THR A 1 57  ? -7.329  0.288   13.268  1.00 24.01 ? 57  THR A OG1 1 
ATOM   447  C  CG2 . THR A 1 57  ? -7.795  2.510   14.115  1.00 25.30 ? 57  THR A CG2 1 
ATOM   448  N  N   . GLY A 1 58  ? -4.200  -0.207  13.197  1.00 24.82 ? 58  GLY A N   1 
ATOM   449  C  CA  . GLY A 1 58  ? -3.452  -1.448  13.077  1.00 23.70 ? 58  GLY A CA  1 
ATOM   450  C  C   . GLY A 1 58  ? -4.298  -2.701  13.173  1.00 24.22 ? 58  GLY A C   1 
ATOM   451  O  O   . GLY A 1 58  ? -3.777  -3.791  13.412  1.00 24.09 ? 58  GLY A O   1 
ATOM   452  N  N   . THR A 1 59  ? -5.602  -2.558  12.970  1.00 24.43 ? 59  THR A N   1 
ATOM   453  C  CA  . THR A 1 59  ? -6.520  -3.693  13.057  1.00 24.71 ? 59  THR A CA  1 
ATOM   454  C  C   . THR A 1 59  ? -6.952  -4.250  11.703  1.00 25.39 ? 59  THR A C   1 
ATOM   455  O  O   . THR A 1 59  ? -7.372  -5.405  11.606  1.00 25.27 ? 59  THR A O   1 
ATOM   456  C  CB  . THR A 1 59  ? -7.800  -3.300  13.801  1.00 24.74 ? 59  THR A CB  1 
ATOM   457  O  OG1 . THR A 1 59  ? -8.505  -2.316  13.031  1.00 24.51 ? 59  THR A OG1 1 
ATOM   458  C  CG2 . THR A 1 59  ? -7.468  -2.728  15.180  1.00 23.04 ? 59  THR A CG2 1 
ATOM   459  N  N   . GLY A 1 60  ? -6.865  -3.425  10.665  1.00 25.38 ? 60  GLY A N   1 
ATOM   460  C  CA  . GLY A 1 60  ? -7.291  -3.854  9.348   1.00 24.93 ? 60  GLY A CA  1 
ATOM   461  C  C   . GLY A 1 60  ? -8.708  -3.367  9.090   1.00 24.95 ? 60  GLY A C   1 
ATOM   462  O  O   . GLY A 1 60  ? -9.254  -3.548  8.003   1.00 24.49 ? 60  GLY A O   1 
ATOM   463  N  N   . ARG A 1 61  ? -9.303  -2.741  10.100  1.00 24.93 ? 61  ARG A N   1 
ATOM   464  C  CA  . ARG A 1 61  ? -10.660 -2.226  9.986   1.00 25.89 ? 61  ARG A CA  1 
ATOM   465  C  C   . ARG A 1 61  ? -10.714 -0.705  9.921   1.00 26.13 ? 61  ARG A C   1 
ATOM   466  O  O   . ARG A 1 61  ? -11.756 -0.139  9.591   1.00 26.27 ? 61  ARG A O   1 
ATOM   467  C  CB  . ARG A 1 61  ? -11.511 -2.671  11.182  1.00 26.77 ? 61  ARG A CB  1 
ATOM   468  C  CG  . ARG A 1 61  ? -11.809 -4.159  11.285  1.00 27.43 ? 61  ARG A CG  1 
ATOM   469  C  CD  . ARG A 1 61  ? -12.774 -4.398  12.451  1.00 28.30 ? 61  ARG A CD  1 
ATOM   470  N  NE  . ARG A 1 61  ? -12.204 -3.935  13.718  1.00 28.26 ? 61  ARG A NE  1 
ATOM   471  C  CZ  . ARG A 1 61  ? -11.303 -4.610  14.425  1.00 28.27 ? 61  ARG A CZ  1 
ATOM   472  N  NH1 . ARG A 1 61  ? -10.870 -5.791  14.003  1.00 30.63 ? 61  ARG A NH1 1 
ATOM   473  N  NH2 . ARG A 1 61  ? -10.820 -4.101  15.547  1.00 27.79 ? 61  ARG A NH2 1 
ATOM   474  N  N   . GLY A 1 62  ? -9.605  -0.037  10.227  1.00 25.28 ? 62  GLY A N   1 
ATOM   475  C  CA  . GLY A 1 62  ? -9.630  1.418   10.239  1.00 25.05 ? 62  GLY A CA  1 
ATOM   476  C  C   . GLY A 1 62  ? -9.043  2.171   9.061   1.00 25.09 ? 62  GLY A C   1 
ATOM   477  O  O   . GLY A 1 62  ? -8.764  1.604   8.005   1.00 23.20 ? 62  GLY A O   1 
ATOM   478  N  N   . GLY A 1 63  ? -8.867  3.474   9.258   1.00 25.12 ? 63  GLY A N   1 
ATOM   479  C  CA  . GLY A 1 63  ? -8.310  4.319   8.216   1.00 26.07 ? 63  GLY A CA  1 
ATOM   480  C  C   . GLY A 1 63  ? -9.366  4.968   7.342   1.00 27.11 ? 63  GLY A C   1 
ATOM   481  O  O   . GLY A 1 63  ? -10.429 4.396   7.106   1.00 27.43 ? 63  GLY A O   1 
ATOM   482  N  N   A ASN A 1 64  ? -9.070  6.169   6.860   0.50 26.84 ? 64  ASN A N   1 
ATOM   483  N  N   B ASN A 1 64  ? -9.081  6.178   6.874   0.50 26.81 ? 64  ASN A N   1 
ATOM   484  C  CA  A ASN A 1 64  ? -9.988  6.894   5.996   0.50 27.35 ? 64  ASN A CA  1 
ATOM   485  C  CA  B ASN A 1 64  ? -10.002 6.913   6.014   0.50 27.31 ? 64  ASN A CA  1 
ATOM   486  C  C   A ASN A 1 64  ? -9.214  7.751   5.004   0.50 27.04 ? 64  ASN A C   1 
ATOM   487  C  C   B ASN A 1 64  ? -9.224  7.770   5.018   0.50 26.99 ? 64  ASN A C   1 
ATOM   488  O  O   A ASN A 1 64  ? -8.049  8.081   5.230   0.50 26.49 ? 64  ASN A O   1 
ATOM   489  O  O   B ASN A 1 64  ? -8.067  8.116   5.254   0.50 26.43 ? 64  ASN A O   1 
ATOM   490  C  CB  A ASN A 1 64  ? -10.929 7.778   6.826   0.50 29.25 ? 64  ASN A CB  1 
ATOM   491  C  CB  B ASN A 1 64  ? -10.928 7.810   6.851   0.50 29.12 ? 64  ASN A CB  1 
ATOM   492  C  CG  A ASN A 1 64  ? -10.186 8.752   7.721   0.50 30.37 ? 64  ASN A CG  1 
ATOM   493  C  CG  B ASN A 1 64  ? -12.148 7.068   7.382   0.50 30.41 ? 64  ASN A CG  1 
ATOM   494  O  OD1 A ASN A 1 64  ? -10.792 9.634   8.327   0.50 32.66 ? 64  ASN A OD1 1 
ATOM   495  O  OD1 B ASN A 1 64  ? -12.031 6.123   8.159   0.50 31.15 ? 64  ASN A OD1 1 
ATOM   496  N  ND2 A ASN A 1 64  ? -8.872  8.590   7.818   0.50 31.71 ? 64  ASN A ND2 1 
ATOM   497  N  ND2 B ASN A 1 64  ? -13.330 7.500   6.956   0.50 31.56 ? 64  ASN A ND2 1 
ATOM   498  N  N   . SER A 1 65  ? -9.865  8.106   3.902   1.00 25.87 ? 65  SER A N   1 
ATOM   499  C  CA  . SER A 1 65  ? -9.237  8.923   2.871   1.00 26.34 ? 65  SER A CA  1 
ATOM   500  C  C   . SER A 1 65  ? -9.032  10.356  3.356   1.00 27.00 ? 65  SER A C   1 
ATOM   501  O  O   . SER A 1 65  ? -9.541  10.756  4.409   1.00 26.75 ? 65  SER A O   1 
ATOM   502  C  CB  . SER A 1 65  ? -10.118 8.970   1.628   1.00 25.08 ? 65  SER A CB  1 
ATOM   503  O  OG  . SER A 1 65  ? -11.196 9.860   1.856   1.00 22.77 ? 65  SER A OG  1 
ATOM   504  N  N   . ILE A 1 66  ? -8.299  11.130  2.563   1.00 27.29 ? 66  ILE A N   1 
ATOM   505  C  CA  . ILE A 1 66  ? -8.028  12.522  2.885   1.00 28.65 ? 66  ILE A CA  1 
ATOM   506  C  C   . ILE A 1 66  ? -9.339  13.309  2.862   1.00 30.03 ? 66  ILE A C   1 
ATOM   507  O  O   . ILE A 1 66  ? -9.407  14.437  3.351   1.00 29.94 ? 66  ILE A O   1 
ATOM   508  C  CB  . ILE A 1 66  ? -7.037  13.143  1.868   1.00 28.27 ? 66  ILE A CB  1 
ATOM   509  C  CG1 . ILE A 1 66  ? -6.508  14.480  2.397   1.00 28.51 ? 66  ILE A CG1 1 
ATOM   510  C  CG2 . ILE A 1 66  ? -7.718  13.328  0.515   1.00 28.01 ? 66  ILE A CG2 1 
ATOM   511  C  CD1 . ILE A 1 66  ? -5.535  14.332  3.572   1.00 27.89 ? 66  ILE A CD1 1 
ATOM   512  N  N   . TRP A 1 67  ? -10.382 12.704  2.297   1.00 31.01 ? 67  TRP A N   1 
ATOM   513  C  CA  . TRP A 1 67  ? -11.689 13.348  2.217   1.00 32.39 ? 67  TRP A CA  1 
ATOM   514  C  C   . TRP A 1 67  ? -12.608 12.934  3.369   1.00 33.82 ? 67  TRP A C   1 
ATOM   515  O  O   . TRP A 1 67  ? -13.787 13.293  3.391   1.00 33.98 ? 67  TRP A O   1 
ATOM   516  C  CB  . TRP A 1 67  ? -12.354 13.022  0.875   1.00 32.46 ? 67  TRP A CB  1 
ATOM   517  C  CG  . TRP A 1 67  ? -11.537 13.467  -0.295  1.00 31.69 ? 67  TRP A CG  1 
ATOM   518  C  CD1 . TRP A 1 67  ? -11.231 14.750  -0.638  1.00 31.85 ? 67  TRP A CD1 1 
ATOM   519  C  CD2 . TRP A 1 67  ? -10.870 12.626  -1.243  1.00 31.66 ? 67  TRP A CD2 1 
ATOM   520  N  NE1 . TRP A 1 67  ? -10.409 14.764  -1.741  1.00 32.89 ? 67  TRP A NE1 1 
ATOM   521  C  CE2 . TRP A 1 67  ? -10.172 13.473  -2.134  1.00 31.95 ? 67  TRP A CE2 1 
ATOM   522  C  CE3 . TRP A 1 67  ? -10.793 11.237  -1.426  1.00 30.91 ? 67  TRP A CE3 1 
ATOM   523  C  CZ2 . TRP A 1 67  ? -9.403  12.976  -3.195  1.00 31.78 ? 67  TRP A CZ2 1 
ATOM   524  C  CZ3 . TRP A 1 67  ? -10.029 10.743  -2.482  1.00 30.90 ? 67  TRP A CZ3 1 
ATOM   525  C  CH2 . TRP A 1 67  ? -9.345  11.613  -3.353  1.00 31.51 ? 67  TRP A CH2 1 
ATOM   526  N  N   . GLY A 1 68  ? -12.062 12.177  4.317   1.00 34.48 ? 68  GLY A N   1 
ATOM   527  C  CA  . GLY A 1 68  ? -12.832 11.735  5.467   1.00 36.10 ? 68  GLY A CA  1 
ATOM   528  C  C   . GLY A 1 68  ? -13.920 10.715  5.184   1.00 37.17 ? 68  GLY A C   1 
ATOM   529  O  O   . GLY A 1 68  ? -14.711 10.393  6.072   1.00 37.98 ? 68  GLY A O   1 
ATOM   530  N  N   . LYS A 1 69  ? -13.962 10.207  3.956   1.00 37.34 ? 69  LYS A N   1 
ATOM   531  C  CA  . LYS A 1 69  ? -14.962 9.222   3.549   1.00 38.37 ? 69  LYS A CA  1 
ATOM   532  C  C   . LYS A 1 69  ? -14.386 8.362   2.427   1.00 37.91 ? 69  LYS A C   1 
ATOM   533  O  O   . LYS A 1 69  ? -13.475 8.791   1.723   1.00 39.65 ? 69  LYS A O   1 
ATOM   534  C  CB  . LYS A 1 69  ? -16.228 9.930   3.054   1.00 40.10 ? 69  LYS A CB  1 
ATOM   535  C  CG  . LYS A 1 69  ? -16.001 10.798  1.824   1.00 41.61 ? 69  LYS A CG  1 
ATOM   536  C  CD  . LYS A 1 69  ? -17.226 11.639  1.483   1.00 43.84 ? 69  LYS A CD  1 
ATOM   537  C  CE  . LYS A 1 69  ? -16.963 12.524  0.268   1.00 44.73 ? 69  LYS A CE  1 
ATOM   538  N  NZ  . LYS A 1 69  ? -18.107 13.426  -0.050  1.00 45.12 ? 69  LYS A NZ  1 
ATOM   539  N  N   . LYS A 1 70  ? -14.913 7.155   2.257   1.00 36.54 ? 70  LYS A N   1 
ATOM   540  C  CA  . LYS A 1 70  ? -14.421 6.251   1.218   1.00 35.58 ? 70  LYS A CA  1 
ATOM   541  C  C   . LYS A 1 70  ? -14.626 6.850   -0.175  1.00 34.57 ? 70  LYS A C   1 
ATOM   542  O  O   . LYS A 1 70  ? -15.523 7.670   -0.378  1.00 34.44 ? 70  LYS A O   1 
ATOM   543  C  CB  . LYS A 1 70  ? -15.147 4.904   1.299   1.00 36.00 ? 70  LYS A CB  1 
ATOM   544  C  CG  . LYS A 1 70  ? -15.212 4.294   2.698   1.00 36.88 ? 70  LYS A CG  1 
ATOM   545  C  CD  . LYS A 1 70  ? -13.833 4.027   3.283   1.00 37.65 ? 70  LYS A CD  1 
ATOM   546  C  CE  . LYS A 1 70  ? -13.950 3.447   4.689   1.00 38.87 ? 70  LYS A CE  1 
ATOM   547  N  NZ  . LYS A 1 70  ? -12.623 3.254   5.323   1.00 39.23 ? 70  LYS A NZ  1 
ATOM   548  N  N   . PHE A 1 71  ? -13.792 6.450   -1.131  1.00 32.62 ? 71  PHE A N   1 
ATOM   549  C  CA  . PHE A 1 71  ? -13.934 6.960   -2.493  1.00 31.99 ? 71  PHE A CA  1 
ATOM   550  C  C   . PHE A 1 71  ? -13.954 5.829   -3.517  1.00 31.68 ? 71  PHE A C   1 
ATOM   551  O  O   . PHE A 1 71  ? -13.667 4.676   -3.194  1.00 31.30 ? 71  PHE A O   1 
ATOM   552  C  CB  . PHE A 1 71  ? -12.838 7.988   -2.829  1.00 30.66 ? 71  PHE A CB  1 
ATOM   553  C  CG  . PHE A 1 71  ? -11.439 7.457   -2.722  1.00 29.80 ? 71  PHE A CG  1 
ATOM   554  C  CD1 . PHE A 1 71  ? -10.842 7.269   -1.479  1.00 29.81 ? 71  PHE A CD1 1 
ATOM   555  C  CD2 . PHE A 1 71  ? -10.712 7.154   -3.868  1.00 28.88 ? 71  PHE A CD2 1 
ATOM   556  C  CE1 . PHE A 1 71  ? -9.531  6.785   -1.379  1.00 28.15 ? 71  PHE A CE1 1 
ATOM   557  C  CE2 . PHE A 1 71  ? -9.404  6.670   -3.780  1.00 29.25 ? 71  PHE A CE2 1 
ATOM   558  C  CZ  . PHE A 1 71  ? -8.814  6.487   -2.528  1.00 28.79 ? 71  PHE A CZ  1 
ATOM   559  N  N   . GLU A 1 72  ? -14.290 6.174   -4.751  1.00 31.20 ? 72  GLU A N   1 
ATOM   560  C  CA  . GLU A 1 72  ? -14.422 5.202   -5.827  1.00 32.03 ? 72  GLU A CA  1 
ATOM   561  C  C   . GLU A 1 72  ? -13.167 4.564   -6.395  1.00 30.63 ? 72  GLU A C   1 
ATOM   562  O  O   . GLU A 1 72  ? -12.094 5.164   -6.412  1.00 30.14 ? 72  GLU A O   1 
ATOM   563  C  CB  . GLU A 1 72  ? -15.208 5.832   -6.978  1.00 33.83 ? 72  GLU A CB  1 
ATOM   564  C  CG  . GLU A 1 72  ? -16.517 6.453   -6.539  1.00 36.89 ? 72  GLU A CG  1 
ATOM   565  C  CD  . GLU A 1 72  ? -17.232 7.155   -7.670  1.00 38.71 ? 72  GLU A CD  1 
ATOM   566  O  OE1 . GLU A 1 72  ? -17.762 6.460   -8.562  1.00 40.25 ? 72  GLU A OE1 1 
ATOM   567  O  OE2 . GLU A 1 72  ? -17.256 8.402   -7.666  1.00 39.35 ? 72  GLU A OE2 1 
ATOM   568  N  N   . ASP A 1 73  ? -13.334 3.338   -6.885  1.00 30.18 ? 73  ASP A N   1 
ATOM   569  C  CA  . ASP A 1 73  ? -12.250 2.592   -7.500  1.00 30.27 ? 73  ASP A CA  1 
ATOM   570  C  C   . ASP A 1 73  ? -11.909 3.229   -8.837  1.00 30.10 ? 73  ASP A C   1 
ATOM   571  O  O   . ASP A 1 73  ? -12.750 3.883   -9.463  1.00 30.36 ? 73  ASP A O   1 
ATOM   572  C  CB  . ASP A 1 73  ? -12.662 1.137   -7.755  1.00 30.50 ? 73  ASP A CB  1 
ATOM   573  C  CG  . ASP A 1 73  ? -12.886 0.357   -6.480  1.00 30.90 ? 73  ASP A CG  1 
ATOM   574  O  OD1 . ASP A 1 73  ? -11.947 0.286   -5.657  1.00 32.35 ? 73  ASP A OD1 1 
ATOM   575  O  OD2 . ASP A 1 73  ? -13.995 -0.190  -6.305  1.00 30.23 ? 73  ASP A OD2 1 
ATOM   576  N  N   . GLU A 1 74  ? -10.665 3.040   -9.260  1.00 29.62 ? 74  GLU A N   1 
ATOM   577  C  CA  . GLU A 1 74  ? -10.191 3.538   -10.544 1.00 28.94 ? 74  GLU A CA  1 
ATOM   578  C  C   . GLU A 1 74  ? -9.452  2.374   -11.198 1.00 29.25 ? 74  GLU A C   1 
ATOM   579  O  O   . GLU A 1 74  ? -8.226  2.292   -11.155 1.00 29.05 ? 74  GLU A O   1 
ATOM   580  C  CB  . GLU A 1 74  ? -9.248  4.731   -10.354 1.00 28.14 ? 74  GLU A CB  1 
ATOM   581  C  CG  . GLU A 1 74  ? -9.930  5.973   -9.794  1.00 27.92 ? 74  GLU A CG  1 
ATOM   582  C  CD  . GLU A 1 74  ? -8.964  7.113   -9.559  1.00 28.18 ? 74  GLU A CD  1 
ATOM   583  O  OE1 . GLU A 1 74  ? -7.920  6.881   -8.912  1.00 26.63 ? 74  GLU A OE1 1 
ATOM   584  O  OE2 . GLU A 1 74  ? -9.252  8.245   -10.014 1.00 28.66 ? 74  GLU A OE2 1 
ATOM   585  N  N   . TYR A 1 75  ? -10.214 1.455   -11.780 1.00 30.12 ? 75  TYR A N   1 
ATOM   586  C  CA  . TYR A 1 75  ? -9.632  0.292   -12.435 1.00 30.62 ? 75  TYR A CA  1 
ATOM   587  C  C   . TYR A 1 75  ? -9.053  0.678   -13.784 1.00 31.15 ? 75  TYR A C   1 
ATOM   588  O  O   . TYR A 1 75  ? -9.463  1.672   -14.380 1.00 31.22 ? 75  TYR A O   1 
ATOM   589  C  CB  . TYR A 1 75  ? -10.681 -0.805  -12.624 1.00 30.10 ? 75  TYR A CB  1 
ATOM   590  C  CG  . TYR A 1 75  ? -11.221 -1.367  -11.331 1.00 30.85 ? 75  TYR A CG  1 
ATOM   591  C  CD1 . TYR A 1 75  ? -10.359 -1.749  -10.302 1.00 30.96 ? 75  TYR A CD1 1 
ATOM   592  C  CD2 . TYR A 1 75  ? -12.593 -1.542  -11.142 1.00 30.46 ? 75  TYR A CD2 1 
ATOM   593  C  CE1 . TYR A 1 75  ? -10.851 -2.292  -9.117  1.00 31.10 ? 75  TYR A CE1 1 
ATOM   594  C  CE2 . TYR A 1 75  ? -13.094 -2.084  -9.961  1.00 30.84 ? 75  TYR A CE2 1 
ATOM   595  C  CZ  . TYR A 1 75  ? -12.215 -2.458  -8.955  1.00 30.85 ? 75  TYR A CZ  1 
ATOM   596  O  OH  . TYR A 1 75  ? -12.699 -3.015  -7.795  1.00 33.01 ? 75  TYR A OH  1 
ATOM   597  N  N   . SER A 1 76  ? -8.098  -0.116  -14.258 1.00 30.68 ? 76  SER A N   1 
ATOM   598  C  CA  . SER A 1 76  ? -7.450  0.136   -15.537 1.00 30.41 ? 76  SER A CA  1 
ATOM   599  C  C   . SER A 1 76  ? -6.946  -1.154  -16.173 1.00 30.35 ? 76  SER A C   1 
ATOM   600  O  O   . SER A 1 76  ? -6.309  -1.971  -15.512 1.00 29.47 ? 76  SER A O   1 
ATOM   601  C  CB  . SER A 1 76  ? -6.271  1.085   -15.349 1.00 29.19 ? 76  SER A CB  1 
ATOM   602  O  OG  . SER A 1 76  ? -5.505  1.163   -16.540 1.00 29.98 ? 76  SER A OG  1 
ATOM   603  N  N   . GLU A 1 77  ? -7.221  -1.329  -17.462 1.00 30.77 ? 77  GLU A N   1 
ATOM   604  C  CA  . GLU A 1 77  ? -6.768  -2.522  -18.159 1.00 31.12 ? 77  GLU A CA  1 
ATOM   605  C  C   . GLU A 1 77  ? -5.247  -2.523  -18.257 1.00 29.63 ? 77  GLU A C   1 
ATOM   606  O  O   . GLU A 1 77  ? -4.637  -3.555  -18.517 1.00 29.17 ? 77  GLU A O   1 
ATOM   607  C  CB  . GLU A 1 77  ? -7.404  -2.603  -19.551 1.00 34.08 ? 77  GLU A CB  1 
ATOM   608  C  CG  . GLU A 1 77  ? -7.030  -1.486  -20.507 1.00 37.30 ? 77  GLU A CG  1 
ATOM   609  C  CD  . GLU A 1 77  ? -7.984  -1.418  -21.688 1.00 40.91 ? 77  GLU A CD  1 
ATOM   610  O  OE1 . GLU A 1 77  ? -9.133  -0.957  -21.490 1.00 43.04 ? 77  GLU A OE1 1 
ATOM   611  O  OE2 . GLU A 1 77  ? -7.597  -1.834  -22.806 1.00 41.51 ? 77  GLU A OE2 1 
ATOM   612  N  N   . TYR A 1 78  ? -4.635  -1.365  -18.029 1.00 28.52 ? 78  TYR A N   1 
ATOM   613  C  CA  . TYR A 1 78  ? -3.182  -1.252  -18.071 1.00 27.78 ? 78  TYR A CA  1 
ATOM   614  C  C   . TYR A 1 78  ? -2.556  -1.667  -16.740 1.00 27.13 ? 78  TYR A C   1 
ATOM   615  O  O   . TYR A 1 78  ? -1.366  -1.964  -16.674 1.00 26.88 ? 78  TYR A O   1 
ATOM   616  C  CB  . TYR A 1 78  ? -2.764  0.189   -18.365 1.00 28.59 ? 78  TYR A CB  1 
ATOM   617  C  CG  . TYR A 1 78  ? -3.012  0.652   -19.778 1.00 29.11 ? 78  TYR A CG  1 
ATOM   618  C  CD1 . TYR A 1 78  ? -2.065  0.442   -20.781 1.00 29.12 ? 78  TYR A CD1 1 
ATOM   619  C  CD2 . TYR A 1 78  ? -4.184  1.329   -20.109 1.00 29.99 ? 78  TYR A CD2 1 
ATOM   620  C  CE1 . TYR A 1 78  ? -2.276  0.905   -22.081 1.00 28.36 ? 78  TYR A CE1 1 
ATOM   621  C  CE2 . TYR A 1 78  ? -4.407  1.795   -21.402 1.00 29.81 ? 78  TYR A CE2 1 
ATOM   622  C  CZ  . TYR A 1 78  ? -3.450  1.584   -22.382 1.00 29.68 ? 78  TYR A CZ  1 
ATOM   623  O  OH  . TYR A 1 78  ? -3.665  2.077   -23.651 1.00 27.91 ? 78  TYR A OH  1 
ATOM   624  N  N   . LEU A 1 79  ? -3.361  -1.687  -15.683 1.00 27.04 ? 79  LEU A N   1 
ATOM   625  C  CA  . LEU A 1 79  ? -2.848  -2.018  -14.358 1.00 26.52 ? 79  LEU A CA  1 
ATOM   626  C  C   . LEU A 1 79  ? -3.382  -3.320  -13.771 1.00 25.77 ? 79  LEU A C   1 
ATOM   627  O  O   . LEU A 1 79  ? -4.546  -3.411  -13.390 1.00 25.74 ? 79  LEU A O   1 
ATOM   628  C  CB  . LEU A 1 79  ? -3.142  -0.855  -13.400 1.00 26.83 ? 79  LEU A CB  1 
ATOM   629  C  CG  . LEU A 1 79  ? -2.634  0.522   -13.857 1.00 27.25 ? 79  LEU A CG  1 
ATOM   630  C  CD1 . LEU A 1 79  ? -2.966  1.574   -12.813 1.00 26.83 ? 79  LEU A CD1 1 
ATOM   631  C  CD2 . LEU A 1 79  ? -1.132  0.472   -14.082 1.00 27.99 ? 79  LEU A CD2 1 
ATOM   632  N  N   . LYS A 1 80  ? -2.510  -4.317  -13.689 1.00 25.01 ? 80  LYS A N   1 
ATOM   633  C  CA  . LYS A 1 80  ? -2.871  -5.624  -13.152 1.00 25.11 ? 80  LYS A CA  1 
ATOM   634  C  C   . LYS A 1 80  ? -1.871  -6.068  -12.090 1.00 24.23 ? 80  LYS A C   1 
ATOM   635  O  O   . LYS A 1 80  ? -0.739  -5.584  -12.057 1.00 23.01 ? 80  LYS A O   1 
ATOM   636  C  CB  . LYS A 1 80  ? -2.878  -6.674  -14.267 1.00 25.10 ? 80  LYS A CB  1 
ATOM   637  C  CG  . LYS A 1 80  ? -3.872  -6.434  -15.389 1.00 26.29 ? 80  LYS A CG  1 
ATOM   638  C  CD  . LYS A 1 80  ? -3.772  -7.561  -16.409 1.00 27.65 ? 80  LYS A CD  1 
ATOM   639  C  CE  . LYS A 1 80  ? -4.755  -7.386  -17.558 1.00 29.44 ? 80  LYS A CE  1 
ATOM   640  N  NZ  . LYS A 1 80  ? -4.667  -8.521  -18.527 1.00 30.23 ? 80  LYS A NZ  1 
ATOM   641  N  N   . HIS A 1 81  ? -2.296  -6.987  -11.222 1.00 23.42 ? 81  HIS A N   1 
ATOM   642  C  CA  . HIS A 1 81  ? -1.416  -7.525  -10.188 1.00 24.05 ? 81  HIS A CA  1 
ATOM   643  C  C   . HIS A 1 81  ? -0.710  -8.686  -10.893 1.00 24.48 ? 81  HIS A C   1 
ATOM   644  O  O   . HIS A 1 81  ? -0.983  -9.849  -10.611 1.00 24.53 ? 81  HIS A O   1 
ATOM   645  C  CB  . HIS A 1 81  ? -2.224  -8.067  -8.998  1.00 24.16 ? 81  HIS A CB  1 
ATOM   646  C  CG  . HIS A 1 81  ? -3.181  -7.079  -8.403  1.00 24.54 ? 81  HIS A CG  1 
ATOM   647  N  ND1 . HIS A 1 81  ? -4.386  -6.758  -8.992  1.00 24.35 ? 81  HIS A ND1 1 
ATOM   648  C  CD2 . HIS A 1 81  ? -3.113  -6.346  -7.266  1.00 24.60 ? 81  HIS A CD2 1 
ATOM   649  C  CE1 . HIS A 1 81  ? -5.019  -5.875  -8.241  1.00 25.43 ? 81  HIS A CE1 1 
ATOM   650  N  NE2 . HIS A 1 81  ? -4.269  -5.607  -7.187  1.00 24.67 ? 81  HIS A NE2 1 
ATOM   651  N  N   . ASN A 1 82  ? 0.189   -8.365  -11.820 1.00 25.22 ? 82  ASN A N   1 
ATOM   652  C  CA  . ASN A 1 82  ? 0.866   -9.400  -12.586 1.00 26.24 ? 82  ASN A CA  1 
ATOM   653  C  C   . ASN A 1 82  ? 2.331   -9.627  -12.266 1.00 26.42 ? 82  ASN A C   1 
ATOM   654  O  O   . ASN A 1 82  ? 2.994   -10.423 -12.930 1.00 26.68 ? 82  ASN A O   1 
ATOM   655  C  CB  . ASN A 1 82  ? 0.714   -9.119  -14.085 1.00 27.49 ? 82  ASN A CB  1 
ATOM   656  C  CG  . ASN A 1 82  ? 1.345   -7.802  -14.510 1.00 28.79 ? 82  ASN A CG  1 
ATOM   657  O  OD1 . ASN A 1 82  ? 1.866   -7.044  -13.690 1.00 29.33 ? 82  ASN A OD1 1 
ATOM   658  N  ND2 . ASN A 1 82  ? 1.293   -7.520  -15.808 1.00 30.24 ? 82  ASN A ND2 1 
ATOM   659  N  N   . VAL A 1 83  ? 2.836   -8.931  -11.256 1.00 26.35 ? 83  VAL A N   1 
ATOM   660  C  CA  . VAL A 1 83  ? 4.231   -9.068  -10.856 1.00 26.97 ? 83  VAL A CA  1 
ATOM   661  C  C   . VAL A 1 83  ? 4.382   -8.770  -9.372  1.00 26.84 ? 83  VAL A C   1 
ATOM   662  O  O   . VAL A 1 83  ? 3.474   -8.239  -8.742  1.00 28.01 ? 83  VAL A O   1 
ATOM   663  C  CB  . VAL A 1 83  ? 5.147   -8.093  -11.631 1.00 27.62 ? 83  VAL A CB  1 
ATOM   664  C  CG1 . VAL A 1 83  ? 5.218   -8.491  -13.103 1.00 29.10 ? 83  VAL A CG1 1 
ATOM   665  C  CG2 . VAL A 1 83  ? 4.624   -6.674  -11.491 1.00 26.61 ? 83  VAL A CG2 1 
ATOM   666  N  N   . ARG A 1 84  ? 5.535   -9.123  -8.824  1.00 27.23 ? 84  ARG A N   1 
ATOM   667  C  CA  . ARG A 1 84  ? 5.835   -8.880  -7.420  1.00 27.13 ? 84  ARG A CA  1 
ATOM   668  C  C   . ARG A 1 84  ? 6.021   -7.377  -7.226  1.00 27.01 ? 84  ARG A C   1 
ATOM   669  O  O   . ARG A 1 84  ? 6.664   -6.719  -8.042  1.00 26.07 ? 84  ARG A O   1 
ATOM   670  C  CB  . ARG A 1 84  ? 7.129   -9.606  -7.048  1.00 27.26 ? 84  ARG A CB  1 
ATOM   671  C  CG  . ARG A 1 84  ? 7.632   -9.382  -5.627  1.00 27.35 ? 84  ARG A CG  1 
ATOM   672  C  CD  . ARG A 1 84  ? 8.941   -10.151 -5.427  1.00 26.33 ? 84  ARG A CD  1 
ATOM   673  N  NE  . ARG A 1 84  ? 9.471   -10.037 -4.070  1.00 26.75 ? 84  ARG A NE  1 
ATOM   674  C  CZ  . ARG A 1 84  ? 8.929   -10.602 -2.996  1.00 25.79 ? 84  ARG A CZ  1 
ATOM   675  N  NH1 . ARG A 1 84  ? 7.826   -11.326 -3.110  1.00 25.62 ? 84  ARG A NH1 1 
ATOM   676  N  NH2 . ARG A 1 84  ? 9.504   -10.460 -1.809  1.00 25.37 ? 84  ARG A NH2 1 
ATOM   677  N  N   . GLY A 1 85  ? 5.452   -6.830  -6.156  1.00 25.32 ? 85  GLY A N   1 
ATOM   678  C  CA  . GLY A 1 85  ? 5.624   -5.411  -5.906  1.00 25.29 ? 85  GLY A CA  1 
ATOM   679  C  C   . GLY A 1 85  ? 4.533   -4.474  -6.389  1.00 24.57 ? 85  GLY A C   1 
ATOM   680  O  O   . GLY A 1 85  ? 4.742   -3.263  -6.425  1.00 25.90 ? 85  GLY A O   1 
ATOM   681  N  N   . VAL A 1 86  ? 3.378   -5.007  -6.771  1.00 23.86 ? 86  VAL A N   1 
ATOM   682  C  CA  . VAL A 1 86  ? 2.289   -4.147  -7.210  1.00 22.66 ? 86  VAL A CA  1 
ATOM   683  C  C   . VAL A 1 86  ? 1.653   -3.562  -5.951  1.00 22.77 ? 86  VAL A C   1 
ATOM   684  O  O   . VAL A 1 86  ? 1.504   -4.255  -4.940  1.00 21.93 ? 86  VAL A O   1 
ATOM   685  C  CB  . VAL A 1 86  ? 1.245   -4.928  -8.024  1.00 21.44 ? 86  VAL A CB  1 
ATOM   686  C  CG1 . VAL A 1 86  ? 0.061   -4.027  -8.367  1.00 20.65 ? 86  VAL A CG1 1 
ATOM   687  C  CG2 . VAL A 1 86  ? 1.893   -5.450  -9.302  1.00 21.29 ? 86  VAL A CG2 1 
ATOM   688  N  N   . VAL A 1 87  ? 1.302   -2.283  -6.006  1.00 21.46 ? 87  VAL A N   1 
ATOM   689  C  CA  . VAL A 1 87  ? 0.724   -1.601  -4.853  1.00 21.54 ? 87  VAL A CA  1 
ATOM   690  C  C   . VAL A 1 87  ? -0.716  -1.200  -5.138  1.00 21.52 ? 87  VAL A C   1 
ATOM   691  O  O   . VAL A 1 87  ? -0.987  -0.506  -6.121  1.00 21.61 ? 87  VAL A O   1 
ATOM   692  C  CB  . VAL A 1 87  ? 1.552   -0.345  -4.502  1.00 21.33 ? 87  VAL A CB  1 
ATOM   693  C  CG1 . VAL A 1 87  ? 1.029   0.298   -3.225  1.00 21.14 ? 87  VAL A CG1 1 
ATOM   694  C  CG2 . VAL A 1 87  ? 3.022   -0.723  -4.351  1.00 21.88 ? 87  VAL A CG2 1 
ATOM   695  N  N   . SER A 1 88  ? -1.631  -1.635  -4.272  1.00 21.31 ? 88  SER A N   1 
ATOM   696  C  CA  . SER A 1 88  ? -3.051  -1.352  -4.443  1.00 22.07 ? 88  SER A CA  1 
ATOM   697  C  C   . SER A 1 88  ? -3.749  -0.934  -3.152  1.00 22.82 ? 88  SER A C   1 
ATOM   698  O  O   . SER A 1 88  ? -3.218  -1.092  -2.046  1.00 23.19 ? 88  SER A O   1 
ATOM   699  C  CB  . SER A 1 88  ? -3.764  -2.590  -4.997  1.00 21.41 ? 88  SER A CB  1 
ATOM   700  O  OG  . SER A 1 88  ? -3.075  -3.107  -6.124  1.00 24.12 ? 88  SER A OG  1 
ATOM   701  N  N   . MET A 1 89  ? -4.956  -0.405  -3.310  1.00 23.18 ? 89  MET A N   1 
ATOM   702  C  CA  . MET A 1 89  ? -5.757  0.020   -2.178  1.00 23.44 ? 89  MET A CA  1 
ATOM   703  C  C   . MET A 1 89  ? -6.577  -1.163  -1.699  1.00 23.88 ? 89  MET A C   1 
ATOM   704  O  O   . MET A 1 89  ? -7.134  -1.912  -2.503  1.00 23.41 ? 89  MET A O   1 
ATOM   705  C  CB  . MET A 1 89  ? -6.713  1.148   -2.578  1.00 23.56 ? 89  MET A CB  1 
ATOM   706  C  CG  . MET A 1 89  ? -6.043  2.455   -2.973  1.00 23.03 ? 89  MET A CG  1 
ATOM   707  S  SD  . MET A 1 89  ? -5.086  3.162   -1.623  1.00 23.52 ? 89  MET A SD  1 
ATOM   708  C  CE  . MET A 1 89  ? -6.387  3.637   -0.494  1.00 22.49 ? 89  MET A CE  1 
ATOM   709  N  N   . ALA A 1 90  ? -6.641  -1.333  -0.386  1.00 24.00 ? 90  ALA A N   1 
ATOM   710  C  CA  . ALA A 1 90  ? -7.434  -2.401  0.194   1.00 24.06 ? 90  ALA A CA  1 
ATOM   711  C  C   . ALA A 1 90  ? -8.857  -1.864  0.182   1.00 24.65 ? 90  ALA A C   1 
ATOM   712  O  O   . ALA A 1 90  ? -9.061  -0.653  0.076   1.00 23.69 ? 90  ALA A O   1 
ATOM   713  C  CB  . ALA A 1 90  ? -6.988  -2.666  1.622   1.00 23.61 ? 90  ALA A CB  1 
ATOM   714  N  N   . ASN A 1 91  ? -9.839  -2.753  0.263   1.00 24.79 ? 91  ASN A N   1 
ATOM   715  C  CA  . ASN A 1 91  ? -11.226 -2.320  0.296   1.00 26.70 ? 91  ASN A CA  1 
ATOM   716  C  C   . ASN A 1 91  ? -12.126 -3.415  0.855   1.00 28.56 ? 91  ASN A C   1 
ATOM   717  O  O   . ASN A 1 91  ? -11.684 -4.545  1.087   1.00 28.98 ? 91  ASN A O   1 
ATOM   718  C  CB  . ASN A 1 91  ? -11.711 -1.912  -1.100  1.00 25.72 ? 91  ASN A CB  1 
ATOM   719  C  CG  . ASN A 1 91  ? -11.900 -3.091  -2.025  1.00 25.39 ? 91  ASN A CG  1 
ATOM   720  O  OD1 . ASN A 1 91  ? -12.573 -4.062  -1.680  1.00 26.11 ? 91  ASN A OD1 1 
ATOM   721  N  ND2 . ASN A 1 91  ? -11.317 -3.010  -3.216  1.00 26.55 ? 91  ASN A ND2 1 
ATOM   722  N  N   . ASN A 1 92  ? -13.387 -3.063  1.075   1.00 30.14 ? 92  ASN A N   1 
ATOM   723  C  CA  . ASN A 1 92  ? -14.375 -3.995  1.602   1.00 32.68 ? 92  ASN A CA  1 
ATOM   724  C  C   . ASN A 1 92  ? -15.506 -4.074  0.591   1.00 32.63 ? 92  ASN A C   1 
ATOM   725  O  O   . ASN A 1 92  ? -16.680 -4.109  0.952   1.00 33.50 ? 92  ASN A O   1 
ATOM   726  C  CB  . ASN A 1 92  ? -14.909 -3.484  2.942   1.00 34.86 ? 92  ASN A CB  1 
ATOM   727  C  CG  . ASN A 1 92  ? -13.813 -3.298  3.969   1.00 37.43 ? 92  ASN A CG  1 
ATOM   728  O  OD1 . ASN A 1 92  ? -13.239 -4.270  4.456   1.00 39.33 ? 92  ASN A OD1 1 
ATOM   729  N  ND2 . ASN A 1 92  ? -13.508 -2.043  4.295   1.00 38.34 ? 92  ASN A ND2 1 
ATOM   730  N  N   . GLY A 1 93  ? -15.138 -4.097  -0.682  1.00 32.90 ? 93  GLY A N   1 
ATOM   731  C  CA  . GLY A 1 93  ? -16.128 -4.150  -1.734  1.00 31.92 ? 93  GLY A CA  1 
ATOM   732  C  C   . GLY A 1 93  ? -15.994 -2.924  -2.612  1.00 31.72 ? 93  GLY A C   1 
ATOM   733  O  O   . GLY A 1 93  ? -15.140 -2.075  -2.369  1.00 31.36 ? 93  GLY A O   1 
ATOM   734  N  N   . PRO A 1 94  ? -16.840 -2.799  -3.638  1.00 31.81 ? 94  PRO A N   1 
ATOM   735  C  CA  . PRO A 1 94  ? -16.839 -1.680  -4.578  1.00 31.65 ? 94  PRO A CA  1 
ATOM   736  C  C   . PRO A 1 94  ? -16.812 -0.283  -3.972  1.00 31.66 ? 94  PRO A C   1 
ATOM   737  O  O   . PRO A 1 94  ? -17.581 0.037   -3.068  1.00 31.30 ? 94  PRO A O   1 
ATOM   738  C  CB  . PRO A 1 94  ? -18.106 -1.918  -5.390  1.00 31.97 ? 94  PRO A CB  1 
ATOM   739  C  CG  . PRO A 1 94  ? -18.178 -3.410  -5.437  1.00 32.61 ? 94  PRO A CG  1 
ATOM   740  C  CD  . PRO A 1 94  ? -17.885 -3.776  -4.001  1.00 32.01 ? 94  PRO A CD  1 
ATOM   741  N  N   . ASN A 1 95  ? -15.906 0.539   -4.489  1.00 31.03 ? 95  ASN A N   1 
ATOM   742  C  CA  . ASN A 1 95  ? -15.775 1.925   -4.075  1.00 30.48 ? 95  ASN A CA  1 
ATOM   743  C  C   . ASN A 1 95  ? -15.695 2.172   -2.571  1.00 30.35 ? 95  ASN A C   1 
ATOM   744  O  O   . ASN A 1 95  ? -16.355 3.071   -2.051  1.00 29.57 ? 95  ASN A O   1 
ATOM   745  C  CB  . ASN A 1 95  ? -16.934 2.727   -4.673  1.00 31.03 ? 95  ASN A CB  1 
ATOM   746  C  CG  . ASN A 1 95  ? -17.118 2.454   -6.157  1.00 31.36 ? 95  ASN A CG  1 
ATOM   747  O  OD1 . ASN A 1 95  ? -16.179 2.583   -6.946  1.00 29.24 ? 95  ASN A OD1 1 
ATOM   748  N  ND2 . ASN A 1 95  ? -18.332 2.069   -6.542  1.00 31.31 ? 95  ASN A ND2 1 
ATOM   749  N  N   . THR A 1 96  ? -14.887 1.382   -1.872  1.00 29.82 ? 96  THR A N   1 
ATOM   750  C  CA  . THR A 1 96  ? -14.737 1.572   -0.437  1.00 29.47 ? 96  THR A CA  1 
ATOM   751  C  C   . THR A 1 96  ? -13.279 1.843   -0.061  1.00 29.48 ? 96  THR A C   1 
ATOM   752  O  O   . THR A 1 96  ? -12.822 1.472   1.017   1.00 29.89 ? 96  THR A O   1 
ATOM   753  C  CB  . THR A 1 96  ? -15.276 0.349   0.358   1.00 30.05 ? 96  THR A CB  1 
ATOM   754  O  OG1 . THR A 1 96  ? -14.649 -0.855  -0.100  1.00 28.83 ? 96  THR A OG1 1 
ATOM   755  C  CG2 . THR A 1 96  ? -16.790 0.233   0.178   1.00 30.27 ? 96  THR A CG2 1 
ATOM   756  N  N   . ASN A 1 97  ? -12.560 2.509   -0.958  1.00 28.81 ? 97  ASN A N   1 
ATOM   757  C  CA  . ASN A 1 97  ? -11.159 2.848   -0.728  1.00 28.40 ? 97  ASN A CA  1 
ATOM   758  C  C   . ASN A 1 97  ? -11.034 3.888   0.384   1.00 27.24 ? 97  ASN A C   1 
ATOM   759  O  O   . ASN A 1 97  ? -11.796 4.849   0.430   1.00 27.14 ? 97  ASN A O   1 
ATOM   760  C  CB  . ASN A 1 97  ? -10.539 3.400   -2.012  1.00 28.62 ? 97  ASN A CB  1 
ATOM   761  C  CG  . ASN A 1 97  ? -10.548 2.393   -3.138  1.00 28.77 ? 97  ASN A CG  1 
ATOM   762  O  OD1 . ASN A 1 97  ? -9.871  1.371   -3.069  1.00 29.36 ? 97  ASN A OD1 1 
ATOM   763  N  ND2 . ASN A 1 97  ? -11.324 2.672   -4.184  1.00 28.67 ? 97  ASN A ND2 1 
ATOM   764  N  N   . GLY A 1 98  ? -10.067 3.688   1.275   1.00 26.77 ? 98  GLY A N   1 
ATOM   765  C  CA  . GLY A 1 98  ? -9.859  4.622   2.371   1.00 25.23 ? 98  GLY A CA  1 
ATOM   766  C  C   . GLY A 1 98  ? -8.402  5.050   2.424   1.00 24.88 ? 98  GLY A C   1 
ATOM   767  O  O   . GLY A 1 98  ? -7.970  5.900   1.642   1.00 24.43 ? 98  GLY A O   1 
ATOM   768  N  N   . SER A 1 99  ? -7.643  4.453   3.339   1.00 23.33 ? 99  SER A N   1 
ATOM   769  C  CA  . SER A 1 99  ? -6.225  4.767   3.480   1.00 23.26 ? 99  SER A CA  1 
ATOM   770  C  C   . SER A 1 99  ? -5.352  3.515   3.357   1.00 22.25 ? 99  SER A C   1 
ATOM   771  O  O   . SER A 1 99  ? -4.209  3.589   2.898   1.00 22.54 ? 99  SER A O   1 
ATOM   772  C  CB  . SER A 1 99  ? -5.964  5.445   4.829   1.00 22.39 ? 99  SER A CB  1 
ATOM   773  O  OG  . SER A 1 99  ? -6.330  4.596   5.905   1.00 23.28 ? 99  SER A OG  1 
ATOM   774  N  N   . GLN A 1 100 ? -5.892  2.367   3.759   1.00 21.77 ? 100 GLN A N   1 
ATOM   775  C  CA  . GLN A 1 100 ? -5.147  1.114   3.703   1.00 22.12 ? 100 GLN A CA  1 
ATOM   776  C  C   . GLN A 1 100 ? -4.756  0.712   2.291   1.00 21.85 ? 100 GLN A C   1 
ATOM   777  O  O   . GLN A 1 100 ? -5.518  0.900   1.338   1.00 21.83 ? 100 GLN A O   1 
ATOM   778  C  CB  . GLN A 1 100 ? -5.958  -0.034  4.308   1.00 21.93 ? 100 GLN A CB  1 
ATOM   779  C  CG  . GLN A 1 100 ? -6.256  0.084   5.782   1.00 22.39 ? 100 GLN A CG  1 
ATOM   780  C  CD  . GLN A 1 100 ? -6.935  -1.168  6.310   1.00 23.71 ? 100 GLN A CD  1 
ATOM   781  O  OE1 . GLN A 1 100 ? -6.362  -2.260  6.260   1.00 23.66 ? 100 GLN A OE1 1 
ATOM   782  N  NE2 . GLN A 1 100 ? -8.157  -1.018  6.814   1.00 21.53 ? 100 GLN A NE2 1 
ATOM   783  N  N   . PHE A 1 101 ? -3.557  0.158   2.168   1.00 20.78 ? 101 PHE A N   1 
ATOM   784  C  CA  . PHE A 1 101 ? -3.061  -0.308  0.886   1.00 20.97 ? 101 PHE A CA  1 
ATOM   785  C  C   . PHE A 1 101 ? -2.205  -1.546  1.117   1.00 20.27 ? 101 PHE A C   1 
ATOM   786  O  O   . PHE A 1 101 ? -1.811  -1.830  2.249   1.00 19.72 ? 101 PHE A O   1 
ATOM   787  C  CB  . PHE A 1 101 ? -2.264  0.803   0.179   1.00 19.92 ? 101 PHE A CB  1 
ATOM   788  C  CG  . PHE A 1 101 ? -1.031  1.251   0.919   1.00 21.05 ? 101 PHE A CG  1 
ATOM   789  C  CD1 . PHE A 1 101 ? 0.198   0.652   0.673   1.00 20.48 ? 101 PHE A CD1 1 
ATOM   790  C  CD2 . PHE A 1 101 ? -1.100  2.283   1.851   1.00 19.83 ? 101 PHE A CD2 1 
ATOM   791  C  CE1 . PHE A 1 101 ? 1.348   1.075   1.342   1.00 20.13 ? 101 PHE A CE1 1 
ATOM   792  C  CE2 . PHE A 1 101 ? 0.044   2.715   2.530   1.00 20.83 ? 101 PHE A CE2 1 
ATOM   793  C  CZ  . PHE A 1 101 ? 1.270   2.109   2.273   1.00 20.60 ? 101 PHE A CZ  1 
ATOM   794  N  N   . PHE A 1 102 ? -1.946  -2.307  0.060   1.00 19.92 ? 102 PHE A N   1 
ATOM   795  C  CA  . PHE A 1 102 ? -1.124  -3.495  0.200   1.00 20.13 ? 102 PHE A CA  1 
ATOM   796  C  C   . PHE A 1 102 ? -0.104  -3.619  -0.920  1.00 19.86 ? 102 PHE A C   1 
ATOM   797  O  O   . PHE A 1 102 ? -0.210  -2.957  -1.956  1.00 19.03 ? 102 PHE A O   1 
ATOM   798  C  CB  . PHE A 1 102 ? -1.991  -4.771  0.284   1.00 20.89 ? 102 PHE A CB  1 
ATOM   799  C  CG  . PHE A 1 102 ? -2.897  -5.001  -0.908  1.00 21.41 ? 102 PHE A CG  1 
ATOM   800  C  CD1 . PHE A 1 102 ? -4.203  -4.510  -0.916  1.00 22.82 ? 102 PHE A CD1 1 
ATOM   801  C  CD2 . PHE A 1 102 ? -2.461  -5.751  -1.996  1.00 22.35 ? 102 PHE A CD2 1 
ATOM   802  C  CE1 . PHE A 1 102 ? -5.064  -4.771  -1.989  1.00 21.22 ? 102 PHE A CE1 1 
ATOM   803  C  CE2 . PHE A 1 102 ? -3.313  -6.018  -3.078  1.00 23.49 ? 102 PHE A CE2 1 
ATOM   804  C  CZ  . PHE A 1 102 ? -4.620  -5.526  -3.069  1.00 22.34 ? 102 PHE A CZ  1 
ATOM   805  N  N   . ILE A 1 103 ? 0.908   -4.443  -0.681  1.00 19.59 ? 103 ILE A N   1 
ATOM   806  C  CA  . ILE A 1 103 ? 1.954   -4.690  -1.665  1.00 20.32 ? 103 ILE A CA  1 
ATOM   807  C  C   . ILE A 1 103 ? 1.938   -6.191  -1.921  1.00 20.78 ? 103 ILE A C   1 
ATOM   808  O  O   . ILE A 1 103 ? 2.049   -6.977  -0.981  1.00 19.70 ? 103 ILE A O   1 
ATOM   809  C  CB  . ILE A 1 103 ? 3.338   -4.303  -1.124  1.00 21.08 ? 103 ILE A CB  1 
ATOM   810  C  CG1 . ILE A 1 103 ? 3.324   -2.852  -0.646  1.00 21.05 ? 103 ILE A CG1 1 
ATOM   811  C  CG2 . ILE A 1 103 ? 4.396   -4.497  -2.206  1.00 20.50 ? 103 ILE A CG2 1 
ATOM   812  C  CD1 . ILE A 1 103 ? 4.655   -2.395  -0.105  1.00 24.13 ? 103 ILE A CD1 1 
ATOM   813  N  N   . THR A 1 104 ? 1.794   -6.590  -3.183  1.00 20.16 ? 104 THR A N   1 
ATOM   814  C  CA  . THR A 1 104 ? 1.758   -8.010  -3.515  1.00 21.55 ? 104 THR A CA  1 
ATOM   815  C  C   . THR A 1 104 ? 3.149   -8.624  -3.533  1.00 22.41 ? 104 THR A C   1 
ATOM   816  O  O   . THR A 1 104 ? 4.149   -7.936  -3.748  1.00 22.46 ? 104 THR A O   1 
ATOM   817  C  CB  . THR A 1 104 ? 1.082   -8.266  -4.885  1.00 20.46 ? 104 THR A CB  1 
ATOM   818  O  OG1 . THR A 1 104 ? 1.891   -7.716  -5.928  1.00 21.20 ? 104 THR A OG1 1 
ATOM   819  C  CG2 . THR A 1 104 ? -0.294  -7.623  -4.926  1.00 18.79 ? 104 THR A CG2 1 
ATOM   820  N  N   . TYR A 1 105 ? 3.206   -9.929  -3.286  1.00 23.54 ? 105 TYR A N   1 
ATOM   821  C  CA  . TYR A 1 105 ? 4.470   -10.654 -3.272  1.00 23.92 ? 105 TYR A CA  1 
ATOM   822  C  C   . TYR A 1 105 ? 4.669   -11.414 -4.570  1.00 24.32 ? 105 TYR A C   1 
ATOM   823  O  O   . TYR A 1 105 ? 5.743   -11.955 -4.829  1.00 24.94 ? 105 TYR A O   1 
ATOM   824  C  CB  . TYR A 1 105 ? 4.500   -11.622 -2.087  1.00 22.79 ? 105 TYR A CB  1 
ATOM   825  C  CG  . TYR A 1 105 ? 4.737   -10.940 -0.759  1.00 22.97 ? 105 TYR A CG  1 
ATOM   826  C  CD1 . TYR A 1 105 ? 3.976   -11.274 0.366   1.00 22.70 ? 105 TYR A CD1 1 
ATOM   827  C  CD2 . TYR A 1 105 ? 5.749   -9.993  -0.612  1.00 21.43 ? 105 TYR A CD2 1 
ATOM   828  C  CE1 . TYR A 1 105 ? 4.219   -10.689 1.599   1.00 23.25 ? 105 TYR A CE1 1 
ATOM   829  C  CE2 . TYR A 1 105 ? 6.004   -9.399  0.626   1.00 24.25 ? 105 TYR A CE2 1 
ATOM   830  C  CZ  . TYR A 1 105 ? 5.236   -9.754  1.726   1.00 23.15 ? 105 TYR A CZ  1 
ATOM   831  O  OH  . TYR A 1 105 ? 5.503   -9.204  2.959   1.00 23.59 ? 105 TYR A OH  1 
ATOM   832  N  N   . GLY A 1 106 ? 3.626   -11.451 -5.388  1.00 25.23 ? 106 GLY A N   1 
ATOM   833  C  CA  . GLY A 1 106 ? 3.715   -12.147 -6.657  1.00 25.41 ? 106 GLY A CA  1 
ATOM   834  C  C   . GLY A 1 106 ? 2.479   -11.903 -7.497  1.00 26.36 ? 106 GLY A C   1 
ATOM   835  O  O   . GLY A 1 106 ? 1.550   -11.211 -7.072  1.00 25.69 ? 106 GLY A O   1 
ATOM   836  N  N   . LYS A 1 107 ? 2.468   -12.468 -8.695  1.00 27.67 ? 107 LYS A N   1 
ATOM   837  C  CA  . LYS A 1 107 ? 1.331   -12.330 -9.593  1.00 29.10 ? 107 LYS A CA  1 
ATOM   838  C  C   . LYS A 1 107 ? 0.092   -12.865 -8.875  1.00 29.30 ? 107 LYS A C   1 
ATOM   839  O  O   . LYS A 1 107 ? 0.125   -13.944 -8.278  1.00 28.42 ? 107 LYS A O   1 
ATOM   840  C  CB  . LYS A 1 107 ? 1.589   -13.126 -10.877 1.00 31.03 ? 107 LYS A CB  1 
ATOM   841  C  CG  . LYS A 1 107 ? 0.558   -12.910 -11.978 1.00 34.87 ? 107 LYS A CG  1 
ATOM   842  C  CD  . LYS A 1 107 ? 0.989   -13.584 -13.281 1.00 37.87 ? 107 LYS A CD  1 
ATOM   843  C  CE  . LYS A 1 107 ? 0.000   -13.307 -14.411 1.00 39.78 ? 107 LYS A CE  1 
ATOM   844  N  NZ  . LYS A 1 107 ? 0.441   -13.920 -15.699 1.00 41.43 ? 107 LYS A NZ  1 
ATOM   845  N  N   . GLN A 1 108 ? -0.993  -12.099 -8.919  1.00 29.33 ? 108 GLN A N   1 
ATOM   846  C  CA  . GLN A 1 108 ? -2.250  -12.487 -8.277  1.00 30.32 ? 108 GLN A CA  1 
ATOM   847  C  C   . GLN A 1 108 ? -3.404  -12.007 -9.156  1.00 30.21 ? 108 GLN A C   1 
ATOM   848  O  O   . GLN A 1 108 ? -4.100  -11.055 -8.813  1.00 29.90 ? 108 GLN A O   1 
ATOM   849  C  CB  . GLN A 1 108 ? -2.358  -11.842 -6.892  1.00 30.42 ? 108 GLN A CB  1 
ATOM   850  C  CG  . GLN A 1 108 ? -1.305  -12.290 -5.882  1.00 32.16 ? 108 GLN A CG  1 
ATOM   851  C  CD  . GLN A 1 108 ? -1.454  -13.748 -5.487  1.00 33.26 ? 108 GLN A CD  1 
ATOM   852  O  OE1 . GLN A 1 108 ? -2.567  -14.266 -5.408  1.00 33.82 ? 108 GLN A OE1 1 
ATOM   853  N  NE2 . GLN A 1 108 ? -0.333  -14.411 -5.217  1.00 33.77 ? 108 GLN A NE2 1 
ATOM   854  N  N   . PRO A 1 109 ? -3.623  -12.672 -10.300 1.00 30.65 ? 109 PRO A N   1 
ATOM   855  C  CA  . PRO A 1 109 ? -4.684  -12.328 -11.254 1.00 29.94 ? 109 PRO A CA  1 
ATOM   856  C  C   . PRO A 1 109 ? -6.106  -12.192 -10.717 1.00 30.51 ? 109 PRO A C   1 
ATOM   857  O  O   . PRO A 1 109 ? -6.900  -11.429 -11.256 1.00 30.21 ? 109 PRO A O   1 
ATOM   858  C  CB  . PRO A 1 109 ? -4.563  -13.424 -12.318 1.00 30.39 ? 109 PRO A CB  1 
ATOM   859  C  CG  . PRO A 1 109 ? -3.970  -14.572 -11.566 1.00 31.53 ? 109 PRO A CG  1 
ATOM   860  C  CD  . PRO A 1 109 ? -2.927  -13.899 -10.722 1.00 31.03 ? 109 PRO A CD  1 
ATOM   861  N  N   A HIS A 1 110 ? -6.417  -12.928 -9.657  0.50 30.13 ? 110 HIS A N   1 
ATOM   862  N  N   B HIS A 1 110 ? -6.430  -12.932 -9.662  0.50 29.96 ? 110 HIS A N   1 
ATOM   863  C  CA  A HIS A 1 110 ? -7.747  -12.883 -9.063  0.50 30.48 ? 110 HIS A CA  1 
ATOM   864  C  CA  B HIS A 1 110 ? -7.769  -12.865 -9.091  0.50 30.36 ? 110 HIS A CA  1 
ATOM   865  C  C   A HIS A 1 110 ? -8.065  -11.520 -8.447  0.50 30.28 ? 110 HIS A C   1 
ATOM   866  C  C   B HIS A 1 110 ? -8.072  -11.507 -8.462  0.50 30.25 ? 110 HIS A C   1 
ATOM   867  O  O   A HIS A 1 110 ? -9.229  -11.188 -8.231  0.50 30.01 ? 110 HIS A O   1 
ATOM   868  O  O   B HIS A 1 110 ? -9.232  -11.164 -8.246  0.50 29.93 ? 110 HIS A O   1 
ATOM   869  C  CB  A HIS A 1 110 ? -7.868  -13.973 -7.998  0.50 31.38 ? 110 HIS A CB  1 
ATOM   870  C  CB  B HIS A 1 110 ? -7.955  -13.976 -8.056  0.50 31.08 ? 110 HIS A CB  1 
ATOM   871  C  CG  A HIS A 1 110 ? -6.888  -13.830 -6.875  0.50 32.19 ? 110 HIS A CG  1 
ATOM   872  C  CG  B HIS A 1 110 ? -7.931  -15.353 -8.642  0.50 32.00 ? 110 HIS A CG  1 
ATOM   873  N  ND1 A HIS A 1 110 ? -7.130  -13.042 -5.771  0.50 32.98 ? 110 HIS A ND1 1 
ATOM   874  N  ND1 B HIS A 1 110 ? -8.868  -15.788 -9.555  0.50 32.31 ? 110 HIS A ND1 1 
ATOM   875  C  CD2 A HIS A 1 110 ? -5.660  -14.371 -6.690  0.50 32.95 ? 110 HIS A CD2 1 
ATOM   876  C  CD2 B HIS A 1 110 ? -7.078  -16.388 -8.456  0.50 32.29 ? 110 HIS A CD2 1 
ATOM   877  C  CE1 A HIS A 1 110 ? -6.095  -13.107 -4.951  0.50 33.25 ? 110 HIS A CE1 1 
ATOM   878  C  CE1 B HIS A 1 110 ? -8.593  -17.033 -9.905  0.50 32.90 ? 110 HIS A CE1 1 
ATOM   879  N  NE2 A HIS A 1 110 ? -5.190  -13.907 -5.486  0.50 33.34 ? 110 HIS A NE2 1 
ATOM   880  N  NE2 B HIS A 1 110 ? -7.511  -17.419 -9.253  0.50 33.09 ? 110 HIS A NE2 1 
ATOM   881  N  N   . LEU A 1 111 ? -7.029  -10.736 -8.170  1.00 29.64 ? 111 LEU A N   1 
ATOM   882  C  CA  . LEU A 1 111 ? -7.203  -9.411  -7.577  1.00 29.66 ? 111 LEU A CA  1 
ATOM   883  C  C   . LEU A 1 111 ? -7.562  -8.354  -8.626  1.00 29.10 ? 111 LEU A C   1 
ATOM   884  O  O   . LEU A 1 111 ? -8.091  -7.294  -8.291  1.00 27.79 ? 111 LEU A O   1 
ATOM   885  C  CB  . LEU A 1 111 ? -5.921  -8.971  -6.855  1.00 29.49 ? 111 LEU A CB  1 
ATOM   886  C  CG  . LEU A 1 111 ? -5.400  -9.815  -5.687  1.00 29.81 ? 111 LEU A CG  1 
ATOM   887  C  CD1 . LEU A 1 111 ? -4.078  -9.239  -5.195  1.00 29.45 ? 111 LEU A CD1 1 
ATOM   888  C  CD2 . LEU A 1 111 ? -6.422  -9.840  -4.565  1.00 29.61 ? 111 LEU A CD2 1 
ATOM   889  N  N   . ASP A 1 112 ? -7.274  -8.644  -9.892  1.00 28.59 ? 112 ASP A N   1 
ATOM   890  C  CA  . ASP A 1 112 ? -7.551  -7.694  -10.965 1.00 28.98 ? 112 ASP A CA  1 
ATOM   891  C  C   . ASP A 1 112 ? -9.021  -7.295  -11.064 1.00 28.90 ? 112 ASP A C   1 
ATOM   892  O  O   . ASP A 1 112 ? -9.918  -8.140  -11.010 1.00 27.64 ? 112 ASP A O   1 
ATOM   893  C  CB  . ASP A 1 112 ? -7.051  -8.253  -12.304 1.00 28.74 ? 112 ASP A CB  1 
ATOM   894  C  CG  . ASP A 1 112 ? -5.547  -8.490  -12.307 1.00 28.64 ? 112 ASP A CG  1 
ATOM   895  O  OD1 . ASP A 1 112 ? -4.856  -7.885  -11.461 1.00 28.33 ? 112 ASP A OD1 1 
ATOM   896  O  OD2 . ASP A 1 112 ? -5.049  -9.263  -13.152 1.00 28.37 ? 112 ASP A OD2 1 
ATOM   897  N  N   . MET A 1 113 ? -9.251  -5.992  -11.189 1.00 29.41 ? 113 MET A N   1 
ATOM   898  C  CA  . MET A 1 113 ? -10.592 -5.429  -11.293 1.00 30.60 ? 113 MET A CA  1 
ATOM   899  C  C   . MET A 1 113 ? -11.410 -5.627  -10.015 1.00 30.32 ? 113 MET A C   1 
ATOM   900  O  O   . MET A 1 113 ? -12.640 -5.527  -10.024 1.00 29.91 ? 113 MET A O   1 
ATOM   901  C  CB  . MET A 1 113 ? -11.318 -6.027  -12.506 1.00 31.91 ? 113 MET A CB  1 
ATOM   902  C  CG  . MET A 1 113 ? -10.551 -5.821  -13.818 1.00 32.74 ? 113 MET A CG  1 
ATOM   903  S  SD  . MET A 1 113 ? -10.105 -4.083  -14.147 1.00 35.44 ? 113 MET A SD  1 
ATOM   904  C  CE  . MET A 1 113 ? -10.477 -3.968  -15.917 1.00 36.43 ? 113 MET A CE  1 
ATOM   905  N  N   . LYS A 1 114 ? -10.713 -5.914  -8.919  1.00 30.37 ? 114 LYS A N   1 
ATOM   906  C  CA  . LYS A 1 114 ? -11.346 -6.089  -7.614  1.00 30.32 ? 114 LYS A CA  1 
ATOM   907  C  C   . LYS A 1 114 ? -10.735 -5.068  -6.656  1.00 28.79 ? 114 LYS A C   1 
ATOM   908  O  O   . LYS A 1 114 ? -11.362 -4.661  -5.680  1.00 28.19 ? 114 LYS A O   1 
ATOM   909  C  CB  . LYS A 1 114 ? -11.125 -7.506  -7.071  1.00 32.34 ? 114 LYS A CB  1 
ATOM   910  C  CG  . LYS A 1 114 ? -11.901 -8.586  -7.812  1.00 34.88 ? 114 LYS A CG  1 
ATOM   911  C  CD  . LYS A 1 114 ? -12.298 -9.719  -6.864  1.00 36.97 ? 114 LYS A CD  1 
ATOM   912  C  CE  . LYS A 1 114 ? -13.196 -10.736 -7.556  1.00 38.92 ? 114 LYS A CE  1 
ATOM   913  N  NZ  . LYS A 1 114 ? -13.864 -11.656 -6.588  1.00 40.24 ? 114 LYS A NZ  1 
ATOM   914  N  N   . TYR A 1 115 ? -9.503  -4.662  -6.945  1.00 27.64 ? 115 TYR A N   1 
ATOM   915  C  CA  . TYR A 1 115 ? -8.810  -3.669  -6.129  1.00 26.62 ? 115 TYR A CA  1 
ATOM   916  C  C   . TYR A 1 115 ? -8.106  -2.668  -7.032  1.00 25.76 ? 115 TYR A C   1 
ATOM   917  O  O   . TYR A 1 115 ? -7.597  -3.025  -8.090  1.00 25.73 ? 115 TYR A O   1 
ATOM   918  C  CB  . TYR A 1 115 ? -7.786  -4.337  -5.202  1.00 25.87 ? 115 TYR A CB  1 
ATOM   919  C  CG  . TYR A 1 115 ? -8.399  -5.344  -4.263  1.00 26.46 ? 115 TYR A CG  1 
ATOM   920  C  CD1 . TYR A 1 115 ? -8.625  -6.658  -4.670  1.00 26.63 ? 115 TYR A CD1 1 
ATOM   921  C  CD2 . TYR A 1 115 ? -8.810  -4.970  -2.984  1.00 27.27 ? 115 TYR A CD2 1 
ATOM   922  C  CE1 . TYR A 1 115 ? -9.252  -7.572  -3.830  1.00 27.60 ? 115 TYR A CE1 1 
ATOM   923  C  CE2 . TYR A 1 115 ? -9.437  -5.879  -2.136  1.00 27.78 ? 115 TYR A CE2 1 
ATOM   924  C  CZ  . TYR A 1 115 ? -9.655  -7.177  -2.566  1.00 28.10 ? 115 TYR A CZ  1 
ATOM   925  O  OH  . TYR A 1 115 ? -10.274 -8.080  -1.728  1.00 29.01 ? 115 TYR A OH  1 
ATOM   926  N  N   . THR A 1 116 ? -8.079  -1.414  -6.602  1.00 25.03 ? 116 THR A N   1 
ATOM   927  C  CA  . THR A 1 116 ? -7.441  -0.358  -7.367  1.00 25.03 ? 116 THR A CA  1 
ATOM   928  C  C   . THR A 1 116 ? -5.912  -0.360  -7.256  1.00 25.10 ? 116 THR A C   1 
ATOM   929  O  O   . THR A 1 116 ? -5.353  -0.008  -6.212  1.00 24.96 ? 116 THR A O   1 
ATOM   930  C  CB  . THR A 1 116 ? -7.963  1.031   -6.923  1.00 25.36 ? 116 THR A CB  1 
ATOM   931  O  OG1 . THR A 1 116 ? -9.357  1.144   -7.234  1.00 24.52 ? 116 THR A OG1 1 
ATOM   932  C  CG2 . THR A 1 116 ? -7.193  2.142   -7.625  1.00 24.76 ? 116 THR A CG2 1 
ATOM   933  N  N   . VAL A 1 117 ? -5.248  -0.769  -8.335  1.00 24.29 ? 117 VAL A N   1 
ATOM   934  C  CA  . VAL A 1 117 ? -3.787  -0.765  -8.399  1.00 23.52 ? 117 VAL A CA  1 
ATOM   935  C  C   . VAL A 1 117 ? -3.393  0.698   -8.629  1.00 23.07 ? 117 VAL A C   1 
ATOM   936  O  O   . VAL A 1 117 ? -3.993  1.375   -9.467  1.00 22.68 ? 117 VAL A O   1 
ATOM   937  C  CB  . VAL A 1 117 ? -3.266  -1.596  -9.603  1.00 22.78 ? 117 VAL A CB  1 
ATOM   938  C  CG1 . VAL A 1 117 ? -1.762  -1.427  -9.741  1.00 22.98 ? 117 VAL A CG1 1 
ATOM   939  C  CG2 . VAL A 1 117 ? -3.616  -3.070  -9.424  1.00 23.69 ? 117 VAL A CG2 1 
ATOM   940  N  N   . PHE A 1 118 ? -2.408  1.203   -7.895  1.00 22.01 ? 118 PHE A N   1 
ATOM   941  C  CA  . PHE A 1 118 ? -2.007  2.592   -8.101  1.00 22.73 ? 118 PHE A CA  1 
ATOM   942  C  C   . PHE A 1 118 ? -0.508  2.828   -8.043  1.00 23.24 ? 118 PHE A C   1 
ATOM   943  O  O   . PHE A 1 118 ? -0.051  3.969   -8.161  1.00 24.00 ? 118 PHE A O   1 
ATOM   944  C  CB  . PHE A 1 118 ? -2.700  3.521   -7.098  1.00 22.51 ? 118 PHE A CB  1 
ATOM   945  C  CG  . PHE A 1 118 ? -2.232  3.351   -5.677  1.00 22.20 ? 118 PHE A CG  1 
ATOM   946  C  CD1 . PHE A 1 118 ? -2.803  2.389   -4.851  1.00 22.00 ? 118 PHE A CD1 1 
ATOM   947  C  CD2 . PHE A 1 118 ? -1.218  4.159   -5.166  1.00 22.33 ? 118 PHE A CD2 1 
ATOM   948  C  CE1 . PHE A 1 118 ? -2.372  2.231   -3.528  1.00 22.86 ? 118 PHE A CE1 1 
ATOM   949  C  CE2 . PHE A 1 118 ? -0.776  4.010   -3.847  1.00 22.77 ? 118 PHE A CE2 1 
ATOM   950  C  CZ  . PHE A 1 118 ? -1.356  3.043   -3.026  1.00 21.76 ? 118 PHE A CZ  1 
ATOM   951  N  N   . GLY A 1 119 ? 0.262   1.761   -7.865  1.00 23.58 ? 119 GLY A N   1 
ATOM   952  C  CA  . GLY A 1 119 ? 1.698   1.932   -7.800  1.00 23.16 ? 119 GLY A CA  1 
ATOM   953  C  C   . GLY A 1 119 ? 2.475   0.652   -7.999  1.00 23.93 ? 119 GLY A C   1 
ATOM   954  O  O   . GLY A 1 119 ? 1.899   -0.427  -8.174  1.00 23.26 ? 119 GLY A O   1 
ATOM   955  N  N   . LYS A 1 120 ? 3.797   0.780   -7.973  1.00 23.81 ? 120 LYS A N   1 
ATOM   956  C  CA  . LYS A 1 120 ? 4.684   -0.356  -8.147  1.00 24.84 ? 120 LYS A CA  1 
ATOM   957  C  C   . LYS A 1 120 ? 6.004   -0.087  -7.441  1.00 24.32 ? 120 LYS A C   1 
ATOM   958  O  O   . LYS A 1 120 ? 6.551   1.015   -7.518  1.00 23.23 ? 120 LYS A O   1 
ATOM   959  C  CB  . LYS A 1 120 ? 4.926   -0.603  -9.643  1.00 27.19 ? 120 LYS A CB  1 
ATOM   960  C  CG  . LYS A 1 120 ? 5.841   -1.779  -9.959  1.00 30.14 ? 120 LYS A CG  1 
ATOM   961  C  CD  . LYS A 1 120 ? 5.826   -2.101  -11.453 1.00 32.85 ? 120 LYS A CD  1 
ATOM   962  C  CE  . LYS A 1 120 ? 6.640   -3.347  -11.765 1.00 33.52 ? 120 LYS A CE  1 
ATOM   963  N  NZ  . LYS A 1 120 ? 6.558   -3.697  -13.220 1.00 36.49 ? 120 LYS A NZ  1 
ATOM   964  N  N   . VAL A 1 121 ? 6.504   -1.096  -6.737  1.00 24.35 ? 121 VAL A N   1 
ATOM   965  C  CA  . VAL A 1 121 ? 7.777   -0.981  -6.036  1.00 25.26 ? 121 VAL A CA  1 
ATOM   966  C  C   . VAL A 1 121 ? 8.872   -0.934  -7.101  1.00 26.52 ? 121 VAL A C   1 
ATOM   967  O  O   . VAL A 1 121 ? 9.008   -1.870  -7.889  1.00 26.38 ? 121 VAL A O   1 
ATOM   968  C  CB  . VAL A 1 121 ? 8.010   -2.199  -5.119  1.00 24.72 ? 121 VAL A CB  1 
ATOM   969  C  CG1 . VAL A 1 121 ? 9.378   -2.094  -4.430  1.00 23.88 ? 121 VAL A CG1 1 
ATOM   970  C  CG2 . VAL A 1 121 ? 6.895   -2.282  -4.082  1.00 24.89 ? 121 VAL A CG2 1 
ATOM   971  N  N   . ILE A 1 122 ? 9.638   0.155   -7.136  1.00 27.45 ? 122 ILE A N   1 
ATOM   972  C  CA  . ILE A 1 122 ? 10.704  0.297   -8.125  1.00 28.22 ? 122 ILE A CA  1 
ATOM   973  C  C   . ILE A 1 122 ? 12.107  0.226   -7.520  1.00 28.24 ? 122 ILE A C   1 
ATOM   974  O  O   . ILE A 1 122 ? 13.104  0.218   -8.242  1.00 28.57 ? 122 ILE A O   1 
ATOM   975  C  CB  . ILE A 1 122 ? 10.554  1.616   -8.925  1.00 28.36 ? 122 ILE A CB  1 
ATOM   976  C  CG1 . ILE A 1 122 ? 10.520  2.812   -7.975  1.00 28.98 ? 122 ILE A CG1 1 
ATOM   977  C  CG2 . ILE A 1 122 ? 9.287   1.565   -9.764  1.00 28.44 ? 122 ILE A CG2 1 
ATOM   978  C  CD1 . ILE A 1 122 ? 10.445  4.157   -8.687  1.00 29.39 ? 122 ILE A CD1 1 
ATOM   979  N  N   . ASP A 1 123 ? 12.179  0.175   -6.195  1.00 27.74 ? 123 ASP A N   1 
ATOM   980  C  CA  . ASP A 1 123 ? 13.456  0.065   -5.500  1.00 27.44 ? 123 ASP A CA  1 
ATOM   981  C  C   . ASP A 1 123 ? 13.174  -0.393  -4.077  1.00 26.15 ? 123 ASP A C   1 
ATOM   982  O  O   . ASP A 1 123 ? 12.114  -0.105  -3.525  1.00 27.12 ? 123 ASP A O   1 
ATOM   983  C  CB  . ASP A 1 123 ? 14.198  1.407   -5.500  1.00 27.82 ? 123 ASP A CB  1 
ATOM   984  C  CG  . ASP A 1 123 ? 15.664  1.262   -5.113  1.00 28.92 ? 123 ASP A CG  1 
ATOM   985  O  OD1 . ASP A 1 123 ? 16.342  0.380   -5.670  1.00 28.55 ? 123 ASP A OD1 1 
ATOM   986  O  OD2 . ASP A 1 123 ? 16.141  2.034   -4.255  1.00 31.34 ? 123 ASP A OD2 1 
ATOM   987  N  N   . GLY A 1 124 ? 14.119  -1.117  -3.493  1.00 25.89 ? 124 GLY A N   1 
ATOM   988  C  CA  . GLY A 1 124 ? 13.937  -1.615  -2.142  1.00 26.24 ? 124 GLY A CA  1 
ATOM   989  C  C   . GLY A 1 124 ? 13.285  -2.989  -2.120  1.00 26.15 ? 124 GLY A C   1 
ATOM   990  O  O   . GLY A 1 124 ? 12.591  -3.335  -1.166  1.00 26.33 ? 124 GLY A O   1 
ATOM   991  N  N   . LEU A 1 125 ? 13.495  -3.776  -3.173  1.00 26.72 ? 125 LEU A N   1 
ATOM   992  C  CA  . LEU A 1 125 ? 12.921  -5.120  -3.239  1.00 26.81 ? 125 LEU A CA  1 
ATOM   993  C  C   . LEU A 1 125 ? 13.462  -6.010  -2.116  1.00 27.07 ? 125 LEU A C   1 
ATOM   994  O  O   . LEU A 1 125 ? 12.815  -6.974  -1.703  1.00 26.18 ? 125 LEU A O   1 
ATOM   995  C  CB  . LEU A 1 125 ? 13.219  -5.762  -4.594  1.00 26.77 ? 125 LEU A CB  1 
ATOM   996  C  CG  . LEU A 1 125 ? 12.412  -5.248  -5.787  1.00 27.19 ? 125 LEU A CG  1 
ATOM   997  C  CD1 . LEU A 1 125 ? 12.926  -5.889  -7.062  1.00 28.62 ? 125 LEU A CD1 1 
ATOM   998  C  CD2 . LEU A 1 125 ? 10.945  -5.573  -5.591  1.00 27.70 ? 125 LEU A CD2 1 
ATOM   999  N  N   . GLU A 1 126 ? 14.657  -5.689  -1.630  1.00 27.18 ? 126 GLU A N   1 
ATOM   1000 C  CA  . GLU A 1 126 ? 15.245  -6.455  -0.548  1.00 27.19 ? 126 GLU A CA  1 
ATOM   1001 C  C   . GLU A 1 126 ? 14.421  -6.205  0.704   1.00 27.17 ? 126 GLU A C   1 
ATOM   1002 O  O   . GLU A 1 126 ? 14.269  -7.087  1.550   1.00 26.79 ? 126 GLU A O   1 
ATOM   1003 C  CB  . GLU A 1 126 ? 16.699  -6.035  -0.314  1.00 28.01 ? 126 GLU A CB  1 
ATOM   1004 C  CG  . GLU A 1 126 ? 17.599  -6.296  -1.508  1.00 29.47 ? 126 GLU A CG  1 
ATOM   1005 C  CD  . GLU A 1 126 ? 17.795  -5.066  -2.371  1.00 31.62 ? 126 GLU A CD  1 
ATOM   1006 O  OE1 . GLU A 1 126 ? 16.849  -4.247  -2.484  1.00 31.09 ? 126 GLU A OE1 1 
ATOM   1007 O  OE2 . GLU A 1 126 ? 18.901  -4.929  -2.943  1.00 32.35 ? 126 GLU A OE2 1 
ATOM   1008 N  N   . THR A 1 127 ? 13.890  -4.989  0.810   1.00 26.74 ? 127 THR A N   1 
ATOM   1009 C  CA  . THR A 1 127 ? 13.060  -4.613  1.945   1.00 25.86 ? 127 THR A CA  1 
ATOM   1010 C  C   . THR A 1 127 ? 11.770  -5.431  1.896   1.00 25.67 ? 127 THR A C   1 
ATOM   1011 O  O   . THR A 1 127 ? 11.282  -5.900  2.923   1.00 24.46 ? 127 THR A O   1 
ATOM   1012 C  CB  . THR A 1 127 ? 12.718  -3.112  1.900   1.00 25.88 ? 127 THR A CB  1 
ATOM   1013 O  OG1 . THR A 1 127 ? 13.931  -2.352  1.876   1.00 27.19 ? 127 THR A OG1 1 
ATOM   1014 C  CG2 . THR A 1 127 ? 11.906  -2.707  3.123   1.00 26.15 ? 127 THR A CG2 1 
ATOM   1015 N  N   . LEU A 1 128 ? 11.222  -5.599  0.698   1.00 25.17 ? 128 LEU A N   1 
ATOM   1016 C  CA  . LEU A 1 128 ? 10.002  -6.380  0.532   1.00 25.79 ? 128 LEU A CA  1 
ATOM   1017 C  C   . LEU A 1 128 ? 10.332  -7.826  0.915   1.00 25.75 ? 128 LEU A C   1 
ATOM   1018 O  O   . LEU A 1 128 ? 9.521   -8.521  1.525   1.00 25.87 ? 128 LEU A O   1 
ATOM   1019 C  CB  . LEU A 1 128 ? 9.521   -6.302  -0.921  1.00 25.81 ? 128 LEU A CB  1 
ATOM   1020 C  CG  . LEU A 1 128 ? 8.104   -6.793  -1.242  1.00 26.70 ? 128 LEU A CG  1 
ATOM   1021 C  CD1 . LEU A 1 128 ? 7.080   -6.067  -0.371  1.00 26.72 ? 128 LEU A CD1 1 
ATOM   1022 C  CD2 . LEU A 1 128 ? 7.812   -6.544  -2.714  1.00 26.06 ? 128 LEU A CD2 1 
ATOM   1023 N  N   . ASP A 1 129 ? 11.535  -8.274  0.562   1.00 25.21 ? 129 ASP A N   1 
ATOM   1024 C  CA  . ASP A 1 129 ? 11.962  -9.627  0.905   1.00 25.95 ? 129 ASP A CA  1 
ATOM   1025 C  C   . ASP A 1 129 ? 11.987  -9.786  2.424   1.00 26.06 ? 129 ASP A C   1 
ATOM   1026 O  O   . ASP A 1 129 ? 11.559  -10.812 2.951   1.00 25.80 ? 129 ASP A O   1 
ATOM   1027 C  CB  . ASP A 1 129 ? 13.357  -9.926  0.356   1.00 25.47 ? 129 ASP A CB  1 
ATOM   1028 C  CG  . ASP A 1 129 ? 13.383  -10.041 -1.149  1.00 27.39 ? 129 ASP A CG  1 
ATOM   1029 O  OD1 . ASP A 1 129 ? 12.330  -10.347 -1.752  1.00 27.11 ? 129 ASP A OD1 1 
ATOM   1030 O  OD2 . ASP A 1 129 ? 14.471  -9.842  -1.727  1.00 29.32 ? 129 ASP A OD2 1 
ATOM   1031 N  N   . GLU A 1 130 ? 12.496  -8.770  3.117   1.00 26.65 ? 130 GLU A N   1 
ATOM   1032 C  CA  . GLU A 1 130 ? 12.560  -8.803  4.577   1.00 27.97 ? 130 GLU A CA  1 
ATOM   1033 C  C   . GLU A 1 130 ? 11.162  -8.860  5.178   1.00 27.74 ? 130 GLU A C   1 
ATOM   1034 O  O   . GLU A 1 130 ? 10.918  -9.596  6.136   1.00 27.72 ? 130 GLU A O   1 
ATOM   1035 C  CB  . GLU A 1 130 ? 13.293  -7.572  5.115   1.00 29.38 ? 130 GLU A CB  1 
ATOM   1036 C  CG  . GLU A 1 130 ? 14.784  -7.587  4.855   1.00 31.90 ? 130 GLU A CG  1 
ATOM   1037 C  CD  . GLU A 1 130 ? 15.419  -8.899  5.264   1.00 33.94 ? 130 GLU A CD  1 
ATOM   1038 O  OE1 . GLU A 1 130 ? 15.210  -9.325  6.420   1.00 35.05 ? 130 GLU A OE1 1 
ATOM   1039 O  OE2 . GLU A 1 130 ? 16.122  -9.504  4.431   1.00 33.99 ? 130 GLU A OE2 1 
ATOM   1040 N  N   . LEU A 1 131 ? 10.249  -8.072  4.622   1.00 26.94 ? 131 LEU A N   1 
ATOM   1041 C  CA  . LEU A 1 131 ? 8.878   -8.066  5.102   1.00 27.54 ? 131 LEU A CA  1 
ATOM   1042 C  C   . LEU A 1 131 ? 8.257   -9.448  4.950   1.00 26.90 ? 131 LEU A C   1 
ATOM   1043 O  O   . LEU A 1 131 ? 7.612   -9.946  5.867   1.00 27.14 ? 131 LEU A O   1 
ATOM   1044 C  CB  . LEU A 1 131 ? 8.036   -7.058  4.321   1.00 28.19 ? 131 LEU A CB  1 
ATOM   1045 C  CG  . LEU A 1 131 ? 8.242   -5.568  4.590   1.00 28.83 ? 131 LEU A CG  1 
ATOM   1046 C  CD1 . LEU A 1 131 ? 7.364   -4.776  3.637   1.00 29.81 ? 131 LEU A CD1 1 
ATOM   1047 C  CD2 . LEU A 1 131 ? 7.886   -5.246  6.038   1.00 29.57 ? 131 LEU A CD2 1 
ATOM   1048 N  N   . GLU A 1 132 ? 8.467   -10.075 3.796   1.00 26.97 ? 132 GLU A N   1 
ATOM   1049 C  CA  . GLU A 1 132 ? 7.875   -11.383 3.540   1.00 27.94 ? 132 GLU A CA  1 
ATOM   1050 C  C   . GLU A 1 132 ? 8.333   -12.519 4.458   1.00 28.59 ? 132 GLU A C   1 
ATOM   1051 O  O   . GLU A 1 132 ? 7.570   -13.456 4.712   1.00 28.63 ? 132 GLU A O   1 
ATOM   1052 C  CB  . GLU A 1 132 ? 8.090   -11.792 2.078   1.00 26.51 ? 132 GLU A CB  1 
ATOM   1053 C  CG  . GLU A 1 132 ? 7.156   -12.916 1.636   1.00 26.96 ? 132 GLU A CG  1 
ATOM   1054 C  CD  . GLU A 1 132 ? 7.275   -13.257 0.160   1.00 26.58 ? 132 GLU A CD  1 
ATOM   1055 O  OE1 . GLU A 1 132 ? 6.417   -14.015 -0.348  1.00 26.44 ? 132 GLU A OE1 1 
ATOM   1056 O  OE2 . GLU A 1 132 ? 8.223   -12.773 -0.490  1.00 26.26 ? 132 GLU A OE2 1 
ATOM   1057 N  N   . LYS A 1 133 ? 9.564   -12.447 4.952   1.00 29.54 ? 133 LYS A N   1 
ATOM   1058 C  CA  . LYS A 1 133 ? 10.078  -13.495 5.829   1.00 31.02 ? 133 LYS A CA  1 
ATOM   1059 C  C   . LYS A 1 133 ? 9.809   -13.223 7.308   1.00 31.23 ? 133 LYS A C   1 
ATOM   1060 O  O   . LYS A 1 133 ? 10.230  -13.993 8.174   1.00 31.16 ? 133 LYS A O   1 
ATOM   1061 C  CB  . LYS A 1 133 ? 11.581  -13.682 5.605   1.00 32.33 ? 133 LYS A CB  1 
ATOM   1062 C  CG  . LYS A 1 133 ? 12.407  -12.443 5.891   1.00 34.16 ? 133 LYS A CG  1 
ATOM   1063 C  CD  . LYS A 1 133 ? 13.897  -12.688 5.698   1.00 35.00 ? 133 LYS A CD  1 
ATOM   1064 C  CE  . LYS A 1 133 ? 14.221  -13.079 4.270   1.00 36.91 ? 133 LYS A CE  1 
ATOM   1065 N  NZ  . LYS A 1 133 ? 15.689  -13.077 4.028   1.00 37.87 ? 133 LYS A NZ  1 
ATOM   1066 N  N   . LEU A 1 134 ? 9.105   -12.134 7.603   1.00 30.97 ? 134 LEU A N   1 
ATOM   1067 C  CA  . LEU A 1 134 ? 8.794   -11.793 8.990   1.00 31.35 ? 134 LEU A CA  1 
ATOM   1068 C  C   . LEU A 1 134 ? 7.855   -12.813 9.620   1.00 31.46 ? 134 LEU A C   1 
ATOM   1069 O  O   . LEU A 1 134 ? 6.793   -13.117 9.069   1.00 31.07 ? 134 LEU A O   1 
ATOM   1070 C  CB  . LEU A 1 134 ? 8.146   -10.414 9.072   1.00 31.21 ? 134 LEU A CB  1 
ATOM   1071 C  CG  . LEU A 1 134 ? 9.039   -9.206  8.792   1.00 30.50 ? 134 LEU A CG  1 
ATOM   1072 C  CD1 . LEU A 1 134 ? 8.183   -7.960  8.723   1.00 30.30 ? 134 LEU A CD1 1 
ATOM   1073 C  CD2 . LEU A 1 134 ? 10.097  -9.087  9.882   1.00 29.74 ? 134 LEU A CD2 1 
ATOM   1074 N  N   . PRO A 1 135 ? 8.234   -13.362 10.785  1.00 31.40 ? 135 PRO A N   1 
ATOM   1075 C  CA  . PRO A 1 135 ? 7.394   -14.350 11.471  1.00 31.21 ? 135 PRO A CA  1 
ATOM   1076 C  C   . PRO A 1 135 ? 6.043   -13.746 11.843  1.00 30.60 ? 135 PRO A C   1 
ATOM   1077 O  O   . PRO A 1 135 ? 5.975   -12.624 12.338  1.00 28.64 ? 135 PRO A O   1 
ATOM   1078 C  CB  . PRO A 1 135 ? 8.227   -14.710 12.702  1.00 31.64 ? 135 PRO A CB  1 
ATOM   1079 C  CG  . PRO A 1 135 ? 9.638   -14.539 12.204  1.00 31.89 ? 135 PRO A CG  1 
ATOM   1080 C  CD  . PRO A 1 135 ? 9.542   -13.235 11.453  1.00 31.32 ? 135 PRO A CD  1 
ATOM   1081 N  N   . VAL A 1 136 ? 4.969   -14.489 11.597  1.00 30.89 ? 136 VAL A N   1 
ATOM   1082 C  CA  . VAL A 1 136 ? 3.630   -14.005 11.909  1.00 31.82 ? 136 VAL A CA  1 
ATOM   1083 C  C   . VAL A 1 136 ? 2.830   -15.033 12.696  1.00 32.99 ? 136 VAL A C   1 
ATOM   1084 O  O   . VAL A 1 136 ? 3.226   -16.193 12.805  1.00 32.64 ? 136 VAL A O   1 
ATOM   1085 C  CB  . VAL A 1 136 ? 2.823   -13.697 10.624  1.00 31.09 ? 136 VAL A CB  1 
ATOM   1086 C  CG1 . VAL A 1 136 ? 3.566   -12.700 9.753   1.00 30.58 ? 136 VAL A CG1 1 
ATOM   1087 C  CG2 . VAL A 1 136 ? 2.564   -14.988 9.853   1.00 31.70 ? 136 VAL A CG2 1 
ATOM   1088 N  N   . ASN A 1 137 ? 1.707   -14.589 13.252  1.00 34.01 ? 137 ASN A N   1 
ATOM   1089 C  CA  . ASN A 1 137 ? 0.802   -15.477 13.964  1.00 36.58 ? 137 ASN A CA  1 
ATOM   1090 C  C   . ASN A 1 137 ? 0.130   -16.206 12.803  1.00 38.13 ? 137 ASN A C   1 
ATOM   1091 O  O   . ASN A 1 137 ? -0.584  -15.590 12.012  1.00 37.76 ? 137 ASN A O   1 
ATOM   1092 C  CB  . ASN A 1 137 ? -0.227  -14.667 14.748  1.00 36.38 ? 137 ASN A CB  1 
ATOM   1093 C  CG  . ASN A 1 137 ? -1.340  -15.527 15.314  1.00 37.88 ? 137 ASN A CG  1 
ATOM   1094 O  OD1 . ASN A 1 137 ? -2.075  -16.178 14.567  1.00 38.27 ? 137 ASN A OD1 1 
ATOM   1095 N  ND2 . ASN A 1 137 ? -1.474  -15.533 16.638  1.00 36.96 ? 137 ASN A ND2 1 
ATOM   1096 N  N   . GLU A 1 138 ? 0.369   -17.507 12.690  1.00 40.20 ? 138 GLU A N   1 
ATOM   1097 C  CA  . GLU A 1 138 ? -0.184  -18.279 11.582  1.00 42.29 ? 138 GLU A CA  1 
ATOM   1098 C  C   . GLU A 1 138 ? -1.708  -18.299 11.453  1.00 42.04 ? 138 GLU A C   1 
ATOM   1099 O  O   . GLU A 1 138 ? -2.241  -18.929 10.545  1.00 42.97 ? 138 GLU A O   1 
ATOM   1100 C  CB  . GLU A 1 138 ? 0.356   -19.713 11.629  1.00 43.87 ? 138 GLU A CB  1 
ATOM   1101 C  CG  . GLU A 1 138 ? 1.885   -19.807 11.603  1.00 46.06 ? 138 GLU A CG  1 
ATOM   1102 C  CD  . GLU A 1 138 ? 2.513   -19.220 10.342  1.00 47.55 ? 138 GLU A CD  1 
ATOM   1103 O  OE1 . GLU A 1 138 ? 3.759   -19.183 10.267  1.00 48.72 ? 138 GLU A OE1 1 
ATOM   1104 O  OE2 . GLU A 1 138 ? 1.773   -18.798 9.426   1.00 48.49 ? 138 GLU A OE2 1 
ATOM   1105 N  N   . LYS A 1 139 ? -2.407  -17.604 12.344  1.00 42.69 ? 139 LYS A N   1 
ATOM   1106 C  CA  . LYS A 1 139 ? -3.865  -17.559 12.294  1.00 42.18 ? 139 LYS A CA  1 
ATOM   1107 C  C   . LYS A 1 139 ? -4.396  -16.212 11.814  1.00 41.76 ? 139 LYS A C   1 
ATOM   1108 O  O   . LYS A 1 139 ? -5.373  -16.150 11.066  1.00 41.43 ? 139 LYS A O   1 
ATOM   1109 C  CB  . LYS A 1 139 ? -4.458  -17.852 13.672  1.00 43.96 ? 139 LYS A CB  1 
ATOM   1110 C  CG  . LYS A 1 139 ? -4.285  -19.282 14.158  1.00 45.86 ? 139 LYS A CG  1 
ATOM   1111 C  CD  . LYS A 1 139 ? -5.048  -19.496 15.459  1.00 47.24 ? 139 LYS A CD  1 
ATOM   1112 C  CE  . LYS A 1 139 ? -4.960  -20.941 15.929  1.00 48.49 ? 139 LYS A CE  1 
ATOM   1113 N  NZ  . LYS A 1 139 ? -5.733  -21.163 17.187  1.00 48.84 ? 139 LYS A NZ  1 
ATOM   1114 N  N   . THR A 1 140 ? -3.751  -15.133 12.252  1.00 40.49 ? 140 THR A N   1 
ATOM   1115 C  CA  . THR A 1 140 ? -4.170  -13.781 11.890  1.00 38.79 ? 140 THR A CA  1 
ATOM   1116 C  C   . THR A 1 140 ? -3.233  -13.129 10.878  1.00 37.45 ? 140 THR A C   1 
ATOM   1117 O  O   . THR A 1 140 ? -3.563  -12.096 10.298  1.00 37.01 ? 140 THR A O   1 
ATOM   1118 C  CB  . THR A 1 140 ? -4.221  -12.877 13.130  1.00 38.96 ? 140 THR A CB  1 
ATOM   1119 O  OG1 . THR A 1 140 ? -2.896  -12.711 13.651  1.00 39.37 ? 140 THR A OG1 1 
ATOM   1120 C  CG2 . THR A 1 140 ? -5.106  -13.497 14.202  1.00 39.34 ? 140 THR A CG2 1 
ATOM   1121 N  N   . TYR A 1 141 ? -2.067  -13.736 10.680  1.00 35.55 ? 141 TYR A N   1 
ATOM   1122 C  CA  . TYR A 1 141 ? -1.064  -13.226 9.751   1.00 34.51 ? 141 TYR A CA  1 
ATOM   1123 C  C   . TYR A 1 141 ? -0.457  -11.918 10.230  1.00 32.98 ? 141 TYR A C   1 
ATOM   1124 O  O   . TYR A 1 141 ? 0.160   -11.184 9.460   1.00 31.92 ? 141 TYR A O   1 
ATOM   1125 C  CB  . TYR A 1 141 ? -1.662  -13.053 8.353   1.00 35.51 ? 141 TYR A CB  1 
ATOM   1126 C  CG  . TYR A 1 141 ? -2.119  -14.362 7.759   1.00 37.64 ? 141 TYR A CG  1 
ATOM   1127 C  CD1 . TYR A 1 141 ? -3.456  -14.756 7.827   1.00 38.62 ? 141 TYR A CD1 1 
ATOM   1128 C  CD2 . TYR A 1 141 ? -1.205  -15.233 7.173   1.00 38.46 ? 141 TYR A CD2 1 
ATOM   1129 C  CE1 . TYR A 1 141 ? -3.869  -15.989 7.323   1.00 40.15 ? 141 TYR A CE1 1 
ATOM   1130 C  CE2 . TYR A 1 141 ? -1.604  -16.466 6.669   1.00 40.26 ? 141 TYR A CE2 1 
ATOM   1131 C  CZ  . TYR A 1 141 ? -2.936  -16.838 6.746   1.00 40.26 ? 141 TYR A CZ  1 
ATOM   1132 O  OH  . TYR A 1 141 ? -3.326  -18.059 6.246   1.00 41.57 ? 141 TYR A OH  1 
ATOM   1133 N  N   . ARG A 1 142 ? -0.634  -11.634 11.513  1.00 32.10 ? 142 ARG A N   1 
ATOM   1134 C  CA  . ARG A 1 142 ? -0.088  -10.424 12.107  1.00 31.88 ? 142 ARG A CA  1 
ATOM   1135 C  C   . ARG A 1 142 ? 1.353   -10.712 12.526  1.00 31.04 ? 142 ARG A C   1 
ATOM   1136 O  O   . ARG A 1 142 ? 1.624   -11.701 13.210  1.00 30.57 ? 142 ARG A O   1 
ATOM   1137 C  CB  . ARG A 1 142 ? -0.920  -10.025 13.331  1.00 32.86 ? 142 ARG A CB  1 
ATOM   1138 C  CG  . ARG A 1 142 ? -0.577  -8.669  13.924  1.00 34.01 ? 142 ARG A CG  1 
ATOM   1139 C  CD  . ARG A 1 142 ? -1.260  -8.485  15.266  1.00 34.80 ? 142 ARG A CD  1 
ATOM   1140 N  NE  . ARG A 1 142 ? -1.102  -7.134  15.794  1.00 35.18 ? 142 ARG A NE  1 
ATOM   1141 C  CZ  . ARG A 1 142 ? -1.825  -6.091  15.402  1.00 36.88 ? 142 ARG A CZ  1 
ATOM   1142 N  NH1 . ARG A 1 142 ? -2.765  -6.240  14.473  1.00 36.11 ? 142 ARG A NH1 1 
ATOM   1143 N  NH2 . ARG A 1 142 ? -1.606  -4.897  15.940  1.00 36.30 ? 142 ARG A NH2 1 
ATOM   1144 N  N   . PRO A 1 143 ? 2.303   -9.865  12.100  1.00 30.36 ? 143 PRO A N   1 
ATOM   1145 C  CA  . PRO A 1 143 ? 3.703   -10.081 12.470  1.00 29.56 ? 143 PRO A CA  1 
ATOM   1146 C  C   . PRO A 1 143 ? 3.865   -10.152 13.990  1.00 29.23 ? 143 PRO A C   1 
ATOM   1147 O  O   . PRO A 1 143 ? 3.283   -9.349  14.718  1.00 27.45 ? 143 PRO A O   1 
ATOM   1148 C  CB  . PRO A 1 143 ? 4.404   -8.872  11.860  1.00 30.13 ? 143 PRO A CB  1 
ATOM   1149 C  CG  . PRO A 1 143 ? 3.600   -8.632  10.612  1.00 29.64 ? 143 PRO A CG  1 
ATOM   1150 C  CD  . PRO A 1 143 ? 2.182   -8.755  11.135  1.00 30.68 ? 143 PRO A CD  1 
ATOM   1151 N  N   . LEU A 1 144 ? 4.650   -11.121 14.454  1.00 29.44 ? 144 LEU A N   1 
ATOM   1152 C  CA  . LEU A 1 144 ? 4.889   -11.312 15.880  1.00 29.94 ? 144 LEU A CA  1 
ATOM   1153 C  C   . LEU A 1 144 ? 5.520   -10.073 16.494  1.00 30.42 ? 144 LEU A C   1 
ATOM   1154 O  O   . LEU A 1 144 ? 5.322   -9.780  17.673  1.00 30.83 ? 144 LEU A O   1 
ATOM   1155 C  CB  . LEU A 1 144 ? 5.786   -12.533 16.105  1.00 29.84 ? 144 LEU A CB  1 
ATOM   1156 C  CG  . LEU A 1 144 ? 5.209   -13.882 15.655  1.00 30.07 ? 144 LEU A CG  1 
ATOM   1157 C  CD1 . LEU A 1 144 ? 6.202   -14.992 15.962  1.00 30.27 ? 144 LEU A CD1 1 
ATOM   1158 C  CD2 . LEU A 1 144 ? 3.890   -14.147 16.357  1.00 29.28 ? 144 LEU A CD2 1 
ATOM   1159 N  N   . ASN A 1 145 ? 6.285   -9.350  15.687  1.00 30.85 ? 145 ASN A N   1 
ATOM   1160 C  CA  . ASN A 1 145 ? 6.927   -8.125  16.134  1.00 31.49 ? 145 ASN A CA  1 
ATOM   1161 C  C   . ASN A 1 145 ? 6.385   -6.989  15.265  1.00 31.50 ? 145 ASN A C   1 
ATOM   1162 O  O   . ASN A 1 145 ? 6.321   -7.121  14.043  1.00 31.27 ? 145 ASN A O   1 
ATOM   1163 C  CB  . ASN A 1 145 ? 8.442   -8.220  15.962  1.00 33.55 ? 145 ASN A CB  1 
ATOM   1164 C  CG  . ASN A 1 145 ? 9.177   -7.094  16.657  1.00 35.37 ? 145 ASN A CG  1 
ATOM   1165 O  OD1 . ASN A 1 145 ? 10.325  -6.793  16.333  1.00 38.72 ? 145 ASN A OD1 1 
ATOM   1166 N  ND2 . ASN A 1 145 ? 8.523   -6.473  17.628  1.00 36.36 ? 145 ASN A ND2 1 
ATOM   1167 N  N   . ASP A 1 146 ? 5.986   -5.884  15.888  1.00 30.87 ? 146 ASP A N   1 
ATOM   1168 C  CA  . ASP A 1 146 ? 5.454   -4.751  15.135  1.00 30.76 ? 146 ASP A CA  1 
ATOM   1169 C  C   . ASP A 1 146 ? 6.483   -4.152  14.187  1.00 29.98 ? 146 ASP A C   1 
ATOM   1170 O  O   . ASP A 1 146 ? 7.581   -3.789  14.604  1.00 29.67 ? 146 ASP A O   1 
ATOM   1171 C  CB  . ASP A 1 146 ? 4.961   -3.649  16.076  1.00 31.71 ? 146 ASP A CB  1 
ATOM   1172 C  CG  . ASP A 1 146 ? 3.662   -4.004  16.772  1.00 33.57 ? 146 ASP A CG  1 
ATOM   1173 O  OD1 . ASP A 1 146 ? 3.034   -5.021  16.403  1.00 34.49 ? 146 ASP A OD1 1 
ATOM   1174 O  OD2 . ASP A 1 146 ? 3.263   -3.250  17.686  1.00 34.76 ? 146 ASP A OD2 1 
ATOM   1175 N  N   . VAL A 1 147 ? 6.125   -4.064  12.908  1.00 28.74 ? 147 VAL A N   1 
ATOM   1176 C  CA  . VAL A 1 147 ? 6.998   -3.470  11.892  1.00 28.01 ? 147 VAL A CA  1 
ATOM   1177 C  C   . VAL A 1 147 ? 6.289   -2.202  11.426  1.00 27.32 ? 147 VAL A C   1 
ATOM   1178 O  O   . VAL A 1 147 ? 5.208   -2.275  10.843  1.00 25.73 ? 147 VAL A O   1 
ATOM   1179 C  CB  . VAL A 1 147 ? 7.194   -4.414  10.688  1.00 28.38 ? 147 VAL A CB  1 
ATOM   1180 C  CG1 . VAL A 1 147 ? 8.068   -3.748  9.634   1.00 28.46 ? 147 VAL A CG1 1 
ATOM   1181 C  CG2 . VAL A 1 147 ? 7.828   -5.702  11.151  1.00 30.07 ? 147 VAL A CG2 1 
ATOM   1182 N  N   . HIS A 1 148 ? 6.888   -1.043  11.692  1.00 28.12 ? 148 HIS A N   1 
ATOM   1183 C  CA  . HIS A 1 148 ? 6.262   0.227   11.323  1.00 29.25 ? 148 HIS A CA  1 
ATOM   1184 C  C   . HIS A 1 148 ? 6.816   0.948   10.108  1.00 29.59 ? 148 HIS A C   1 
ATOM   1185 O  O   . HIS A 1 148 ? 7.918   0.685   9.626   1.00 28.34 ? 148 HIS A O   1 
ATOM   1186 C  CB  . HIS A 1 148 ? 6.346   1.265   12.455  1.00 29.62 ? 148 HIS A CB  1 
ATOM   1187 C  CG  . HIS A 1 148 ? 6.165   0.717   13.834  1.00 30.54 ? 148 HIS A CG  1 
ATOM   1188 N  ND1 . HIS A 1 148 ? 7.120   -0.057  14.459  1.00 31.53 ? 148 HIS A ND1 1 
ATOM   1189 C  CD2 . HIS A 1 148 ? 5.170   0.887   14.733  1.00 29.99 ? 148 HIS A CD2 1 
ATOM   1190 C  CE1 . HIS A 1 148 ? 6.720   -0.338  15.685  1.00 31.99 ? 148 HIS A CE1 1 
ATOM   1191 N  NE2 . HIS A 1 148 ? 5.540   0.222   15.877  1.00 32.19 ? 148 HIS A NE2 1 
ATOM   1192 N  N   . ILE A 1 149 ? 6.005   1.884   9.632   1.00 29.93 ? 149 ILE A N   1 
ATOM   1193 C  CA  . ILE A 1 149 ? 6.390   2.779   8.565   1.00 30.39 ? 149 ILE A CA  1 
ATOM   1194 C  C   . ILE A 1 149 ? 6.761   3.952   9.467   1.00 31.33 ? 149 ILE A C   1 
ATOM   1195 O  O   . ILE A 1 149 ? 5.892   4.506   10.146  1.00 31.66 ? 149 ILE A O   1 
ATOM   1196 C  CB  . ILE A 1 149 ? 5.195   3.198   7.685   1.00 29.31 ? 149 ILE A CB  1 
ATOM   1197 C  CG1 . ILE A 1 149 ? 4.845   2.078   6.706   1.00 28.94 ? 149 ILE A CG1 1 
ATOM   1198 C  CG2 . ILE A 1 149 ? 5.527   4.493   6.949   1.00 29.68 ? 149 ILE A CG2 1 
ATOM   1199 C  CD1 . ILE A 1 149 ? 3.615   2.367   5.861   1.00 29.07 ? 149 ILE A CD1 1 
ATOM   1200 N  N   . LYS A 1 150 ? 8.042   4.300   9.517   1.00 32.70 ? 150 LYS A N   1 
ATOM   1201 C  CA  . LYS A 1 150 ? 8.489   5.399   10.364  1.00 34.05 ? 150 LYS A CA  1 
ATOM   1202 C  C   . LYS A 1 150 ? 7.998   6.723   9.805   1.00 34.78 ? 150 LYS A C   1 
ATOM   1203 O  O   . LYS A 1 150 ? 7.321   7.495   10.491  1.00 34.13 ? 150 LYS A O   1 
ATOM   1204 C  CB  . LYS A 1 150 ? 10.013  5.417   10.443  1.00 35.80 ? 150 LYS A CB  1 
ATOM   1205 C  CG  . LYS A 1 150 ? 10.632  4.163   11.028  1.00 37.85 ? 150 LYS A CG  1 
ATOM   1206 C  CD  . LYS A 1 150 ? 12.147  4.232   10.912  1.00 39.60 ? 150 LYS A CD  1 
ATOM   1207 C  CE  . LYS A 1 150 ? 12.817  3.005   11.494  1.00 41.17 ? 150 LYS A CE  1 
ATOM   1208 N  NZ  . LYS A 1 150 ? 14.294  3.059   11.293  1.00 42.00 ? 150 LYS A NZ  1 
ATOM   1209 N  N   . ASP A 1 151 ? 8.354   6.978   8.551   1.00 34.80 ? 151 ASP A N   1 
ATOM   1210 C  CA  . ASP A 1 151 ? 7.963   8.199   7.861   1.00 35.49 ? 151 ASP A CA  1 
ATOM   1211 C  C   . ASP A 1 151 ? 8.028   7.927   6.365   1.00 34.94 ? 151 ASP A C   1 
ATOM   1212 O  O   . ASP A 1 151 ? 8.565   6.905   5.932   1.00 34.64 ? 151 ASP A O   1 
ATOM   1213 C  CB  . ASP A 1 151 ? 8.914   9.344   8.212   1.00 37.05 ? 151 ASP A CB  1 
ATOM   1214 C  CG  . ASP A 1 151 ? 10.332  9.072   7.767   1.00 38.84 ? 151 ASP A CG  1 
ATOM   1215 O  OD1 . ASP A 1 151 ? 10.938  8.108   8.278   1.00 40.72 ? 151 ASP A OD1 1 
ATOM   1216 O  OD2 . ASP A 1 151 ? 10.840  9.812   6.898   1.00 41.04 ? 151 ASP A OD2 1 
ATOM   1217 N  N   . ILE A 1 152 ? 7.487   8.846   5.577   1.00 34.67 ? 152 ILE A N   1 
ATOM   1218 C  CA  . ILE A 1 152 ? 7.479   8.686   4.132   1.00 34.76 ? 152 ILE A CA  1 
ATOM   1219 C  C   . ILE A 1 152 ? 8.035   9.924   3.451   1.00 35.35 ? 152 ILE A C   1 
ATOM   1220 O  O   . ILE A 1 152 ? 7.737   11.051  3.843   1.00 35.12 ? 152 ILE A O   1 
ATOM   1221 C  CB  . ILE A 1 152 ? 6.051   8.435   3.610   1.00 33.55 ? 152 ILE A CB  1 
ATOM   1222 C  CG1 . ILE A 1 152 ? 5.431   7.243   4.346   1.00 33.21 ? 152 ILE A CG1 1 
ATOM   1223 C  CG2 . ILE A 1 152 ? 6.083   8.169   2.115   1.00 33.60 ? 152 ILE A CG2 1 
ATOM   1224 C  CD1 . ILE A 1 152 ? 3.987   6.948   3.948   1.00 31.67 ? 152 ILE A CD1 1 
ATOM   1225 N  N   . THR A 1 153 ? 8.863   9.706   2.438   1.00 36.11 ? 153 THR A N   1 
ATOM   1226 C  CA  . THR A 1 153 ? 9.443   10.808  1.690   1.00 37.22 ? 153 THR A CA  1 
ATOM   1227 C  C   . THR A 1 153 ? 8.785   10.881  0.322   1.00 37.77 ? 153 THR A C   1 
ATOM   1228 O  O   . THR A 1 153 ? 8.692   9.879   -0.384  1.00 37.35 ? 153 THR A O   1 
ATOM   1229 C  CB  . THR A 1 153 ? 10.960  10.620  1.496   1.00 37.60 ? 153 THR A CB  1 
ATOM   1230 O  OG1 . THR A 1 153 ? 11.621  10.727  2.762   1.00 38.65 ? 153 THR A OG1 1 
ATOM   1231 C  CG2 . THR A 1 153 ? 11.512  11.672  0.542   1.00 37.92 ? 153 THR A CG2 1 
ATOM   1232 N  N   . ILE A 1 154 ? 8.313   12.068  -0.043  1.00 38.45 ? 154 ILE A N   1 
ATOM   1233 C  CA  . ILE A 1 154 ? 7.692   12.258  -1.343  1.00 39.23 ? 154 ILE A CA  1 
ATOM   1234 C  C   . ILE A 1 154 ? 8.718   12.931  -2.245  1.00 40.66 ? 154 ILE A C   1 
ATOM   1235 O  O   . ILE A 1 154 ? 9.212   14.018  -1.943  1.00 40.52 ? 154 ILE A O   1 
ATOM   1236 C  CB  . ILE A 1 154 ? 6.443   13.150  -1.257  1.00 39.03 ? 154 ILE A CB  1 
ATOM   1237 C  CG1 . ILE A 1 154 ? 5.432   12.540  -0.280  1.00 38.93 ? 154 ILE A CG1 1 
ATOM   1238 C  CG2 . ILE A 1 154 ? 5.817   13.294  -2.642  1.00 38.49 ? 154 ILE A CG2 1 
ATOM   1239 C  CD1 . ILE A 1 154 ? 4.161   13.341  -0.138  1.00 37.77 ? 154 ILE A CD1 1 
ATOM   1240 N  N   . HIS A 1 155 ? 9.041   12.275  -3.352  1.00 42.19 ? 155 HIS A N   1 
ATOM   1241 C  CA  . HIS A 1 155 ? 10.019  12.811  -4.282  1.00 44.28 ? 155 HIS A CA  1 
ATOM   1242 C  C   . HIS A 1 155 ? 9.378   13.840  -5.194  1.00 46.27 ? 155 HIS A C   1 
ATOM   1243 O  O   . HIS A 1 155 ? 8.817   13.515  -6.241  1.00 46.30 ? 155 HIS A O   1 
ATOM   1244 C  CB  . HIS A 1 155 ? 10.638  11.660  -5.071  1.00 43.27 ? 155 HIS A CB  1 
ATOM   1245 C  CG  . HIS A 1 155 ? 11.232  10.603  -4.192  1.00 43.19 ? 155 HIS A CG  1 
ATOM   1246 N  ND1 . HIS A 1 155 ? 12.337  10.831  -3.402  1.00 43.04 ? 155 HIS A ND1 1 
ATOM   1247 C  CD2 . HIS A 1 155 ? 10.834  9.336   -3.927  1.00 42.68 ? 155 HIS A CD2 1 
ATOM   1248 C  CE1 . HIS A 1 155 ? 12.596  9.750   -2.688  1.00 43.07 ? 155 HIS A CE1 1 
ATOM   1249 N  NE2 . HIS A 1 155 ? 11.697  8.829   -2.987  1.00 42.69 ? 155 HIS A NE2 1 
ATOM   1250 N  N   . ALA A 1 156 ? 9.460   15.094  -4.759  1.00 48.99 ? 156 ALA A N   1 
ATOM   1251 C  CA  . ALA A 1 156 ? 8.896   16.216  -5.491  1.00 51.13 ? 156 ALA A CA  1 
ATOM   1252 C  C   . ALA A 1 156 ? 9.490   16.321  -6.886  1.00 52.74 ? 156 ALA A C   1 
ATOM   1253 O  O   . ALA A 1 156 ? 10.713  16.308  -7.063  1.00 52.96 ? 156 ALA A O   1 
ATOM   1254 C  CB  . ALA A 1 156 ? 9.136   17.510  -4.725  1.00 51.00 ? 156 ALA A CB  1 
ATOM   1255 N  N   . ASN A 1 157 ? 8.611   16.416  -7.875  1.00 53.99 ? 157 ASN A N   1 
ATOM   1256 C  CA  . ASN A 1 157 ? 9.030   16.540  -9.258  1.00 55.27 ? 157 ASN A CA  1 
ATOM   1257 C  C   . ASN A 1 157 ? 9.482   17.983  -9.465  1.00 55.70 ? 157 ASN A C   1 
ATOM   1258 O  O   . ASN A 1 157 ? 8.704   18.918  -9.266  1.00 55.67 ? 157 ASN A O   1 
ATOM   1259 C  CB  . ASN A 1 157 ? 7.860   16.206  -10.184 1.00 55.90 ? 157 ASN A CB  1 
ATOM   1260 C  CG  . ASN A 1 157 ? 8.252   16.217  -11.642 1.00 56.82 ? 157 ASN A CG  1 
ATOM   1261 O  OD1 . ASN A 1 157 ? 9.188   15.526  -12.050 1.00 57.57 ? 157 ASN A OD1 1 
ATOM   1262 N  ND2 . ASN A 1 157 ? 7.533   16.997  -12.442 1.00 57.06 ? 157 ASN A ND2 1 
ATOM   1263 N  N   . PRO A 1 158 ? 10.753  18.182  -9.857  1.00 56.12 ? 158 PRO A N   1 
ATOM   1264 C  CA  . PRO A 1 158 ? 11.321  19.513  -10.090 1.00 56.44 ? 158 PRO A CA  1 
ATOM   1265 C  C   . PRO A 1 158 ? 10.392  20.442  -10.866 1.00 56.76 ? 158 PRO A C   1 
ATOM   1266 O  O   . PRO A 1 158 ? 10.441  21.662  -10.706 1.00 56.77 ? 158 PRO A O   1 
ATOM   1267 C  CB  . PRO A 1 158 ? 12.601  19.202  -10.856 1.00 56.11 ? 158 PRO A CB  1 
ATOM   1268 C  CG  . PRO A 1 158 ? 13.036  17.916  -10.235 1.00 56.08 ? 158 PRO A CG  1 
ATOM   1269 C  CD  . PRO A 1 158 ? 11.739  17.135  -10.185 1.00 56.18 ? 158 PRO A CD  1 
ATOM   1270 N  N   . PHE A 1 159 ? 9.537   19.851  -11.694 1.00 57.23 ? 159 PHE A N   1 
ATOM   1271 C  CA  . PHE A 1 159 ? 8.599   20.602  -12.518 1.00 57.69 ? 159 PHE A CA  1 
ATOM   1272 C  C   . PHE A 1 159 ? 7.413   21.130  -11.706 1.00 58.43 ? 159 PHE A C   1 
ATOM   1273 O  O   . PHE A 1 159 ? 6.462   20.394  -11.430 1.00 58.80 ? 159 PHE A O   1 
ATOM   1274 C  CB  . PHE A 1 159 ? 8.085   19.716  -13.658 1.00 57.56 ? 159 PHE A CB  1 
ATOM   1275 C  CG  . PHE A 1 159 ? 9.172   18.984  -14.411 1.00 57.25 ? 159 PHE A CG  1 
ATOM   1276 C  CD1 . PHE A 1 159 ? 10.059  18.136  -13.744 1.00 57.01 ? 159 PHE A CD1 1 
ATOM   1277 C  CD2 . PHE A 1 159 ? 9.288   19.113  -15.791 1.00 57.21 ? 159 PHE A CD2 1 
ATOM   1278 C  CE1 . PHE A 1 159 ? 11.039  17.431  -14.439 1.00 56.79 ? 159 PHE A CE1 1 
ATOM   1279 C  CE2 . PHE A 1 159 ? 10.264  18.408  -16.495 1.00 56.94 ? 159 PHE A CE2 1 
ATOM   1280 C  CZ  . PHE A 1 159 ? 11.141  17.566  -15.818 1.00 57.13 ? 159 PHE A CZ  1 
ATOM   1281 N  N   . ALA A 1 160 ? 7.481   22.409  -11.336 1.00 58.92 ? 160 ALA A N   1 
ATOM   1282 C  CA  . ALA A 1 160 ? 6.434   23.086  -10.566 1.00 59.35 ? 160 ALA A CA  1 
ATOM   1283 C  C   . ALA A 1 160 ? 5.715   22.186  -9.560  1.00 59.84 ? 160 ALA A C   1 
ATOM   1284 O  O   . ALA A 1 160 ? 4.466   22.117  -9.618  1.00 60.24 ? 160 ALA A O   1 
ATOM   1285 C  CB  . ALA A 1 160 ? 5.417   23.721  -11.518 1.00 59.35 ? 160 ALA A CB  1 
HETATM 1286 NI NI  . NI  B 2 .   ? 15.017  6.503   6.589   1.00 55.03 ? 801 NI  A NI  1 
HETATM 1287 NI NI  . NI  C 2 .   ? 4.397   0.593   17.583  1.00 44.45 ? 802 NI  A NI  1 
HETATM 1288 O  O   . HOH D 3 .   ? -8.205  1.297   1.406   1.00 24.53 ? 803 HOH A O   1 
HETATM 1289 O  O   . HOH D 3 .   ? -9.379  -0.968  -4.004  1.00 19.33 ? 804 HOH A O   1 
HETATM 1290 O  O   . HOH D 3 .   ? -1.749  -0.761  9.352   1.00 23.96 ? 805 HOH A O   1 
HETATM 1291 O  O   . HOH D 3 .   ? -0.933  0.872   12.575  1.00 28.10 ? 806 HOH A O   1 
HETATM 1292 O  O   . HOH D 3 .   ? 2.738   9.534   6.183   1.00 20.43 ? 807 HOH A O   1 
HETATM 1293 O  O   . HOH D 3 .   ? -8.750  2.370   5.111   1.00 21.56 ? 808 HOH A O   1 
HETATM 1294 O  O   . HOH D 3 .   ? 3.464   -5.176  12.432  1.00 21.79 ? 809 HOH A O   1 
HETATM 1295 O  O   . HOH D 3 .   ? 15.473  -3.107  -5.336  1.00 31.82 ? 810 HOH A O   1 
HETATM 1296 O  O   . HOH D 3 .   ? -2.215  8.567   11.516  1.00 44.87 ? 811 HOH A O   1 
HETATM 1297 O  O   . HOH D 3 .   ? -6.793  -1.869  -12.374 1.00 24.02 ? 812 HOH A O   1 
HETATM 1298 O  O   . HOH D 3 .   ? -7.708  4.386   -15.339 1.00 23.04 ? 813 HOH A O   1 
HETATM 1299 O  O   . HOH D 3 .   ? -11.994 8.480   -9.983  1.00 23.51 ? 814 HOH A O   1 
HETATM 1300 O  O   . HOH D 3 .   ? 7.749   -10.724 13.362  1.00 24.04 ? 815 HOH A O   1 
HETATM 1301 O  O   . HOH D 3 .   ? 1.951   -15.744 -7.391  1.00 45.10 ? 816 HOH A O   1 
HETATM 1302 O  O   . HOH D 3 .   ? 11.760  -13.053 1.357   1.00 25.13 ? 817 HOH A O   1 
HETATM 1303 O  O   . HOH D 3 .   ? -7.323  -4.002  -10.672 1.00 21.39 ? 818 HOH A O   1 
HETATM 1304 O  O   . HOH D 3 .   ? -5.112  6.260   -2.210  1.00 21.91 ? 819 HOH A O   1 
HETATM 1305 O  O   . HOH D 3 .   ? 3.316   -14.723 6.210   1.00 19.97 ? 820 HOH A O   1 
HETATM 1306 O  O   . HOH D 3 .   ? -13.489 6.364   -10.782 1.00 25.92 ? 821 HOH A O   1 
HETATM 1307 O  O   . HOH D 3 .   ? -6.096  0.395   -10.904 1.00 21.95 ? 822 HOH A O   1 
HETATM 1308 O  O   . HOH D 3 .   ? 11.703  -8.771  -4.372  1.00 45.48 ? 823 HOH A O   1 
HETATM 1309 O  O   . HOH D 3 .   ? -0.235  6.461   12.053  1.00 38.44 ? 824 HOH A O   1 
HETATM 1310 O  O   . HOH D 3 .   ? -13.064 -0.198  -3.447  1.00 21.86 ? 825 HOH A O   1 
HETATM 1311 O  O   . HOH D 3 .   ? -19.493 -1.300  -1.859  1.00 32.96 ? 826 HOH A O   1 
HETATM 1312 O  O   . HOH D 3 .   ? -10.441 -10.609 -3.111  1.00 47.85 ? 827 HOH A O   1 
HETATM 1313 O  O   . HOH D 3 .   ? -6.537  -6.138  6.822   1.00 50.03 ? 828 HOH A O   1 
HETATM 1314 O  O   . HOH D 3 .   ? -6.438  -10.394 -15.019 1.00 28.35 ? 829 HOH A O   1 
HETATM 1315 O  O   . HOH D 3 .   ? -6.646  -4.797  -14.006 1.00 35.85 ? 830 HOH A O   1 
HETATM 1316 O  O   . HOH D 3 .   ? -8.455  -8.799  -15.838 1.00 40.46 ? 831 HOH A O   1 
HETATM 1317 O  O   . HOH D 3 .   ? -0.024  -4.146  -15.509 1.00 30.29 ? 832 HOH A O   1 
HETATM 1318 O  O   . HOH D 3 .   ? 6.180   -14.304 6.736   1.00 31.08 ? 833 HOH A O   1 
HETATM 1319 O  O   . HOH D 3 .   ? 16.667  0.341   2.697   1.00 29.80 ? 834 HOH A O   1 
HETATM 1320 O  O   . HOH D 3 .   ? -3.824  17.094  -2.402  1.00 45.03 ? 835 HOH A O   1 
HETATM 1321 O  O   . HOH D 3 .   ? -1.056  0.437   15.207  1.00 33.68 ? 836 HOH A O   1 
HETATM 1322 O  O   . HOH D 3 .   ? -4.003  -2.906  16.675  1.00 35.33 ? 837 HOH A O   1 
HETATM 1323 O  O   . HOH D 3 .   ? 4.889   -13.858 -9.457  1.00 28.66 ? 838 HOH A O   1 
HETATM 1324 O  O   . HOH D 3 .   ? -12.021 7.830   -7.330  1.00 28.25 ? 839 HOH A O   1 
HETATM 1325 O  O   . HOH D 3 .   ? 0.875   -8.702  -8.296  1.00 24.18 ? 840 HOH A O   1 
HETATM 1326 O  O   . HOH D 3 .   ? -9.384  -6.753  10.143  1.00 39.29 ? 841 HOH A O   1 
HETATM 1327 O  O   . HOH D 3 .   ? -12.544 14.696  -5.387  1.00 45.99 ? 842 HOH A O   1 
HETATM 1328 O  O   . HOH D 3 .   ? -4.272  13.237  -9.216  1.00 31.83 ? 843 HOH A O   1 
HETATM 1329 O  O   . HOH D 3 .   ? -10.078 15.839  -6.122  1.00 34.87 ? 844 HOH A O   1 
HETATM 1330 O  O   . HOH D 3 .   ? -9.238  -4.958  3.929   1.00 47.28 ? 845 HOH A O   1 
HETATM 1331 O  O   . HOH D 3 .   ? 0.390   -2.954  -12.423 1.00 28.68 ? 846 HOH A O   1 
HETATM 1332 O  O   . HOH D 3 .   ? -4.899  -11.197 -17.014 1.00 45.60 ? 847 HOH A O   1 
HETATM 1333 O  O   . HOH D 3 .   ? 13.038  -9.782  7.823   1.00 32.28 ? 848 HOH A O   1 
HETATM 1334 O  O   . HOH D 3 .   ? 16.372  -12.649 1.590   1.00 47.78 ? 849 HOH A O   1 
HETATM 1335 O  O   . HOH D 3 .   ? -3.448  -9.477  10.809  1.00 34.04 ? 850 HOH A O   1 
HETATM 1336 O  O   . HOH D 3 .   ? 7.143   7.030   13.195  1.00 37.20 ? 851 HOH A O   1 
HETATM 1337 O  O   . HOH D 3 .   ? 5.656   12.978  4.203   1.00 33.15 ? 852 HOH A O   1 
HETATM 1338 O  O   . HOH D 3 .   ? -7.683  10.593  6.728   1.00 29.07 ? 853 HOH A O   1 
HETATM 1339 O  O   . HOH D 3 .   ? -6.599  13.086  6.902   1.00 27.96 ? 854 HOH A O   1 
HETATM 1340 O  O   . HOH D 3 .   ? 6.482   -14.672 -3.067  1.00 37.51 ? 855 HOH A O   1 
HETATM 1341 O  O   . HOH D 3 .   ? -8.391  -5.619  0.983   1.00 33.71 ? 856 HOH A O   1 
HETATM 1342 O  O   . HOH D 3 .   ? 5.743   -5.649  18.780  1.00 27.44 ? 857 HOH A O   1 
HETATM 1343 O  O   . HOH D 3 .   ? 10.395  -7.054  13.147  1.00 42.16 ? 858 HOH A O   1 
HETATM 1344 O  O   . HOH D 3 .   ? -1.778  16.613  2.674   1.00 26.87 ? 859 HOH A O   1 
HETATM 1345 O  O   . HOH D 3 .   ? -0.170  17.547  0.684   1.00 40.79 ? 860 HOH A O   1 
HETATM 1346 O  O   . HOH D 3 .   ? -18.068 16.960  2.379   1.00 35.67 ? 861 HOH A O   1 
HETATM 1347 O  O   . HOH D 3 .   ? -2.466  -12.002 16.242  1.00 32.31 ? 862 HOH A O   1 
HETATM 1348 O  O   . HOH D 3 .   ? 8.719   14.291  1.580   1.00 33.17 ? 863 HOH A O   1 
HETATM 1349 O  O   . HOH D 3 .   ? 4.191   16.891  -0.389  1.00 37.25 ? 864 HOH A O   1 
HETATM 1350 O  O   . HOH D 3 .   ? -4.633  9.109   12.489  1.00 33.78 ? 865 HOH A O   1 
HETATM 1351 O  O   . HOH D 3 .   ? -9.457  4.836   11.562  1.00 32.06 ? 866 HOH A O   1 
HETATM 1352 O  O   . HOH D 3 .   ? 1.202   1.761   15.413  1.00 33.89 ? 867 HOH A O   1 
HETATM 1353 O  O   . HOH D 3 .   ? 7.191   4.147   13.900  1.00 32.97 ? 868 HOH A O   1 
HETATM 1354 O  O   . HOH D 3 .   ? -1.673  -1.712  16.925  1.00 43.30 ? 869 HOH A O   1 
HETATM 1355 O  O   . HOH D 3 .   ? 3.516   -10.931 19.291  1.00 49.47 ? 870 HOH A O   1 
HETATM 1356 O  O   . HOH D 3 .   ? 11.573  -9.345  15.580  1.00 40.97 ? 871 HOH A O   1 
HETATM 1357 O  O   . HOH D 3 .   ? -11.662 -4.631  6.408   1.00 39.12 ? 872 HOH A O   1 
HETATM 1358 O  O   . HOH D 3 .   ? 3.872   -15.016 -4.803  1.00 41.13 ? 873 HOH A O   1 
HETATM 1359 O  O   . HOH D 3 .   ? -13.637 -14.819 -8.890  1.00 48.02 ? 874 HOH A O   1 
HETATM 1360 O  O   . HOH D 3 .   ? -2.611  -11.348 -15.667 1.00 44.93 ? 875 HOH A O   1 
HETATM 1361 O  O   . HOH D 3 .   ? 5.720   -17.142 10.167  1.00 33.23 ? 876 HOH A O   1 
HETATM 1362 O  O   . HOH D 3 .   ? 2.387   -6.741  14.301  1.00 32.92 ? 877 HOH A O   1 
HETATM 1363 O  O   . HOH D 3 .   ? -7.518  -6.446  -16.093 1.00 35.10 ? 878 HOH A O   1 
HETATM 1364 O  O   . HOH D 3 .   ? -6.595  -9.390  -20.185 1.00 46.82 ? 879 HOH A O   1 
HETATM 1365 O  O   . HOH D 3 .   ? -6.180  10.972  -15.650 1.00 46.82 ? 880 HOH A O   1 
HETATM 1366 O  O   . HOH D 3 .   ? -4.106  11.132  -18.010 1.00 45.15 ? 881 HOH A O   1 
HETATM 1367 O  O   . HOH D 3 .   ? -0.144  15.939  -2.049  1.00 42.67 ? 882 HOH A O   1 
HETATM 1368 O  O   . HOH D 3 .   ? -1.227  10.333  13.331  1.00 38.50 ? 883 HOH A O   1 
HETATM 1369 O  O   . HOH D 3 .   ? -5.957  0.306   17.806  1.00 40.32 ? 884 HOH A O   1 
HETATM 1370 O  O   . HOH D 3 .   ? -10.253 -2.396  3.741   1.00 42.30 ? 885 HOH A O   1 
HETATM 1371 O  O   . HOH D 3 .   ? -8.832  10.957  9.084   1.00 35.04 ? 886 HOH A O   1 
HETATM 1372 O  O   . HOH D 3 .   ? -15.484 0.607   -11.169 1.00 37.89 ? 887 HOH A O   1 
HETATM 1373 O  O   . HOH D 3 .   ? -6.399  3.569   -17.934 1.00 41.18 ? 888 HOH A O   1 
HETATM 1374 O  O   . HOH D 3 .   ? -0.612  -9.894  -17.370 1.00 37.92 ? 889 HOH A O   1 
HETATM 1375 O  O   . HOH D 3 .   ? -17.336 5.534   -2.561  1.00 37.03 ? 890 HOH A O   1 
HETATM 1376 O  O   . HOH D 3 .   ? 6.720   -16.663 -6.593  1.00 38.98 ? 891 HOH A O   1 
HETATM 1377 O  O   . HOH D 3 .   ? 8.383   -8.341  12.408  1.00 38.67 ? 892 HOH A O   1 
HETATM 1378 O  O   . HOH D 3 .   ? 9.436   2.602   14.258  1.00 40.39 ? 893 HOH A O   1 
HETATM 1379 O  O   . HOH D 3 .   ? -4.430  -8.379  13.266  1.00 42.27 ? 894 HOH A O   1 
HETATM 1380 O  O   . HOH D 3 .   ? -2.543  14.948  -2.934  1.00 30.42 ? 895 HOH A O   1 
HETATM 1381 O  O   . HOH D 3 .   ? -13.561 4.480   -13.004 1.00 40.24 ? 896 HOH A O   1 
HETATM 1382 O  O   . HOH D 3 .   ? -14.730 -5.267  -4.945  1.00 45.56 ? 897 HOH A O   1 
HETATM 1383 O  O   . HOH D 3 .   ? 0.523   -2.127  -18.688 1.00 40.11 ? 898 HOH A O   1 
HETATM 1384 O  O   . HOH D 3 .   ? 14.203  8.985   0.514   1.00 45.40 ? 899 HOH A O   1 
HETATM 1385 O  O   . HOH D 3 .   ? 2.076   1.974   -15.183 1.00 41.59 ? 900 HOH A O   1 
HETATM 1386 O  O   . HOH D 3 .   ? -13.147 3.863   9.905   1.00 43.24 ? 901 HOH A O   1 
HETATM 1387 O  O   . HOH D 3 .   ? 17.061  -8.807  2.140   1.00 44.98 ? 902 HOH A O   1 
HETATM 1388 O  O   . HOH D 3 .   ? 10.293  -16.561 7.932   1.00 37.10 ? 903 HOH A O   1 
HETATM 1389 O  O   . HOH D 3 .   ? 11.999  -12.644 -3.115  1.00 34.72 ? 904 HOH A O   1 
HETATM 1390 O  O   . HOH D 3 .   ? 10.679  -18.817 0.547   1.00 37.35 ? 905 HOH A O   1 
HETATM 1391 O  O   . HOH D 3 .   ? 10.002  -15.153 2.181   1.00 29.75 ? 906 HOH A O   1 
HETATM 1392 O  O   . HOH D 3 .   ? 16.716  -10.035 -0.287  1.00 33.48 ? 907 HOH A O   1 
HETATM 1393 O  O   . HOH D 3 .   ? 1.578   -9.772  17.030  1.00 33.59 ? 908 HOH A O   1 
HETATM 1394 O  O   . HOH D 3 .   ? 11.714  -12.912 -5.734  1.00 45.70 ? 909 HOH A O   1 
HETATM 1395 O  O   . HOH D 3 .   ? 12.521  -10.123 -6.311  1.00 40.82 ? 910 HOH A O   1 
HETATM 1396 O  O   . HOH D 3 .   ? 2.002   -1.856  -10.953 1.00 36.27 ? 911 HOH A O   1 
HETATM 1397 O  O   . HOH D 3 .   ? 2.859   -3.645  21.552  1.00 48.27 ? 912 HOH A O   1 
HETATM 1398 O  O   . HOH D 3 .   ? -12.471 11.832  -4.513  1.00 39.73 ? 913 HOH A O   1 
HETATM 1399 O  O   . HOH D 3 .   ? 16.434  -0.929  -7.815  1.00 32.17 ? 914 HOH A O   1 
HETATM 1400 O  O   . HOH D 3 .   ? -2.755  -5.081  -19.039 1.00 37.41 ? 915 HOH A O   1 
HETATM 1401 O  O   . HOH D 3 .   ? -12.833 2.042   -11.436 1.00 35.26 ? 916 HOH A O   1 
HETATM 1402 O  O   . HOH D 3 .   ? -13.393 10.865  9.310   1.00 41.07 ? 917 HOH A O   1 
HETATM 1403 O  O   . HOH D 3 .   ? -9.236  17.422  -2.991  1.00 40.79 ? 918 HOH A O   1 
HETATM 1404 O  O   . HOH D 3 .   ? 1.100   10.650  12.245  1.00 43.62 ? 919 HOH A O   1 
HETATM 1405 O  O   . HOH D 3 .   ? 5.214   11.208  12.992  1.00 35.79 ? 920 HOH A O   1 
HETATM 1406 O  O   . HOH D 3 .   ? -11.481 -7.423  11.747  1.00 44.56 ? 921 HOH A O   1 
HETATM 1407 O  O   . HOH D 3 .   ? 5.530   4.204   16.061  1.00 44.60 ? 922 HOH A O   1 
HETATM 1408 O  O   . HOH D 3 .   ? -1.058  4.666   14.347  1.00 33.09 ? 923 HOH A O   1 
HETATM 1409 O  O   . HOH D 3 .   ? -9.731  -1.121  -24.482 1.00 41.83 ? 924 HOH A O   1 
HETATM 1410 O  O   . HOH D 3 .   ? -11.250 -3.124  -25.259 1.00 28.00 ? 925 HOH A O   1 
HETATM 1411 O  O   . HOH D 3 .   ? -20.713 2.019   -4.515  1.00 39.02 ? 926 HOH A O   1 
HETATM 1412 O  O   . HOH D 3 .   ? -0.450  7.185   -18.675 1.00 41.42 ? 927 HOH A O   1 
HETATM 1413 O  O   . HOH D 3 .   ? 2.347   15.339  -2.427  1.00 49.97 ? 928 HOH A O   1 
HETATM 1414 O  O   . HOH D 3 .   ? -1.602  15.594  -5.782  1.00 43.04 ? 929 HOH A O   1 
HETATM 1415 O  O   . HOH D 3 .   ? 0.402   -14.641 18.539  1.00 41.19 ? 930 HOH A O   1 
HETATM 1416 O  O   . HOH D 3 .   ? -15.805 -0.901  -8.457  1.00 39.21 ? 931 HOH A O   1 
HETATM 1417 O  O   . HOH D 3 .   ? 3.147   17.703  6.607   1.00 37.29 ? 932 HOH A O   1 
HETATM 1418 O  O   . HOH D 3 .   ? -8.033  15.294  6.839   1.00 44.78 ? 933 HOH A O   1 
HETATM 1419 O  O   . HOH D 3 .   ? -20.314 15.910  1.178   1.00 43.20 ? 934 HOH A O   1 
HETATM 1420 O  O   . HOH D 3 .   ? -20.334 13.424  1.379   1.00 40.55 ? 935 HOH A O   1 
HETATM 1421 O  O   . HOH D 3 .   ? 16.337  6.079   4.860   1.00 42.64 ? 936 HOH A O   1 
HETATM 1422 O  O   . HOH D 3 .   ? 5.017   -1.521  18.771  1.00 43.55 ? 937 HOH A O   1 
HETATM 1423 O  O   . HOH D 3 .   ? 2.290   -0.168  17.105  1.00 35.14 ? 938 HOH A O   1 
HETATM 1424 O  O   . HOH D 3 .   ? 3.151   0.738   19.542  1.00 40.05 ? 939 HOH A O   1 
HETATM 1425 O  O   . HOH D 3 .   ? 3.924   2.548   17.293  1.00 34.42 ? 940 HOH A O   1 
HETATM 1426 O  O   . HOH D 3 .   ? -12.729 7.143   4.450   1.00 34.36 ? 941 HOH A O   1 
HETATM 1427 O  O   . HOH D 3 .   ? -10.820 7.193   9.988   1.00 30.84 ? 942 HOH A O   1 
HETATM 1428 O  O   . HOH D 3 .   ? -8.986  0.687   -18.879 1.00 39.34 ? 943 HOH A O   1 
HETATM 1429 O  O   . HOH D 3 .   ? -10.243 2.726   -17.719 1.00 48.51 ? 944 HOH A O   1 
HETATM 1430 O  O   . HOH D 3 .   ? 2.194   -17.241 6.473   1.00 39.73 ? 945 HOH A O   1 
HETATM 1431 O  O   . HOH D 3 .   ? -2.787  2.309   17.008  1.00 34.24 ? 946 HOH A O   1 
HETATM 1432 O  O   . HOH D 3 .   ? 14.354  6.165   -2.043  1.00 42.39 ? 947 HOH A O   1 
HETATM 1433 O  O   . HOH D 3 .   ? 14.707  4.486   7.078   1.00 38.01 ? 948 HOH A O   1 
HETATM 1434 O  O   . HOH D 3 .   ? -7.939  13.006  10.360  1.00 48.92 ? 949 HOH A O   1 
HETATM 1435 O  O   . HOH D 3 .   ? 17.056  -11.587 7.484   1.00 42.83 ? 950 HOH A O   1 
HETATM 1436 O  O   . HOH D 3 .   ? 4.942   18.664  -6.405  1.00 43.44 ? 951 HOH A O   1 
HETATM 1437 O  O   . HOH D 3 .   ? -18.633 13.820  -2.546  1.00 44.94 ? 952 HOH A O   1 
HETATM 1438 O  O   . HOH D 3 .   ? 17.996  4.918   6.231   1.00 50.24 ? 953 HOH A O   1 
HETATM 1439 O  O   . HOH D 3 .   ? 0.390   7.319   -14.505 1.00 35.52 ? 954 HOH A O   1 
HETATM 1440 O  O   . HOH D 3 .   ? 16.661  5.451   8.386   1.00 43.20 ? 955 HOH A O   1 
HETATM 1441 O  O   . HOH D 3 .   ? -9.785  0.352   3.320   1.00 35.93 ? 956 HOH A O   1 
HETATM 1442 O  O   . HOH D 3 .   ? -8.194  1.489   -21.273 1.00 41.93 ? 957 HOH A O   1 
HETATM 1443 O  O   . HOH D 3 .   ? -10.953 -9.103  -14.415 1.00 44.54 ? 958 HOH A O   1 
HETATM 1444 O  O   . HOH D 3 .   ? 8.855   21.206  -7.656  1.00 47.13 ? 959 HOH A O   1 
HETATM 1445 O  O   . HOH D 3 .   ? -12.559 -10.028 -10.477 1.00 44.51 ? 960 HOH A O   1 
HETATM 1446 O  O   . HOH D 3 .   ? 17.018  8.003   7.874   1.00 44.47 ? 961 HOH A O   1 
HETATM 1447 O  O   . HOH D 3 .   ? -2.616  -10.216 -13.274 1.00 33.70 ? 962 HOH A O   1 
HETATM 1448 O  O   . HOH D 3 .   ? -7.118  -8.612  -0.220  1.00 47.36 ? 963 HOH A O   1 
# 
